data_2DCR
#
_entry.id   2DCR
#
_cell.length_a   1.000
_cell.length_b   1.000
_cell.length_c   1.000
_cell.angle_alpha   90.00
_cell.angle_beta   90.00
_cell.angle_gamma   90.00
#
_entity_poly.entity_id   1
_entity_poly.type   'polypeptide(L)'
_entity_poly.pdbx_seq_one_letter_code
;GSSGSSGEVQKPLHEQLWYHGAIPRAEVAELLVHSGDFLVRESQGKQEYVLSVLWDGLPRHFIIQSLDNLYRLEGEGFPS
IPLLIDHLLSTQQPLTKKSGVVLHRAVPSGPSSG
;
_entity_poly.pdbx_strand_id   A
#
# COMPACT_ATOMS: atom_id res chain seq x y z
N GLY A 1 -8.82 23.03 2.17
CA GLY A 1 -9.57 21.88 2.69
C GLY A 1 -10.24 21.06 1.59
N SER A 2 -9.60 20.86 0.44
CA SER A 2 -10.26 20.36 -0.77
C SER A 2 -9.48 19.20 -1.35
N SER A 3 -9.89 18.00 -0.97
CA SER A 3 -9.39 16.72 -1.43
C SER A 3 -10.48 15.69 -1.09
N GLY A 4 -10.34 14.46 -1.59
CA GLY A 4 -11.22 13.38 -1.19
C GLY A 4 -10.90 12.94 0.24
N SER A 5 -11.75 12.08 0.79
CA SER A 5 -11.44 11.34 2.01
C SER A 5 -10.80 9.99 1.65
N SER A 6 -10.32 9.26 2.66
CA SER A 6 -9.91 7.87 2.51
C SER A 6 -11.15 6.99 2.32
N GLY A 7 -10.98 5.68 2.08
CA GLY A 7 -12.10 4.76 1.93
C GLY A 7 -11.65 3.43 1.36
N GLU A 8 -12.57 2.75 0.68
CA GLU A 8 -12.37 1.58 -0.18
C GLU A 8 -11.96 0.32 0.58
N VAL A 9 -12.02 0.33 1.90
CA VAL A 9 -11.51 -0.73 2.74
C VAL A 9 -12.18 -2.04 2.35
N GLN A 10 -13.51 -2.04 2.33
CA GLN A 10 -14.32 -3.24 2.16
C GLN A 10 -14.49 -3.58 0.68
N LYS A 11 -14.03 -2.71 -0.23
CA LYS A 11 -13.98 -3.05 -1.66
C LYS A 11 -13.00 -4.19 -1.88
N PRO A 12 -13.08 -4.89 -3.02
CA PRO A 12 -12.04 -5.82 -3.40
C PRO A 12 -10.72 -5.08 -3.60
N LEU A 13 -9.62 -5.84 -3.59
CA LEU A 13 -8.31 -5.31 -3.94
C LEU A 13 -8.30 -4.79 -5.37
N HIS A 14 -9.10 -5.39 -6.26
CA HIS A 14 -9.07 -5.02 -7.66
C HIS A 14 -9.84 -3.70 -7.95
N GLU A 15 -10.42 -3.04 -6.94
CA GLU A 15 -11.11 -1.75 -7.07
C GLU A 15 -10.53 -0.73 -6.08
N GLN A 16 -9.30 -0.93 -5.64
CA GLN A 16 -8.59 0.09 -4.88
C GLN A 16 -8.17 1.24 -5.81
N LEU A 17 -7.49 2.21 -5.21
CA LEU A 17 -6.91 3.38 -5.85
C LEU A 17 -5.38 3.31 -5.83
N TRP A 18 -4.81 2.90 -4.70
CA TRP A 18 -3.37 2.77 -4.48
C TRP A 18 -2.79 1.48 -5.04
N TYR A 19 -3.62 0.60 -5.58
CA TYR A 19 -3.17 -0.65 -6.17
C TYR A 19 -2.74 -0.37 -7.61
N HIS A 20 -1.49 0.02 -7.83
CA HIS A 20 -1.05 0.40 -9.18
C HIS A 20 -0.98 -0.84 -10.08
N GLY A 21 -0.40 -1.96 -9.64
CA GLY A 21 -0.22 -3.18 -10.40
C GLY A 21 1.28 -3.43 -10.55
N ALA A 22 1.67 -4.02 -11.67
CA ALA A 22 3.06 -4.26 -12.02
C ALA A 22 3.74 -2.93 -12.37
N ILE A 23 4.56 -2.39 -11.45
CA ILE A 23 5.31 -1.15 -11.66
C ILE A 23 6.78 -1.40 -11.25
N PRO A 24 7.78 -0.79 -11.89
CA PRO A 24 9.19 -0.92 -11.51
C PRO A 24 9.49 -0.16 -10.21
N ARG A 25 10.68 -0.36 -9.60
CA ARG A 25 10.99 0.39 -8.38
C ARG A 25 11.21 1.87 -8.63
N ALA A 26 11.65 2.27 -9.83
CA ALA A 26 11.96 3.67 -10.07
C ALA A 26 10.69 4.51 -10.16
N GLU A 27 9.63 3.95 -10.75
CA GLU A 27 8.37 4.67 -10.98
C GLU A 27 7.76 5.08 -9.66
N VAL A 28 7.92 4.29 -8.59
CA VAL A 28 7.45 4.59 -7.25
C VAL A 28 7.72 6.06 -6.93
N ALA A 29 8.99 6.49 -6.90
CA ALA A 29 9.34 7.82 -6.42
C ALA A 29 8.86 8.94 -7.35
N GLU A 30 8.51 8.63 -8.59
CA GLU A 30 7.86 9.56 -9.50
C GLU A 30 6.39 9.80 -9.08
N LEU A 31 5.73 8.79 -8.49
CA LEU A 31 4.33 8.83 -8.11
C LEU A 31 4.17 9.42 -6.71
N LEU A 32 5.03 9.01 -5.78
CA LEU A 32 4.98 9.45 -4.40
C LEU A 32 5.64 10.82 -4.33
N VAL A 33 5.07 11.77 -3.61
CA VAL A 33 5.64 13.10 -3.44
C VAL A 33 5.62 13.52 -1.98
N HIS A 34 4.68 13.00 -1.20
CA HIS A 34 4.44 13.41 0.16
C HIS A 34 4.97 12.33 1.10
N SER A 35 5.57 12.71 2.22
CA SER A 35 5.95 11.78 3.26
C SER A 35 4.68 11.10 3.78
N GLY A 36 4.45 9.85 3.41
CA GLY A 36 3.19 9.20 3.70
C GLY A 36 2.50 8.61 2.48
N ASP A 37 2.83 9.06 1.27
CA ASP A 37 2.31 8.51 0.02
C ASP A 37 2.76 7.06 -0.04
N PHE A 38 1.83 6.15 -0.29
CA PHE A 38 2.11 4.74 -0.57
C PHE A 38 1.34 4.30 -1.81
N LEU A 39 1.83 3.21 -2.40
CA LEU A 39 1.17 2.39 -3.40
C LEU A 39 1.50 0.93 -3.14
N VAL A 40 0.73 0.02 -3.73
CA VAL A 40 1.00 -1.40 -3.76
C VAL A 40 1.26 -1.79 -5.20
N ARG A 41 2.35 -2.53 -5.40
CA ARG A 41 2.86 -2.93 -6.70
C ARG A 41 3.08 -4.44 -6.73
N GLU A 42 3.22 -5.04 -7.90
CA GLU A 42 3.64 -6.43 -8.06
C GLU A 42 5.11 -6.49 -8.46
N SER A 43 5.76 -7.59 -8.08
CA SER A 43 7.15 -7.89 -8.34
C SER A 43 7.35 -8.17 -9.84
N GLN A 44 8.51 -8.72 -10.17
CA GLN A 44 8.98 -8.89 -11.53
C GLN A 44 8.41 -10.19 -12.11
N GLY A 45 7.08 -10.37 -12.04
CA GLY A 45 6.36 -11.55 -12.53
C GLY A 45 6.21 -12.64 -11.48
N LYS A 46 6.55 -12.34 -10.22
CA LYS A 46 6.28 -13.22 -9.08
C LYS A 46 4.94 -12.81 -8.50
N GLN A 47 4.13 -13.73 -8.00
CA GLN A 47 2.78 -13.45 -7.49
C GLN A 47 2.85 -12.79 -6.09
N GLU A 48 3.68 -11.76 -5.94
CA GLU A 48 4.15 -11.22 -4.68
C GLU A 48 4.15 -9.70 -4.80
N TYR A 49 3.36 -9.09 -3.92
CA TYR A 49 3.17 -7.65 -3.91
C TYR A 49 4.24 -6.99 -3.03
N VAL A 50 4.42 -5.68 -3.20
CA VAL A 50 5.35 -4.83 -2.46
C VAL A 50 4.60 -3.55 -2.16
N LEU A 51 4.76 -3.07 -0.93
CA LEU A 51 4.31 -1.79 -0.45
C LEU A 51 5.45 -0.80 -0.66
N SER A 52 5.15 0.32 -1.32
CA SER A 52 6.16 1.25 -1.80
C SER A 52 5.72 2.64 -1.36
N VAL A 53 6.46 3.25 -0.44
CA VAL A 53 6.01 4.35 0.41
C VAL A 53 7.15 5.35 0.68
N LEU A 54 6.87 6.66 0.63
CA LEU A 54 7.90 7.71 0.66
C LEU A 54 7.99 8.17 2.10
N TRP A 55 9.15 8.02 2.72
CA TRP A 55 9.37 8.39 4.11
C TRP A 55 10.72 9.07 4.17
N ASP A 56 10.79 10.27 4.74
CA ASP A 56 12.04 11.02 4.88
C ASP A 56 12.76 11.16 3.52
N GLY A 57 11.99 11.44 2.47
CA GLY A 57 12.48 11.68 1.11
C GLY A 57 13.10 10.43 0.47
N LEU A 58 12.62 9.24 0.85
CA LEU A 58 13.20 7.97 0.45
C LEU A 58 12.05 6.98 0.26
N PRO A 59 11.75 6.56 -0.98
CA PRO A 59 10.71 5.58 -1.30
C PRO A 59 11.15 4.19 -0.81
N ARG A 60 10.77 3.84 0.41
CA ARG A 60 11.01 2.52 0.97
C ARG A 60 10.26 1.49 0.12
N HIS A 61 10.70 0.24 0.19
CA HIS A 61 10.11 -0.89 -0.50
C HIS A 61 10.06 -2.03 0.52
N PHE A 62 8.86 -2.47 0.90
CA PHE A 62 8.65 -3.61 1.80
C PHE A 62 7.80 -4.62 1.04
N ILE A 63 8.19 -5.89 0.98
CA ILE A 63 7.31 -6.92 0.42
C ILE A 63 6.02 -6.92 1.24
N ILE A 64 4.87 -6.98 0.57
CA ILE A 64 3.61 -7.18 1.23
C ILE A 64 3.67 -8.51 1.95
N GLN A 65 3.17 -8.45 3.16
CA GLN A 65 2.97 -9.48 4.14
C GLN A 65 2.32 -10.71 3.50
N SER A 66 2.42 -11.85 4.16
CA SER A 66 1.80 -13.11 3.77
C SER A 66 2.35 -14.15 4.74
N LEU A 67 1.43 -14.84 5.40
CA LEU A 67 1.72 -15.86 6.41
C LEU A 67 1.03 -17.16 6.04
N ASP A 68 -0.26 -17.09 5.71
CA ASP A 68 -1.16 -18.22 5.71
C ASP A 68 -2.06 -17.95 4.50
N ASN A 69 -3.08 -17.14 4.73
CA ASN A 69 -4.03 -16.62 3.77
C ASN A 69 -4.43 -15.19 4.16
N LEU A 70 -3.54 -14.51 4.89
CA LEU A 70 -3.75 -13.22 5.53
C LEU A 70 -2.59 -12.29 5.17
N TYR A 71 -2.55 -11.10 5.77
CA TYR A 71 -1.47 -10.14 5.65
C TYR A 71 -1.35 -9.51 7.04
N ARG A 72 -0.18 -9.49 7.69
CA ARG A 72 0.05 -8.99 9.05
C ARG A 72 1.34 -8.18 9.08
N LEU A 73 1.33 -6.95 9.58
CA LEU A 73 2.49 -6.06 9.49
C LEU A 73 2.96 -5.56 10.84
N GLU A 74 2.06 -5.20 11.76
CA GLU A 74 2.43 -4.79 13.10
C GLU A 74 1.80 -5.79 14.07
N GLY A 75 0.47 -5.77 14.15
CA GLY A 75 -0.34 -6.57 15.04
C GLY A 75 -0.87 -7.80 14.31
N GLU A 76 -2.19 -8.05 14.39
CA GLU A 76 -2.83 -9.21 13.78
C GLU A 76 -2.88 -9.12 12.25
N GLY A 77 -3.36 -10.19 11.61
CA GLY A 77 -3.57 -10.26 10.17
C GLY A 77 -5.02 -10.02 9.76
N PHE A 78 -5.25 -9.74 8.47
CA PHE A 78 -6.59 -9.59 7.87
C PHE A 78 -6.66 -10.41 6.57
N PRO A 79 -7.87 -10.77 6.09
CA PRO A 79 -8.07 -11.57 4.87
C PRO A 79 -7.73 -10.84 3.56
N SER A 80 -7.58 -9.52 3.60
CA SER A 80 -7.34 -8.69 2.43
C SER A 80 -6.25 -7.69 2.79
N ILE A 81 -5.47 -7.28 1.79
CA ILE A 81 -4.51 -6.21 1.94
C ILE A 81 -5.29 -4.94 2.25
N PRO A 82 -6.35 -4.56 1.51
CA PRO A 82 -6.99 -3.27 1.72
C PRO A 82 -7.62 -3.13 3.11
N LEU A 83 -8.08 -4.24 3.67
CA LEU A 83 -8.65 -4.29 5.01
C LEU A 83 -7.57 -3.99 6.04
N LEU A 84 -6.35 -4.50 5.83
CA LEU A 84 -5.22 -4.27 6.73
C LEU A 84 -4.77 -2.81 6.64
N ILE A 85 -4.74 -2.26 5.43
CA ILE A 85 -4.33 -0.88 5.19
C ILE A 85 -5.15 0.04 6.09
N ASP A 86 -6.46 -0.14 6.23
CA ASP A 86 -7.26 0.85 6.94
C ASP A 86 -6.92 0.87 8.42
N HIS A 87 -6.72 -0.32 8.98
CA HIS A 87 -6.38 -0.49 10.38
C HIS A 87 -4.91 -0.16 10.64
N LEU A 88 -4.11 0.18 9.63
CA LEU A 88 -2.84 0.85 9.77
C LEU A 88 -3.00 2.35 9.60
N LEU A 89 -3.79 2.79 8.62
CA LEU A 89 -3.88 4.18 8.17
C LEU A 89 -4.56 5.05 9.20
N SER A 90 -5.63 4.55 9.84
CA SER A 90 -6.32 5.35 10.83
C SER A 90 -5.60 5.29 12.18
N THR A 91 -4.71 4.32 12.37
CA THR A 91 -4.03 4.13 13.64
C THR A 91 -2.64 4.73 13.59
N GLN A 92 -2.06 4.90 12.39
CA GLN A 92 -0.70 5.40 12.17
C GLN A 92 0.33 4.37 12.68
N GLN A 93 -0.02 3.08 12.61
CA GLN A 93 0.86 2.00 13.07
C GLN A 93 2.13 1.93 12.21
N PRO A 94 3.29 1.62 12.82
CA PRO A 94 4.56 1.50 12.12
C PRO A 94 4.66 0.20 11.32
N LEU A 95 5.06 0.33 10.06
CA LEU A 95 5.16 -0.77 9.09
C LEU A 95 6.26 -1.75 9.47
N THR A 96 7.33 -1.31 10.13
CA THR A 96 8.32 -2.22 10.65
C THR A 96 8.97 -1.52 11.83
N LYS A 97 9.45 -2.31 12.80
CA LYS A 97 10.28 -1.85 13.91
C LYS A 97 11.64 -1.29 13.43
N LYS A 98 11.91 -1.29 12.11
CA LYS A 98 13.19 -0.94 11.52
C LYS A 98 13.19 0.30 10.65
N SER A 99 12.03 0.91 10.39
CA SER A 99 12.00 2.19 9.71
C SER A 99 10.88 3.13 10.18
N GLY A 100 9.95 2.68 11.04
CA GLY A 100 8.83 3.45 11.61
C GLY A 100 7.98 4.22 10.60
N VAL A 101 7.94 3.75 9.37
CA VAL A 101 7.03 4.22 8.33
C VAL A 101 5.61 4.09 8.86
N VAL A 102 4.72 5.05 8.62
CA VAL A 102 3.30 4.88 8.89
C VAL A 102 2.51 5.33 7.66
N LEU A 103 1.34 4.76 7.43
CA LEU A 103 0.48 5.07 6.30
C LEU A 103 -0.21 6.40 6.53
N HIS A 104 -0.27 7.22 5.51
CA HIS A 104 -0.95 8.51 5.56
C HIS A 104 -1.72 8.72 4.27
N ARG A 105 -1.05 8.68 3.12
CA ARG A 105 -1.61 9.15 1.86
C ARG A 105 -1.52 8.03 0.84
N ALA A 106 -2.53 7.93 -0.02
CA ALA A 106 -2.63 6.89 -1.01
C ALA A 106 -2.58 7.56 -2.37
N VAL A 107 -1.57 7.24 -3.16
CA VAL A 107 -1.45 7.67 -4.53
C VAL A 107 -2.58 6.98 -5.30
N PRO A 108 -3.51 7.73 -5.91
CA PRO A 108 -4.49 7.14 -6.79
C PRO A 108 -3.85 6.73 -8.13
N SER A 109 -4.36 5.64 -8.71
CA SER A 109 -4.07 5.12 -10.04
C SER A 109 -5.36 4.70 -10.78
N GLY A 110 -6.52 4.85 -10.16
CA GLY A 110 -7.78 4.36 -10.66
C GLY A 110 -7.96 2.86 -10.38
N PRO A 111 -9.14 2.29 -10.70
CA PRO A 111 -9.48 0.91 -10.38
C PRO A 111 -9.08 -0.09 -11.48
N SER A 112 -8.70 0.37 -12.67
CA SER A 112 -8.49 -0.45 -13.85
C SER A 112 -7.07 -0.98 -13.80
N SER A 113 -6.92 -2.12 -13.13
CA SER A 113 -5.66 -2.80 -12.88
C SER A 113 -5.15 -3.50 -14.15
N GLY A 114 -4.20 -2.88 -14.86
CA GLY A 114 -3.49 -3.51 -15.96
C GLY A 114 -4.38 -3.66 -17.18
N GLY A 1 -11.93 9.27 -14.15
CA GLY A 1 -13.38 9.39 -14.13
C GLY A 1 -13.91 8.96 -12.78
N SER A 2 -14.17 7.66 -12.62
CA SER A 2 -14.52 7.07 -11.34
C SER A 2 -13.38 7.32 -10.36
N SER A 3 -13.59 8.22 -9.41
CA SER A 3 -12.53 8.74 -8.57
C SER A 3 -12.72 8.20 -7.16
N GLY A 4 -13.88 8.44 -6.54
CA GLY A 4 -14.17 7.92 -5.22
C GLY A 4 -13.29 8.60 -4.19
N SER A 5 -12.25 7.91 -3.71
CA SER A 5 -11.40 8.35 -2.61
C SER A 5 -12.22 8.70 -1.35
N SER A 6 -13.36 8.05 -1.16
CA SER A 6 -14.29 8.31 -0.05
C SER A 6 -14.23 7.25 1.04
N GLY A 7 -13.49 6.15 0.84
CA GLY A 7 -13.52 4.97 1.68
C GLY A 7 -13.77 3.77 0.79
N GLU A 8 -12.76 2.92 0.63
CA GLU A 8 -12.73 1.85 -0.35
C GLU A 8 -12.32 0.51 0.25
N VAL A 9 -12.14 0.44 1.56
CA VAL A 9 -11.54 -0.67 2.28
C VAL A 9 -12.21 -1.96 1.88
N GLN A 10 -13.54 -2.00 1.99
CA GLN A 10 -14.33 -3.22 1.87
C GLN A 10 -14.55 -3.61 0.40
N LYS A 11 -14.14 -2.78 -0.55
CA LYS A 11 -14.07 -3.18 -1.96
C LYS A 11 -13.03 -4.26 -2.16
N PRO A 12 -13.06 -5.02 -3.27
CA PRO A 12 -11.99 -5.94 -3.59
C PRO A 12 -10.70 -5.16 -3.81
N LEU A 13 -9.58 -5.88 -3.74
CA LEU A 13 -8.28 -5.32 -4.09
C LEU A 13 -8.30 -4.76 -5.52
N HIS A 14 -9.02 -5.42 -6.43
CA HIS A 14 -8.99 -5.05 -7.84
C HIS A 14 -9.76 -3.75 -8.15
N GLU A 15 -10.28 -3.03 -7.14
CA GLU A 15 -10.98 -1.76 -7.28
C GLU A 15 -10.48 -0.73 -6.25
N GLN A 16 -9.31 -0.97 -5.66
CA GLN A 16 -8.62 -0.02 -4.81
C GLN A 16 -8.02 1.10 -5.66
N LEU A 17 -7.46 2.12 -4.98
CA LEU A 17 -6.94 3.33 -5.59
C LEU A 17 -5.42 3.26 -5.55
N TRP A 18 -4.85 2.92 -4.39
CA TRP A 18 -3.41 2.76 -4.22
C TRP A 18 -2.86 1.53 -4.94
N TYR A 19 -3.72 0.68 -5.49
CA TYR A 19 -3.28 -0.47 -6.23
C TYR A 19 -2.92 -0.02 -7.66
N HIS A 20 -1.62 0.06 -8.00
CA HIS A 20 -1.16 0.48 -9.33
C HIS A 20 -0.72 -0.71 -10.21
N GLY A 21 -0.84 -1.98 -9.79
CA GLY A 21 -0.46 -3.12 -10.56
C GLY A 21 1.03 -3.32 -10.45
N ALA A 22 1.54 -4.09 -11.37
CA ALA A 22 2.95 -4.46 -11.44
C ALA A 22 3.80 -3.30 -11.98
N ILE A 23 4.04 -2.32 -11.12
CA ILE A 23 4.90 -1.16 -11.38
C ILE A 23 6.31 -1.45 -10.81
N PRO A 24 7.39 -1.01 -11.49
CA PRO A 24 8.76 -1.14 -11.05
C PRO A 24 9.09 -0.22 -9.87
N ARG A 25 10.21 -0.49 -9.17
CA ARG A 25 10.65 0.36 -8.06
C ARG A 25 11.05 1.77 -8.50
N ALA A 26 11.44 1.92 -9.76
CA ALA A 26 11.88 3.20 -10.29
C ALA A 26 10.71 4.19 -10.29
N GLU A 27 9.54 3.72 -10.73
CA GLU A 27 8.39 4.56 -11.02
C GLU A 27 7.73 5.07 -9.73
N VAL A 28 7.89 4.35 -8.62
CA VAL A 28 7.40 4.73 -7.30
C VAL A 28 7.71 6.21 -7.02
N ALA A 29 8.98 6.61 -6.95
CA ALA A 29 9.31 7.95 -6.46
C ALA A 29 8.76 9.06 -7.37
N GLU A 30 8.45 8.74 -8.62
CA GLU A 30 7.80 9.63 -9.56
C GLU A 30 6.32 9.83 -9.21
N LEU A 31 5.68 8.88 -8.55
CA LEU A 31 4.27 8.93 -8.17
C LEU A 31 4.10 9.55 -6.79
N LEU A 32 4.96 9.16 -5.85
CA LEU A 32 4.91 9.62 -4.47
C LEU A 32 5.54 11.02 -4.42
N VAL A 33 4.95 11.98 -3.70
CA VAL A 33 5.44 13.37 -3.68
C VAL A 33 5.61 13.92 -2.27
N HIS A 34 4.84 13.40 -1.32
CA HIS A 34 4.87 13.81 0.08
C HIS A 34 5.30 12.61 0.90
N SER A 35 6.03 12.87 1.98
CA SER A 35 6.30 11.88 3.00
C SER A 35 4.96 11.35 3.49
N GLY A 36 4.70 10.06 3.24
CA GLY A 36 3.46 9.39 3.57
C GLY A 36 2.73 8.79 2.39
N ASP A 37 2.98 9.28 1.18
CA ASP A 37 2.41 8.74 -0.05
C ASP A 37 2.86 7.28 -0.14
N PHE A 38 1.91 6.35 -0.28
CA PHE A 38 2.18 4.95 -0.55
C PHE A 38 1.36 4.50 -1.76
N LEU A 39 1.82 3.39 -2.35
CA LEU A 39 1.10 2.60 -3.32
C LEU A 39 1.42 1.12 -3.07
N VAL A 40 0.58 0.24 -3.59
CA VAL A 40 0.82 -1.19 -3.66
C VAL A 40 1.08 -1.50 -5.12
N ARG A 41 2.23 -2.14 -5.35
CA ARG A 41 2.71 -2.59 -6.64
C ARG A 41 3.01 -4.07 -6.56
N GLU A 42 3.48 -4.69 -7.64
CA GLU A 42 3.89 -6.09 -7.62
C GLU A 42 5.39 -6.24 -7.81
N SER A 43 5.92 -7.40 -7.43
CA SER A 43 7.30 -7.82 -7.63
C SER A 43 7.56 -8.03 -9.14
N GLN A 44 8.74 -8.54 -9.47
CA GLN A 44 9.21 -8.67 -10.84
C GLN A 44 8.74 -10.00 -11.42
N GLY A 45 7.48 -10.04 -11.84
CA GLY A 45 6.83 -11.23 -12.41
C GLY A 45 6.38 -12.23 -11.35
N LYS A 46 6.88 -12.13 -10.12
CA LYS A 46 6.43 -12.94 -9.00
C LYS A 46 5.04 -12.50 -8.56
N GLN A 47 4.29 -13.43 -7.98
CA GLN A 47 2.94 -13.23 -7.49
C GLN A 47 3.02 -12.77 -6.03
N GLU A 48 3.77 -11.70 -5.79
CA GLU A 48 3.98 -11.13 -4.48
C GLU A 48 3.95 -9.62 -4.65
N TYR A 49 3.14 -8.98 -3.82
CA TYR A 49 2.95 -7.54 -3.85
C TYR A 49 4.01 -6.85 -3.01
N VAL A 50 4.19 -5.56 -3.25
CA VAL A 50 5.20 -4.72 -2.65
C VAL A 50 4.47 -3.44 -2.28
N LEU A 51 4.61 -3.07 -1.03
CA LEU A 51 4.26 -1.76 -0.54
C LEU A 51 5.43 -0.86 -0.90
N SER A 52 5.19 0.35 -1.38
CA SER A 52 6.26 1.32 -1.54
C SER A 52 5.72 2.68 -1.15
N VAL A 53 6.46 3.36 -0.27
CA VAL A 53 6.03 4.56 0.44
C VAL A 53 7.23 5.50 0.56
N LEU A 54 7.00 6.79 0.34
CA LEU A 54 8.00 7.83 0.36
C LEU A 54 8.13 8.23 1.81
N TRP A 55 9.29 7.96 2.39
CA TRP A 55 9.51 8.20 3.80
C TRP A 55 10.73 9.07 3.92
N ASP A 56 10.51 10.35 4.20
CA ASP A 56 11.56 11.35 4.38
C ASP A 56 12.47 11.40 3.15
N GLY A 57 11.85 11.47 1.97
CA GLY A 57 12.48 11.59 0.67
C GLY A 57 12.93 10.26 0.08
N LEU A 58 12.77 9.15 0.81
CA LEU A 58 13.30 7.84 0.42
C LEU A 58 12.12 6.88 0.20
N PRO A 59 11.79 6.52 -1.05
CA PRO A 59 10.77 5.54 -1.39
C PRO A 59 11.18 4.14 -0.92
N ARG A 60 10.78 3.78 0.30
CA ARG A 60 10.98 2.46 0.92
C ARG A 60 10.28 1.38 0.07
N HIS A 61 10.61 0.10 0.30
CA HIS A 61 10.08 -1.02 -0.49
C HIS A 61 9.85 -2.24 0.41
N PHE A 62 8.79 -2.22 1.21
CA PHE A 62 8.41 -3.34 2.06
C PHE A 62 7.62 -4.31 1.23
N ILE A 63 8.00 -5.58 1.23
CA ILE A 63 7.17 -6.60 0.63
C ILE A 63 5.86 -6.68 1.41
N ILE A 64 4.75 -6.85 0.70
CA ILE A 64 3.46 -7.11 1.31
C ILE A 64 3.54 -8.47 2.03
N GLN A 65 2.88 -8.49 3.17
CA GLN A 65 2.84 -9.55 4.15
C GLN A 65 2.22 -10.80 3.53
N SER A 66 2.34 -11.94 4.21
CA SER A 66 1.69 -13.18 3.87
C SER A 66 2.13 -14.18 4.94
N LEU A 67 1.19 -14.98 5.45
CA LEU A 67 1.44 -16.01 6.44
C LEU A 67 0.85 -17.34 5.98
N ASP A 68 -0.47 -17.43 5.90
CA ASP A 68 -1.17 -18.62 5.43
C ASP A 68 -2.34 -18.22 4.55
N ASN A 69 -3.27 -17.41 5.07
CA ASN A 69 -4.48 -16.99 4.40
C ASN A 69 -4.73 -15.48 4.54
N LEU A 70 -3.74 -14.72 5.02
CA LEU A 70 -3.91 -13.38 5.59
C LEU A 70 -2.71 -12.51 5.21
N TYR A 71 -2.63 -11.31 5.78
CA TYR A 71 -1.53 -10.36 5.65
C TYR A 71 -1.40 -9.70 7.02
N ARG A 72 -0.25 -9.68 7.69
CA ARG A 72 -0.04 -9.11 9.04
C ARG A 72 1.29 -8.37 9.09
N LEU A 73 1.34 -7.13 9.59
CA LEU A 73 2.57 -6.32 9.50
C LEU A 73 3.16 -6.01 10.88
N GLU A 74 2.53 -5.13 11.65
CA GLU A 74 2.89 -4.89 13.05
C GLU A 74 2.14 -5.88 13.93
N GLY A 75 0.83 -5.94 13.78
CA GLY A 75 -0.08 -6.64 14.68
C GLY A 75 -0.69 -7.86 14.03
N GLU A 76 -2.02 -7.98 14.12
CA GLU A 76 -2.78 -9.11 13.60
C GLU A 76 -2.96 -9.05 12.07
N GLY A 77 -3.63 -10.05 11.50
CA GLY A 77 -3.70 -10.25 10.07
C GLY A 77 -5.12 -10.29 9.52
N PHE A 78 -5.29 -9.85 8.27
CA PHE A 78 -6.59 -9.70 7.63
C PHE A 78 -6.61 -10.54 6.36
N PRO A 79 -7.79 -10.94 5.88
CA PRO A 79 -7.94 -11.78 4.69
C PRO A 79 -7.55 -11.05 3.40
N SER A 80 -7.47 -9.72 3.42
CA SER A 80 -7.25 -8.87 2.26
C SER A 80 -6.19 -7.84 2.64
N ILE A 81 -5.41 -7.39 1.66
CA ILE A 81 -4.50 -6.27 1.77
C ILE A 81 -5.33 -5.04 2.12
N PRO A 82 -6.43 -4.72 1.38
CA PRO A 82 -7.14 -3.48 1.61
C PRO A 82 -7.74 -3.45 3.02
N LEU A 83 -8.22 -4.60 3.49
CA LEU A 83 -8.84 -4.74 4.81
C LEU A 83 -7.80 -4.74 5.93
N LEU A 84 -6.49 -4.64 5.65
CA LEU A 84 -5.51 -4.27 6.66
C LEU A 84 -5.10 -2.80 6.55
N ILE A 85 -5.02 -2.23 5.35
CA ILE A 85 -4.56 -0.87 5.12
C ILE A 85 -5.27 0.13 6.03
N ASP A 86 -6.58 0.05 6.21
CA ASP A 86 -7.36 1.03 7.00
C ASP A 86 -6.95 0.94 8.47
N HIS A 87 -6.74 -0.28 8.96
CA HIS A 87 -6.30 -0.57 10.31
C HIS A 87 -4.81 -0.26 10.53
N LEU A 88 -4.09 0.21 9.50
CA LEU A 88 -2.84 0.94 9.65
C LEU A 88 -3.05 2.44 9.45
N LEU A 89 -3.83 2.83 8.46
CA LEU A 89 -3.93 4.20 7.98
C LEU A 89 -4.70 5.07 8.96
N SER A 90 -5.67 4.50 9.67
CA SER A 90 -6.39 5.26 10.65
C SER A 90 -5.53 5.43 11.88
N THR A 91 -4.75 4.39 12.21
CA THR A 91 -4.19 4.20 13.55
C THR A 91 -2.80 4.85 13.56
N GLN A 92 -2.12 4.81 12.42
CA GLN A 92 -0.80 5.37 12.14
C GLN A 92 0.28 4.47 12.75
N GLN A 93 0.04 3.16 12.71
CA GLN A 93 0.96 2.14 13.23
C GLN A 93 2.26 2.11 12.43
N PRO A 94 3.38 1.78 13.08
CA PRO A 94 4.65 1.56 12.40
C PRO A 94 4.59 0.31 11.52
N LEU A 95 5.35 0.28 10.43
CA LEU A 95 5.41 -0.85 9.50
C LEU A 95 6.46 -1.89 9.95
N THR A 96 7.57 -1.46 10.51
CA THR A 96 8.61 -2.39 10.98
C THR A 96 9.53 -1.64 11.95
N LYS A 97 10.09 -2.36 12.93
CA LYS A 97 11.13 -1.88 13.84
C LYS A 97 12.33 -1.37 13.08
N LYS A 98 12.59 -1.91 11.88
CA LYS A 98 13.72 -1.50 11.06
C LYS A 98 13.56 -0.11 10.46
N SER A 99 12.40 0.53 10.58
CA SER A 99 12.19 1.87 10.08
C SER A 99 11.33 2.72 11.04
N GLY A 100 10.07 2.31 11.27
CA GLY A 100 9.04 3.15 11.88
C GLY A 100 8.32 4.02 10.85
N VAL A 101 8.25 3.56 9.59
CA VAL A 101 7.32 4.07 8.59
C VAL A 101 5.89 3.94 9.10
N VAL A 102 4.96 4.80 8.70
CA VAL A 102 3.52 4.60 8.91
C VAL A 102 2.79 4.97 7.60
N LEU A 103 1.57 4.47 7.35
CA LEU A 103 0.78 4.87 6.18
C LEU A 103 0.17 6.24 6.45
N HIS A 104 0.22 7.16 5.50
CA HIS A 104 -0.29 8.52 5.70
C HIS A 104 -1.12 9.01 4.50
N ARG A 105 -0.75 8.71 3.25
CA ARG A 105 -1.50 9.17 2.08
C ARG A 105 -1.42 8.12 0.97
N ALA A 106 -2.43 8.01 0.12
CA ALA A 106 -2.51 6.96 -0.90
C ALA A 106 -2.54 7.62 -2.29
N VAL A 107 -1.64 7.21 -3.19
CA VAL A 107 -1.62 7.67 -4.58
C VAL A 107 -2.78 7.01 -5.34
N PRO A 108 -3.68 7.74 -5.99
CA PRO A 108 -4.75 7.18 -6.79
C PRO A 108 -4.25 6.75 -8.19
N SER A 109 -4.39 5.46 -8.50
CA SER A 109 -4.14 4.87 -9.80
C SER A 109 -5.27 5.22 -10.78
N GLY A 110 -6.48 5.40 -10.28
CA GLY A 110 -7.71 5.15 -11.01
C GLY A 110 -8.13 3.67 -10.84
N PRO A 111 -9.27 3.28 -11.42
CA PRO A 111 -9.91 1.98 -11.16
C PRO A 111 -9.15 0.75 -11.65
N SER A 112 -8.10 0.87 -12.47
CA SER A 112 -7.42 -0.28 -13.04
C SER A 112 -6.03 0.12 -13.51
N SER A 113 -5.20 -0.90 -13.75
CA SER A 113 -3.83 -0.82 -14.20
C SER A 113 -3.53 -2.03 -15.09
N GLY A 114 -2.44 -1.97 -15.85
CA GLY A 114 -1.92 -3.03 -16.67
C GLY A 114 -0.74 -2.48 -17.42
N GLY A 1 -15.36 14.35 -11.00
CA GLY A 1 -15.56 14.62 -9.56
C GLY A 1 -16.66 13.73 -9.04
N SER A 2 -16.29 12.76 -8.21
CA SER A 2 -17.23 11.75 -7.69
C SER A 2 -16.88 11.35 -6.24
N SER A 3 -15.77 11.83 -5.67
CA SER A 3 -15.27 11.38 -4.39
C SER A 3 -16.17 11.85 -3.24
N GLY A 4 -15.92 11.28 -2.05
CA GLY A 4 -16.74 11.44 -0.86
C GLY A 4 -15.96 10.89 0.33
N SER A 5 -16.57 10.04 1.17
CA SER A 5 -15.86 9.38 2.26
C SER A 5 -14.64 8.56 1.77
N SER A 6 -14.64 8.21 0.47
CA SER A 6 -13.57 7.49 -0.22
C SER A 6 -13.33 6.10 0.40
N GLY A 7 -14.31 5.57 1.15
CA GLY A 7 -14.17 4.40 1.99
C GLY A 7 -14.29 3.16 1.13
N GLU A 8 -13.17 2.67 0.62
CA GLU A 8 -13.08 1.52 -0.28
C GLU A 8 -12.41 0.34 0.42
N VAL A 9 -12.27 0.39 1.74
CA VAL A 9 -11.67 -0.64 2.56
C VAL A 9 -12.28 -1.99 2.21
N GLN A 10 -13.61 -2.09 2.12
CA GLN A 10 -14.29 -3.37 2.01
C GLN A 10 -14.35 -3.87 0.55
N LYS A 11 -14.02 -3.03 -0.44
CA LYS A 11 -13.95 -3.42 -1.86
C LYS A 11 -12.93 -4.54 -2.04
N PRO A 12 -12.95 -5.24 -3.19
CA PRO A 12 -11.89 -6.17 -3.51
C PRO A 12 -10.58 -5.42 -3.65
N LEU A 13 -9.46 -6.13 -3.56
CA LEU A 13 -8.16 -5.56 -3.87
C LEU A 13 -8.13 -5.06 -5.32
N HIS A 14 -8.79 -5.75 -6.24
CA HIS A 14 -8.64 -5.46 -7.67
C HIS A 14 -9.29 -4.14 -8.11
N GLU A 15 -9.98 -3.42 -7.22
CA GLU A 15 -10.63 -2.14 -7.50
C GLU A 15 -10.10 -1.03 -6.58
N GLN A 16 -9.03 -1.28 -5.84
CA GLN A 16 -8.41 -0.27 -4.99
C GLN A 16 -7.67 0.76 -5.83
N LEU A 17 -7.33 1.88 -5.21
CA LEU A 17 -6.84 3.08 -5.88
C LEU A 17 -5.33 3.11 -5.81
N TRP A 18 -4.78 2.92 -4.61
CA TRP A 18 -3.36 2.73 -4.35
C TRP A 18 -2.82 1.44 -5.00
N TYR A 19 -3.70 0.57 -5.50
CA TYR A 19 -3.27 -0.64 -6.19
C TYR A 19 -2.85 -0.26 -7.62
N HIS A 20 -1.55 -0.17 -7.92
CA HIS A 20 -1.07 0.17 -9.27
C HIS A 20 -0.87 -1.08 -10.17
N GLY A 21 -1.11 -2.31 -9.69
CA GLY A 21 -1.03 -3.54 -10.50
C GLY A 21 0.37 -4.13 -10.36
N ALA A 22 1.21 -3.92 -11.37
CA ALA A 22 2.67 -3.97 -11.34
C ALA A 22 3.22 -2.64 -11.87
N ILE A 23 4.23 -2.07 -11.19
CA ILE A 23 5.05 -0.93 -11.68
C ILE A 23 6.51 -1.23 -11.28
N PRO A 24 7.51 -0.66 -11.96
CA PRO A 24 8.91 -0.75 -11.58
C PRO A 24 9.19 -0.01 -10.25
N ARG A 25 10.40 -0.11 -9.69
CA ARG A 25 10.79 0.74 -8.57
C ARG A 25 10.92 2.17 -9.04
N ALA A 26 11.56 2.40 -10.18
CA ALA A 26 11.95 3.73 -10.60
C ALA A 26 10.77 4.71 -10.61
N GLU A 27 9.60 4.23 -11.04
CA GLU A 27 8.38 5.04 -11.20
C GLU A 27 7.80 5.48 -9.86
N VAL A 28 8.07 4.76 -8.77
CA VAL A 28 7.47 4.99 -7.47
C VAL A 28 7.66 6.45 -7.05
N ALA A 29 8.89 6.95 -6.95
CA ALA A 29 9.11 8.29 -6.41
C ALA A 29 8.57 9.43 -7.28
N GLU A 30 8.12 9.11 -8.48
CA GLU A 30 7.32 9.99 -9.31
C GLU A 30 5.87 10.03 -8.79
N LEU A 31 5.32 8.90 -8.36
CA LEU A 31 3.97 8.81 -7.82
C LEU A 31 3.93 9.44 -6.44
N LEU A 32 4.97 9.21 -5.64
CA LEU A 32 5.06 9.66 -4.26
C LEU A 32 5.96 10.87 -4.23
N VAL A 33 5.41 12.00 -3.78
CA VAL A 33 6.16 13.23 -3.52
C VAL A 33 6.16 13.49 -2.01
N HIS A 34 5.06 13.14 -1.35
CA HIS A 34 4.81 13.53 0.02
C HIS A 34 5.14 12.36 0.94
N SER A 35 5.70 12.67 2.11
CA SER A 35 6.09 11.73 3.14
C SER A 35 4.87 11.07 3.77
N GLY A 36 4.41 10.00 3.15
CA GLY A 36 3.13 9.38 3.48
C GLY A 36 2.45 8.71 2.31
N ASP A 37 2.76 9.14 1.07
CA ASP A 37 2.16 8.58 -0.13
C ASP A 37 2.62 7.13 -0.24
N PHE A 38 1.69 6.21 -0.46
CA PHE A 38 1.91 4.78 -0.59
C PHE A 38 1.13 4.21 -1.77
N LEU A 39 1.62 3.10 -2.34
CA LEU A 39 0.96 2.29 -3.33
C LEU A 39 1.30 0.83 -3.06
N VAL A 40 0.53 -0.08 -3.64
CA VAL A 40 0.80 -1.52 -3.70
C VAL A 40 1.16 -1.78 -5.15
N ARG A 41 2.29 -2.46 -5.34
CA ARG A 41 2.78 -2.90 -6.63
C ARG A 41 3.16 -4.36 -6.59
N GLU A 42 3.41 -4.95 -7.74
CA GLU A 42 3.78 -6.35 -7.84
C GLU A 42 5.27 -6.46 -8.16
N SER A 43 5.90 -7.51 -7.64
CA SER A 43 7.28 -7.89 -7.90
C SER A 43 7.48 -8.21 -9.39
N GLN A 44 8.73 -8.23 -9.84
CA GLN A 44 9.05 -8.55 -11.21
C GLN A 44 8.86 -10.06 -11.46
N GLY A 45 7.73 -10.42 -12.06
CA GLY A 45 7.44 -11.77 -12.56
C GLY A 45 7.12 -12.80 -11.49
N LYS A 46 7.13 -12.41 -10.22
CA LYS A 46 6.62 -13.24 -9.12
C LYS A 46 5.12 -12.93 -8.99
N GLN A 47 4.44 -13.63 -8.09
CA GLN A 47 3.08 -13.26 -7.69
C GLN A 47 3.17 -12.90 -6.21
N GLU A 48 3.88 -11.82 -5.93
CA GLU A 48 4.13 -11.31 -4.60
C GLU A 48 4.03 -9.80 -4.73
N TYR A 49 3.25 -9.18 -3.84
CA TYR A 49 3.11 -7.73 -3.82
C TYR A 49 4.20 -7.10 -2.98
N VAL A 50 4.43 -5.82 -3.25
CA VAL A 50 5.45 -4.98 -2.69
C VAL A 50 4.74 -3.70 -2.34
N LEU A 51 5.00 -3.25 -1.14
CA LEU A 51 4.62 -1.92 -0.72
C LEU A 51 5.62 -0.97 -1.35
N SER A 52 5.18 0.21 -1.74
CA SER A 52 6.10 1.31 -1.84
C SER A 52 5.43 2.53 -1.22
N VAL A 53 6.05 3.03 -0.14
CA VAL A 53 5.69 4.23 0.60
C VAL A 53 6.92 5.14 0.68
N LEU A 54 6.78 6.46 0.55
CA LEU A 54 7.88 7.42 0.61
C LEU A 54 8.08 7.80 2.08
N TRP A 55 9.23 7.49 2.67
CA TRP A 55 9.53 7.82 4.06
C TRP A 55 10.96 8.30 4.17
N ASP A 56 11.22 9.32 5.00
CA ASP A 56 12.54 9.92 5.19
C ASP A 56 13.15 10.39 3.85
N GLY A 57 12.33 10.66 2.84
CA GLY A 57 12.77 11.02 1.49
C GLY A 57 13.27 9.83 0.66
N LEU A 58 13.01 8.59 1.09
CA LEU A 58 13.39 7.38 0.39
C LEU A 58 12.14 6.56 0.16
N PRO A 59 11.77 6.25 -1.10
CA PRO A 59 10.69 5.33 -1.38
C PRO A 59 11.06 3.91 -0.93
N ARG A 60 10.74 3.57 0.33
CA ARG A 60 10.94 2.26 0.93
C ARG A 60 10.16 1.22 0.14
N HIS A 61 10.59 -0.03 0.24
CA HIS A 61 10.08 -1.13 -0.56
C HIS A 61 10.01 -2.40 0.29
N PHE A 62 9.13 -2.37 1.28
CA PHE A 62 8.81 -3.51 2.11
C PHE A 62 7.94 -4.44 1.26
N ILE A 63 8.28 -5.72 1.20
CA ILE A 63 7.40 -6.71 0.56
C ILE A 63 6.11 -6.77 1.37
N ILE A 64 4.97 -6.89 0.69
CA ILE A 64 3.70 -7.03 1.38
C ILE A 64 3.75 -8.39 2.09
N GLN A 65 3.18 -8.37 3.28
CA GLN A 65 2.95 -9.51 4.16
C GLN A 65 2.23 -10.59 3.38
N SER A 66 2.27 -11.82 3.88
CA SER A 66 1.41 -12.90 3.41
C SER A 66 1.75 -14.09 4.29
N LEU A 67 0.73 -14.80 4.74
CA LEU A 67 0.86 -16.08 5.40
C LEU A 67 -0.03 -17.06 4.64
N ASP A 68 -1.03 -17.63 5.31
CA ASP A 68 -1.90 -18.66 4.76
C ASP A 68 -2.90 -18.03 3.80
N ASN A 69 -3.71 -17.11 4.33
CA ASN A 69 -4.72 -16.38 3.57
C ASN A 69 -4.88 -14.94 4.11
N LEU A 70 -4.01 -14.53 5.03
CA LEU A 70 -4.04 -13.22 5.68
C LEU A 70 -2.73 -12.49 5.37
N TYR A 71 -2.64 -11.25 5.83
CA TYR A 71 -1.50 -10.34 5.68
C TYR A 71 -1.35 -9.71 7.07
N ARG A 72 -0.14 -9.68 7.66
CA ARG A 72 0.07 -9.18 9.02
C ARG A 72 1.41 -8.48 9.15
N LEU A 73 1.47 -7.25 9.68
CA LEU A 73 2.69 -6.42 9.60
C LEU A 73 3.31 -6.16 10.97
N GLU A 74 2.66 -5.35 11.83
CA GLU A 74 3.10 -5.13 13.19
C GLU A 74 2.48 -6.23 14.07
N GLY A 75 1.15 -6.33 14.04
CA GLY A 75 0.33 -7.16 14.90
C GLY A 75 -0.38 -8.24 14.09
N GLU A 76 -1.66 -8.46 14.39
CA GLU A 76 -2.50 -9.51 13.80
C GLU A 76 -2.69 -9.32 12.29
N GLY A 77 -3.31 -10.32 11.64
CA GLY A 77 -3.54 -10.30 10.20
C GLY A 77 -4.98 -9.98 9.82
N PHE A 78 -5.20 -9.63 8.55
CA PHE A 78 -6.54 -9.49 7.97
C PHE A 78 -6.61 -10.29 6.67
N PRO A 79 -7.81 -10.72 6.27
CA PRO A 79 -8.04 -11.57 5.10
C PRO A 79 -7.79 -10.88 3.76
N SER A 80 -7.67 -9.55 3.74
CA SER A 80 -7.45 -8.75 2.55
C SER A 80 -6.38 -7.73 2.91
N ILE A 81 -5.58 -7.33 1.91
CA ILE A 81 -4.66 -6.20 2.07
C ILE A 81 -5.51 -4.95 2.31
N PRO A 82 -6.57 -4.65 1.54
CA PRO A 82 -7.30 -3.40 1.72
C PRO A 82 -7.93 -3.28 3.11
N LEU A 83 -8.29 -4.40 3.73
CA LEU A 83 -8.86 -4.50 5.08
C LEU A 83 -7.79 -4.45 6.17
N LEU A 84 -6.53 -4.20 5.83
CA LEU A 84 -5.50 -3.83 6.80
C LEU A 84 -5.04 -2.38 6.66
N ILE A 85 -5.16 -1.78 5.48
CA ILE A 85 -4.70 -0.42 5.23
C ILE A 85 -5.35 0.54 6.22
N ASP A 86 -6.65 0.46 6.39
CA ASP A 86 -7.46 1.39 7.16
C ASP A 86 -7.07 1.32 8.62
N HIS A 87 -6.87 0.10 9.11
CA HIS A 87 -6.44 -0.15 10.47
C HIS A 87 -4.99 0.28 10.71
N LEU A 88 -4.21 0.61 9.67
CA LEU A 88 -2.92 1.27 9.80
C LEU A 88 -2.99 2.77 9.54
N LEU A 89 -3.88 3.21 8.65
CA LEU A 89 -3.99 4.59 8.22
C LEU A 89 -4.65 5.43 9.30
N SER A 90 -5.68 4.88 9.95
CA SER A 90 -6.38 5.65 10.97
C SER A 90 -5.55 5.71 12.25
N THR A 91 -4.66 4.74 12.43
CA THR A 91 -4.00 4.46 13.69
C THR A 91 -2.57 4.99 13.66
N GLN A 92 -2.04 5.18 12.44
CA GLN A 92 -0.69 5.68 12.20
C GLN A 92 0.34 4.65 12.68
N GLN A 93 0.00 3.36 12.53
CA GLN A 93 0.85 2.29 13.01
C GLN A 93 2.16 2.22 12.21
N PRO A 94 3.27 1.90 12.88
CA PRO A 94 4.57 1.69 12.28
C PRO A 94 4.65 0.37 11.51
N LEU A 95 5.12 0.45 10.28
CA LEU A 95 5.23 -0.69 9.36
C LEU A 95 6.37 -1.63 9.72
N THR A 96 7.43 -1.09 10.30
CA THR A 96 8.57 -1.87 10.73
C THR A 96 9.28 -1.09 11.83
N LYS A 97 9.96 -1.81 12.70
CA LYS A 97 10.81 -1.25 13.73
C LYS A 97 12.05 -0.62 13.11
N LYS A 98 12.36 -0.91 11.84
CA LYS A 98 13.51 -0.33 11.15
C LYS A 98 13.33 1.14 10.79
N SER A 99 12.10 1.66 10.72
CA SER A 99 11.87 3.01 10.23
C SER A 99 10.65 3.72 10.85
N GLY A 100 9.74 2.99 11.49
CA GLY A 100 8.49 3.57 11.96
C GLY A 100 7.72 4.28 10.86
N VAL A 101 7.81 3.80 9.61
CA VAL A 101 6.98 4.27 8.51
C VAL A 101 5.53 4.17 8.95
N VAL A 102 4.68 5.15 8.68
CA VAL A 102 3.25 5.05 8.91
C VAL A 102 2.52 5.33 7.61
N LEU A 103 1.23 4.99 7.53
CA LEU A 103 0.43 5.25 6.35
C LEU A 103 -0.26 6.59 6.52
N HIS A 104 -0.22 7.41 5.47
CA HIS A 104 -0.87 8.70 5.47
C HIS A 104 -1.68 8.89 4.19
N ARG A 105 -1.13 8.61 3.00
CA ARG A 105 -1.77 9.06 1.75
C ARG A 105 -1.71 7.99 0.67
N ALA A 106 -2.72 7.88 -0.17
CA ALA A 106 -2.87 6.82 -1.15
C ALA A 106 -2.99 7.41 -2.55
N VAL A 107 -1.99 7.16 -3.41
CA VAL A 107 -2.00 7.63 -4.80
C VAL A 107 -3.12 6.93 -5.56
N PRO A 108 -4.06 7.66 -6.16
CA PRO A 108 -5.06 7.07 -7.03
C PRO A 108 -4.48 6.71 -8.39
N SER A 109 -4.37 5.41 -8.65
CA SER A 109 -4.25 4.87 -9.99
C SER A 109 -5.57 5.19 -10.71
N GLY A 110 -6.69 4.85 -10.07
CA GLY A 110 -8.04 4.92 -10.59
C GLY A 110 -8.73 3.59 -10.24
N PRO A 111 -10.03 3.41 -10.53
CA PRO A 111 -10.75 2.18 -10.23
C PRO A 111 -10.40 1.02 -11.17
N SER A 112 -9.44 1.14 -12.08
CA SER A 112 -9.12 0.14 -13.10
C SER A 112 -7.63 -0.16 -13.06
N SER A 113 -7.22 -1.10 -12.19
CA SER A 113 -5.83 -1.51 -12.07
C SER A 113 -5.47 -2.44 -13.23
N GLY A 114 -4.79 -1.88 -14.23
CA GLY A 114 -4.35 -2.57 -15.43
C GLY A 114 -3.32 -1.68 -16.09
N GLY A 1 -22.15 18.85 -8.33
CA GLY A 1 -21.78 17.47 -8.05
C GLY A 1 -20.27 17.36 -7.91
N SER A 2 -19.66 16.40 -8.64
CA SER A 2 -18.26 16.01 -8.50
C SER A 2 -17.85 15.61 -7.08
N SER A 3 -18.79 15.23 -6.23
CA SER A 3 -18.53 14.82 -4.86
C SER A 3 -19.23 13.46 -4.58
N GLY A 4 -18.99 12.89 -3.41
CA GLY A 4 -19.53 11.61 -2.96
C GLY A 4 -18.43 10.57 -2.71
N SER A 5 -17.15 10.94 -2.79
CA SER A 5 -16.03 10.04 -2.57
C SER A 5 -16.12 9.47 -1.16
N SER A 6 -15.92 8.15 -1.04
CA SER A 6 -16.16 7.39 0.17
C SER A 6 -15.11 6.28 0.31
N GLY A 7 -14.91 5.76 1.52
CA GLY A 7 -13.87 4.78 1.82
C GLY A 7 -14.16 3.45 1.14
N GLU A 8 -13.10 2.73 0.76
CA GLU A 8 -13.15 1.60 -0.17
C GLU A 8 -12.43 0.38 0.39
N VAL A 9 -12.15 0.35 1.69
CA VAL A 9 -11.49 -0.75 2.39
C VAL A 9 -12.23 -2.06 2.16
N GLN A 10 -13.56 -2.06 2.21
CA GLN A 10 -14.36 -3.28 2.14
C GLN A 10 -14.48 -3.78 0.69
N LYS A 11 -14.06 -2.98 -0.30
CA LYS A 11 -13.99 -3.39 -1.70
C LYS A 11 -12.86 -4.41 -1.89
N PRO A 12 -12.87 -5.18 -2.99
CA PRO A 12 -11.76 -6.06 -3.32
C PRO A 12 -10.48 -5.26 -3.56
N LEU A 13 -9.36 -5.96 -3.59
CA LEU A 13 -8.08 -5.39 -3.97
C LEU A 13 -8.11 -4.82 -5.38
N HIS A 14 -8.87 -5.42 -6.31
CA HIS A 14 -8.80 -5.02 -7.71
C HIS A 14 -9.56 -3.70 -8.02
N GLU A 15 -10.19 -3.07 -7.03
CA GLU A 15 -10.80 -1.74 -7.14
C GLU A 15 -10.08 -0.70 -6.27
N GLN A 16 -8.93 -1.04 -5.69
CA GLN A 16 -8.19 -0.10 -4.88
C GLN A 16 -7.46 0.90 -5.77
N LEU A 17 -7.22 2.06 -5.17
CA LEU A 17 -6.76 3.27 -5.84
C LEU A 17 -5.25 3.26 -5.85
N TRP A 18 -4.67 3.07 -4.67
CA TRP A 18 -3.26 2.83 -4.43
C TRP A 18 -2.78 1.52 -5.07
N TYR A 19 -3.68 0.66 -5.54
CA TYR A 19 -3.23 -0.53 -6.26
C TYR A 19 -2.85 -0.13 -7.69
N HIS A 20 -1.56 0.02 -7.97
CA HIS A 20 -1.02 0.37 -9.30
C HIS A 20 -0.71 -0.88 -10.14
N GLY A 21 -1.11 -2.09 -9.72
CA GLY A 21 -0.92 -3.31 -10.48
C GLY A 21 0.50 -3.82 -10.27
N ALA A 22 1.37 -3.58 -11.24
CA ALA A 22 2.78 -3.94 -11.30
C ALA A 22 3.53 -2.71 -11.79
N ILE A 23 4.53 -2.23 -11.03
CA ILE A 23 5.31 -1.06 -11.40
C ILE A 23 6.75 -1.30 -10.92
N PRO A 24 7.79 -0.77 -11.59
CA PRO A 24 9.17 -0.85 -11.14
C PRO A 24 9.45 0.11 -9.98
N ARG A 25 10.47 -0.18 -9.16
CA ARG A 25 10.85 0.70 -8.06
C ARG A 25 11.17 2.14 -8.48
N ALA A 26 11.62 2.35 -9.73
CA ALA A 26 12.04 3.67 -10.18
C ALA A 26 10.84 4.57 -10.45
N GLU A 27 9.73 4.01 -10.90
CA GLU A 27 8.49 4.76 -11.17
C GLU A 27 7.91 5.32 -9.87
N VAL A 28 8.10 4.60 -8.75
CA VAL A 28 7.54 4.91 -7.45
C VAL A 28 7.72 6.39 -7.11
N ALA A 29 8.96 6.89 -7.01
CA ALA A 29 9.19 8.22 -6.44
C ALA A 29 8.67 9.35 -7.34
N GLU A 30 8.32 9.04 -8.58
CA GLU A 30 7.59 9.93 -9.46
C GLU A 30 6.11 10.00 -9.06
N LEU A 31 5.49 8.90 -8.62
CA LEU A 31 4.11 8.89 -8.15
C LEU A 31 4.05 9.61 -6.81
N LEU A 32 4.98 9.24 -5.92
CA LEU A 32 4.98 9.67 -4.54
C LEU A 32 5.64 11.03 -4.46
N VAL A 33 5.09 11.95 -3.70
CA VAL A 33 5.61 13.31 -3.56
C VAL A 33 5.92 13.60 -2.10
N HIS A 34 5.03 13.22 -1.19
CA HIS A 34 5.15 13.61 0.20
C HIS A 34 5.42 12.39 1.05
N SER A 35 6.06 12.61 2.19
CA SER A 35 6.26 11.56 3.18
C SER A 35 4.90 11.04 3.62
N GLY A 36 4.62 9.76 3.39
CA GLY A 36 3.35 9.12 3.69
C GLY A 36 2.65 8.55 2.47
N ASP A 37 2.99 9.07 1.28
CA ASP A 37 2.46 8.62 0.00
C ASP A 37 2.85 7.16 -0.16
N PHE A 38 1.89 6.28 -0.48
CA PHE A 38 2.11 4.86 -0.66
C PHE A 38 1.34 4.35 -1.87
N LEU A 39 1.75 3.18 -2.37
CA LEU A 39 1.05 2.38 -3.35
C LEU A 39 1.25 0.90 -3.00
N VAL A 40 0.51 0.00 -3.65
CA VAL A 40 0.79 -1.43 -3.69
C VAL A 40 1.05 -1.74 -5.15
N ARG A 41 2.07 -2.55 -5.39
CA ARG A 41 2.52 -2.98 -6.70
C ARG A 41 2.87 -4.46 -6.61
N GLU A 42 2.99 -5.13 -7.74
CA GLU A 42 3.42 -6.50 -7.85
C GLU A 42 4.95 -6.57 -7.92
N SER A 43 5.49 -7.78 -7.82
CA SER A 43 6.87 -8.13 -8.14
C SER A 43 7.20 -7.81 -9.60
N GLN A 44 8.34 -8.30 -10.07
CA GLN A 44 8.73 -8.25 -11.47
C GLN A 44 8.16 -9.45 -12.26
N GLY A 45 7.11 -10.10 -11.76
CA GLY A 45 6.43 -11.21 -12.42
C GLY A 45 6.27 -12.42 -11.50
N LYS A 46 5.69 -12.23 -10.31
CA LYS A 46 5.43 -13.27 -9.31
C LYS A 46 4.03 -13.03 -8.74
N GLN A 47 3.58 -13.88 -7.81
CA GLN A 47 2.33 -13.71 -7.08
C GLN A 47 2.58 -12.94 -5.77
N GLU A 48 3.59 -12.08 -5.74
CA GLU A 48 4.08 -11.37 -4.58
C GLU A 48 3.76 -9.91 -4.86
N TYR A 49 3.23 -9.22 -3.85
CA TYR A 49 3.11 -7.78 -3.89
C TYR A 49 4.22 -7.16 -3.04
N VAL A 50 4.51 -5.91 -3.35
CA VAL A 50 5.51 -5.03 -2.76
C VAL A 50 4.75 -3.78 -2.34
N LEU A 51 5.04 -3.30 -1.15
CA LEU A 51 4.65 -1.98 -0.70
C LEU A 51 5.72 -1.03 -1.21
N SER A 52 5.36 0.19 -1.56
CA SER A 52 6.33 1.24 -1.70
C SER A 52 5.70 2.53 -1.16
N VAL A 53 6.30 3.07 -0.09
CA VAL A 53 5.84 4.26 0.61
C VAL A 53 7.02 5.21 0.80
N LEU A 54 6.81 6.50 0.54
CA LEU A 54 7.82 7.54 0.59
C LEU A 54 7.96 7.94 2.04
N TRP A 55 9.14 7.74 2.62
CA TRP A 55 9.44 8.14 3.99
C TRP A 55 10.81 8.80 3.96
N ASP A 56 10.97 9.94 4.65
CA ASP A 56 12.28 10.60 4.79
C ASP A 56 12.88 11.07 3.44
N GLY A 57 12.07 11.09 2.38
CA GLY A 57 12.51 11.35 1.01
C GLY A 57 13.15 10.12 0.37
N LEU A 58 12.74 8.92 0.78
CA LEU A 58 13.19 7.66 0.24
C LEU A 58 11.97 6.76 0.11
N PRO A 59 11.57 6.38 -1.12
CA PRO A 59 10.51 5.41 -1.34
C PRO A 59 11.00 4.05 -0.83
N ARG A 60 10.67 3.71 0.42
CA ARG A 60 11.01 2.42 0.98
C ARG A 60 10.38 1.36 0.10
N HIS A 61 10.87 0.14 0.24
CA HIS A 61 10.32 -1.00 -0.47
C HIS A 61 10.33 -2.15 0.52
N PHE A 62 9.18 -2.40 1.12
CA PHE A 62 8.98 -3.53 1.99
C PHE A 62 8.05 -4.47 1.24
N ILE A 63 8.31 -5.77 1.24
CA ILE A 63 7.40 -6.71 0.61
C ILE A 63 6.07 -6.66 1.36
N ILE A 64 4.96 -6.83 0.63
CA ILE A 64 3.67 -6.98 1.27
C ILE A 64 3.70 -8.28 2.07
N GLN A 65 3.06 -8.19 3.22
CA GLN A 65 2.82 -9.22 4.20
C GLN A 65 2.27 -10.49 3.54
N SER A 66 2.34 -11.61 4.26
CA SER A 66 1.83 -12.91 3.88
C SER A 66 2.20 -13.83 5.03
N LEU A 67 1.26 -14.66 5.50
CA LEU A 67 1.55 -15.69 6.51
C LEU A 67 0.95 -17.02 6.10
N ASP A 68 -0.37 -17.12 5.98
CA ASP A 68 -1.00 -18.37 5.58
C ASP A 68 -2.07 -18.10 4.54
N ASN A 69 -3.05 -17.29 4.90
CA ASN A 69 -4.10 -16.81 4.00
C ASN A 69 -4.43 -15.34 4.29
N LEU A 70 -3.51 -14.64 4.97
CA LEU A 70 -3.72 -13.34 5.58
C LEU A 70 -2.47 -12.49 5.42
N TYR A 71 -2.60 -11.22 5.75
CA TYR A 71 -1.58 -10.21 5.63
C TYR A 71 -1.49 -9.51 6.98
N ARG A 72 -0.34 -9.50 7.66
CA ARG A 72 -0.14 -8.82 8.95
C ARG A 72 1.16 -8.04 8.88
N LEU A 73 1.27 -6.85 9.49
CA LEU A 73 2.54 -6.16 9.57
C LEU A 73 2.94 -5.78 10.98
N GLU A 74 1.99 -5.40 11.83
CA GLU A 74 2.29 -4.98 13.19
C GLU A 74 1.44 -5.82 14.13
N GLY A 75 0.13 -5.56 14.11
CA GLY A 75 -0.91 -6.30 14.79
C GLY A 75 -1.33 -7.54 14.01
N GLU A 76 -2.53 -8.05 14.30
CA GLU A 76 -3.05 -9.29 13.70
C GLU A 76 -3.33 -9.14 12.20
N GLY A 77 -3.47 -10.27 11.51
CA GLY A 77 -3.62 -10.33 10.06
C GLY A 77 -5.06 -10.15 9.61
N PHE A 78 -5.24 -9.83 8.32
CA PHE A 78 -6.55 -9.65 7.69
C PHE A 78 -6.63 -10.45 6.40
N PRO A 79 -7.84 -10.75 5.90
CA PRO A 79 -8.07 -11.57 4.72
C PRO A 79 -7.77 -10.85 3.41
N SER A 80 -7.60 -9.52 3.44
CA SER A 80 -7.29 -8.69 2.28
C SER A 80 -6.20 -7.72 2.71
N ILE A 81 -5.40 -7.32 1.72
CA ILE A 81 -4.41 -6.26 1.86
C ILE A 81 -5.17 -4.97 2.15
N PRO A 82 -6.22 -4.59 1.39
CA PRO A 82 -6.90 -3.33 1.61
C PRO A 82 -7.48 -3.20 3.01
N LEU A 83 -7.95 -4.31 3.59
CA LEU A 83 -8.43 -4.33 4.96
C LEU A 83 -7.33 -4.01 5.96
N LEU A 84 -6.10 -4.47 5.74
CA LEU A 84 -4.98 -4.20 6.63
C LEU A 84 -4.46 -2.78 6.45
N ILE A 85 -4.62 -2.22 5.24
CA ILE A 85 -4.29 -0.83 5.01
C ILE A 85 -5.08 0.00 6.00
N ASP A 86 -6.38 -0.19 6.11
CA ASP A 86 -7.18 0.72 6.94
C ASP A 86 -6.79 0.60 8.39
N HIS A 87 -6.54 -0.63 8.85
CA HIS A 87 -6.18 -0.86 10.24
C HIS A 87 -4.74 -0.41 10.53
N LEU A 88 -3.93 0.01 9.53
CA LEU A 88 -2.72 0.79 9.77
C LEU A 88 -2.92 2.30 9.54
N LEU A 89 -3.77 2.69 8.59
CA LEU A 89 -3.95 4.07 8.15
C LEU A 89 -4.77 4.85 9.16
N SER A 90 -5.83 4.21 9.67
CA SER A 90 -6.75 4.84 10.58
C SER A 90 -6.23 4.74 12.02
N THR A 91 -5.14 4.00 12.23
CA THR A 91 -4.53 3.79 13.54
C THR A 91 -3.26 4.61 13.62
N GLN A 92 -2.58 4.77 12.48
CA GLN A 92 -1.31 5.46 12.31
C GLN A 92 -0.24 4.61 12.96
N GLN A 93 0.04 3.44 12.36
CA GLN A 93 1.02 2.52 12.91
C GLN A 93 2.24 2.18 12.07
N PRO A 94 3.35 1.84 12.76
CA PRO A 94 4.64 1.63 12.15
C PRO A 94 4.68 0.37 11.29
N LEU A 95 5.35 0.47 10.14
CA LEU A 95 5.45 -0.61 9.17
C LEU A 95 6.60 -1.55 9.41
N THR A 96 7.63 -1.13 10.14
CA THR A 96 8.72 -2.00 10.53
C THR A 96 9.38 -1.32 11.73
N LYS A 97 9.83 -2.12 12.71
CA LYS A 97 10.68 -1.63 13.80
C LYS A 97 11.95 -0.99 13.26
N LYS A 98 12.35 -1.35 12.03
CA LYS A 98 13.58 -0.88 11.40
C LYS A 98 13.52 0.53 10.84
N SER A 99 12.35 1.15 10.70
CA SER A 99 12.27 2.48 10.13
C SER A 99 11.12 3.32 10.72
N GLY A 100 10.07 2.70 11.28
CA GLY A 100 8.95 3.44 11.87
C GLY A 100 8.15 4.27 10.85
N VAL A 101 8.17 3.89 9.57
CA VAL A 101 7.27 4.41 8.54
C VAL A 101 5.84 4.27 9.00
N VAL A 102 4.95 5.22 8.73
CA VAL A 102 3.53 5.11 9.07
C VAL A 102 2.73 5.42 7.79
N LEU A 103 1.56 4.78 7.61
CA LEU A 103 0.72 5.05 6.45
C LEU A 103 0.09 6.42 6.61
N HIS A 104 0.03 7.21 5.54
CA HIS A 104 -0.45 8.59 5.63
C HIS A 104 -1.27 9.01 4.41
N ARG A 105 -0.85 8.66 3.19
CA ARG A 105 -1.53 9.10 1.98
C ARG A 105 -1.48 8.00 0.93
N ALA A 106 -2.58 7.86 0.18
CA ALA A 106 -2.68 6.88 -0.90
C ALA A 106 -2.68 7.65 -2.21
N VAL A 107 -1.73 7.35 -3.10
CA VAL A 107 -1.80 7.75 -4.50
C VAL A 107 -3.03 7.09 -5.10
N PRO A 108 -3.99 7.85 -5.63
CA PRO A 108 -4.98 7.28 -6.51
C PRO A 108 -4.40 7.04 -7.90
N SER A 109 -4.33 5.78 -8.32
CA SER A 109 -4.13 5.49 -9.74
C SER A 109 -5.45 5.80 -10.46
N GLY A 110 -6.55 5.27 -9.93
CA GLY A 110 -7.81 5.09 -10.63
C GLY A 110 -8.43 3.76 -10.19
N PRO A 111 -9.65 3.44 -10.64
CA PRO A 111 -10.41 2.29 -10.17
C PRO A 111 -10.04 0.97 -10.87
N SER A 112 -9.06 0.97 -11.78
CA SER A 112 -8.71 -0.19 -12.58
C SER A 112 -7.23 -0.15 -12.96
N SER A 113 -6.68 -1.32 -13.28
CA SER A 113 -5.31 -1.54 -13.71
C SER A 113 -5.34 -2.56 -14.85
N GLY A 114 -4.19 -2.89 -15.44
CA GLY A 114 -4.06 -3.86 -16.51
C GLY A 114 -2.64 -4.39 -16.55
N GLY A 1 -14.11 12.22 -14.06
CA GLY A 1 -14.30 11.45 -12.81
C GLY A 1 -15.34 10.38 -13.01
N SER A 2 -15.08 9.15 -12.55
CA SER A 2 -15.93 8.00 -12.82
C SER A 2 -16.02 6.98 -11.66
N SER A 3 -15.42 7.26 -10.50
CA SER A 3 -15.23 6.28 -9.43
C SER A 3 -16.01 6.61 -8.16
N GLY A 4 -16.48 7.84 -8.02
CA GLY A 4 -17.56 8.25 -7.13
C GLY A 4 -17.39 8.01 -5.63
N SER A 5 -16.22 7.62 -5.12
CA SER A 5 -16.07 7.19 -3.73
C SER A 5 -14.90 7.86 -3.03
N SER A 6 -14.77 7.58 -1.73
CA SER A 6 -13.93 8.34 -0.80
C SER A 6 -13.15 7.47 0.18
N GLY A 7 -13.50 6.20 0.32
CA GLY A 7 -12.88 5.27 1.25
C GLY A 7 -13.54 3.93 1.01
N GLU A 8 -12.74 2.90 0.72
CA GLU A 8 -13.10 1.80 -0.16
C GLU A 8 -12.59 0.49 0.46
N VAL A 9 -12.39 0.44 1.78
CA VAL A 9 -11.71 -0.62 2.51
C VAL A 9 -12.30 -1.96 2.09
N GLN A 10 -13.62 -2.09 2.17
CA GLN A 10 -14.31 -3.35 2.02
C GLN A 10 -14.47 -3.76 0.55
N LYS A 11 -14.13 -2.89 -0.40
CA LYS A 11 -14.07 -3.23 -1.83
C LYS A 11 -13.06 -4.36 -2.05
N PRO A 12 -13.10 -5.03 -3.22
CA PRO A 12 -12.03 -5.94 -3.60
C PRO A 12 -10.72 -5.17 -3.70
N LEU A 13 -9.61 -5.89 -3.74
CA LEU A 13 -8.32 -5.30 -4.05
C LEU A 13 -8.35 -4.70 -5.45
N HIS A 14 -9.09 -5.31 -6.40
CA HIS A 14 -9.06 -4.90 -7.79
C HIS A 14 -9.76 -3.56 -8.07
N GLU A 15 -10.40 -2.93 -7.07
CA GLU A 15 -11.04 -1.61 -7.20
C GLU A 15 -10.32 -0.58 -6.33
N GLN A 16 -9.21 -0.94 -5.65
CA GLN A 16 -8.48 -0.01 -4.81
C GLN A 16 -7.74 1.02 -5.67
N LEU A 17 -7.36 2.11 -5.02
CA LEU A 17 -6.90 3.34 -5.64
C LEU A 17 -5.38 3.36 -5.65
N TRP A 18 -4.79 3.14 -4.49
CA TRP A 18 -3.35 2.93 -4.30
C TRP A 18 -2.87 1.65 -4.96
N TYR A 19 -3.77 0.79 -5.45
CA TYR A 19 -3.38 -0.40 -6.18
C TYR A 19 -3.06 -0.01 -7.63
N HIS A 20 -1.79 0.27 -7.96
CA HIS A 20 -1.43 0.66 -9.32
C HIS A 20 -1.35 -0.57 -10.26
N GLY A 21 -0.77 -1.69 -9.83
CA GLY A 21 -0.56 -2.89 -10.62
C GLY A 21 0.92 -3.23 -10.60
N ALA A 22 1.39 -3.90 -11.64
CA ALA A 22 2.77 -4.36 -11.77
C ALA A 22 3.67 -3.24 -12.29
N ILE A 23 4.07 -2.35 -11.38
CA ILE A 23 4.87 -1.16 -11.66
C ILE A 23 6.33 -1.41 -11.21
N PRO A 24 7.35 -0.85 -11.88
CA PRO A 24 8.74 -0.93 -11.46
C PRO A 24 9.02 -0.04 -10.25
N ARG A 25 10.07 -0.36 -9.49
CA ARG A 25 10.44 0.39 -8.29
C ARG A 25 10.75 1.86 -8.54
N ALA A 26 11.19 2.21 -9.74
CA ALA A 26 11.61 3.56 -10.06
C ALA A 26 10.41 4.48 -10.14
N GLU A 27 9.32 3.99 -10.72
CA GLU A 27 8.11 4.76 -11.00
C GLU A 27 7.49 5.24 -9.70
N VAL A 28 7.59 4.44 -8.63
CA VAL A 28 7.18 4.80 -7.29
C VAL A 28 7.53 6.26 -6.98
N ALA A 29 8.81 6.63 -6.97
CA ALA A 29 9.23 7.93 -6.42
C ALA A 29 8.80 9.14 -7.27
N GLU A 30 8.26 8.88 -8.46
CA GLU A 30 7.62 9.86 -9.34
C GLU A 30 6.13 10.02 -8.97
N LEU A 31 5.49 8.97 -8.43
CA LEU A 31 4.08 8.95 -8.05
C LEU A 31 3.90 9.48 -6.63
N LEU A 32 4.81 9.07 -5.76
CA LEU A 32 4.88 9.55 -4.40
C LEU A 32 5.62 10.90 -4.45
N VAL A 33 5.20 11.87 -3.65
CA VAL A 33 5.77 13.22 -3.69
C VAL A 33 6.10 13.72 -2.29
N HIS A 34 5.25 13.40 -1.30
CA HIS A 34 5.44 13.81 0.07
C HIS A 34 5.64 12.56 0.91
N SER A 35 6.26 12.70 2.08
CA SER A 35 6.43 11.54 2.94
C SER A 35 5.06 11.08 3.41
N GLY A 36 4.72 9.82 3.15
CA GLY A 36 3.43 9.24 3.48
C GLY A 36 2.67 8.71 2.29
N ASP A 37 2.92 9.25 1.09
CA ASP A 37 2.37 8.75 -0.17
C ASP A 37 2.79 7.29 -0.29
N PHE A 38 1.85 6.39 -0.55
CA PHE A 38 2.10 4.96 -0.73
C PHE A 38 1.30 4.42 -1.91
N LEU A 39 1.78 3.31 -2.47
CA LEU A 39 1.09 2.50 -3.47
C LEU A 39 1.43 1.03 -3.25
N VAL A 40 0.55 0.14 -3.69
CA VAL A 40 0.78 -1.29 -3.81
C VAL A 40 1.11 -1.55 -5.27
N ARG A 41 2.27 -2.15 -5.49
CA ARG A 41 2.71 -2.62 -6.79
C ARG A 41 2.90 -4.13 -6.70
N GLU A 42 2.94 -4.82 -7.82
CA GLU A 42 3.39 -6.20 -7.87
C GLU A 42 4.91 -6.23 -8.04
N SER A 43 5.53 -7.36 -7.71
CA SER A 43 6.96 -7.57 -7.76
C SER A 43 7.40 -7.89 -9.20
N GLN A 44 8.67 -8.28 -9.32
CA GLN A 44 9.38 -8.50 -10.58
C GLN A 44 8.78 -9.68 -11.34
N GLY A 45 9.23 -10.91 -11.09
CA GLY A 45 8.68 -12.12 -11.67
C GLY A 45 7.84 -12.91 -10.66
N LYS A 46 7.89 -12.55 -9.38
CA LYS A 46 7.13 -13.20 -8.33
C LYS A 46 5.64 -12.84 -8.44
N GLN A 47 4.81 -13.59 -7.75
CA GLN A 47 3.36 -13.38 -7.61
C GLN A 47 3.14 -12.72 -6.24
N GLU A 48 3.87 -11.64 -5.96
CA GLU A 48 4.09 -11.09 -4.64
C GLU A 48 3.88 -9.60 -4.79
N TYR A 49 3.19 -8.96 -3.85
CA TYR A 49 3.00 -7.51 -3.88
C TYR A 49 4.05 -6.82 -3.03
N VAL A 50 4.22 -5.52 -3.26
CA VAL A 50 5.23 -4.68 -2.65
C VAL A 50 4.52 -3.36 -2.31
N LEU A 51 4.63 -3.00 -1.05
CA LEU A 51 4.24 -1.69 -0.55
C LEU A 51 5.38 -0.74 -0.81
N SER A 52 5.08 0.39 -1.43
CA SER A 52 6.09 1.36 -1.83
C SER A 52 5.64 2.70 -1.27
N VAL A 53 6.37 3.25 -0.28
CA VAL A 53 5.97 4.42 0.50
C VAL A 53 7.17 5.35 0.73
N LEU A 54 7.00 6.64 0.50
CA LEU A 54 8.05 7.65 0.54
C LEU A 54 8.21 8.07 1.99
N TRP A 55 9.40 7.93 2.57
CA TRP A 55 9.66 8.22 3.97
C TRP A 55 10.97 8.98 4.09
N ASP A 56 10.93 10.26 4.48
CA ASP A 56 12.11 11.14 4.51
C ASP A 56 12.83 11.12 3.15
N GLY A 57 12.07 11.27 2.05
CA GLY A 57 12.55 11.37 0.68
C GLY A 57 12.99 10.03 0.09
N LEU A 58 12.82 8.94 0.84
CA LEU A 58 13.30 7.61 0.49
C LEU A 58 12.08 6.72 0.27
N PRO A 59 11.75 6.35 -0.98
CA PRO A 59 10.72 5.37 -1.30
C PRO A 59 11.15 4.02 -0.76
N ARG A 60 10.64 3.66 0.41
CA ARG A 60 10.80 2.35 1.00
C ARG A 60 10.02 1.36 0.13
N HIS A 61 10.43 0.09 0.15
CA HIS A 61 9.86 -0.94 -0.70
C HIS A 61 9.78 -2.23 0.13
N PHE A 62 8.74 -2.34 0.96
CA PHE A 62 8.49 -3.50 1.80
C PHE A 62 7.66 -4.48 0.99
N ILE A 63 8.08 -5.72 0.92
CA ILE A 63 7.21 -6.77 0.43
C ILE A 63 5.98 -6.81 1.34
N ILE A 64 4.80 -6.86 0.71
CA ILE A 64 3.52 -7.00 1.38
C ILE A 64 3.55 -8.29 2.20
N GLN A 65 2.82 -8.26 3.30
CA GLN A 65 2.75 -9.35 4.24
C GLN A 65 2.17 -10.60 3.56
N SER A 66 2.28 -11.75 4.19
CA SER A 66 1.58 -12.97 3.81
C SER A 66 1.96 -14.00 4.87
N LEU A 67 0.99 -14.78 5.32
CA LEU A 67 1.23 -15.95 6.14
C LEU A 67 0.40 -17.12 5.63
N ASP A 68 -0.63 -17.54 6.39
CA ASP A 68 -1.36 -18.76 6.13
C ASP A 68 -2.32 -18.53 4.98
N ASN A 69 -3.15 -17.50 5.14
CA ASN A 69 -4.11 -16.99 4.19
C ASN A 69 -4.55 -15.59 4.67
N LEU A 70 -3.60 -14.81 5.22
CA LEU A 70 -3.84 -13.46 5.76
C LEU A 70 -2.60 -12.59 5.54
N TYR A 71 -2.71 -11.31 5.87
CA TYR A 71 -1.65 -10.31 5.69
C TYR A 71 -1.44 -9.55 7.00
N ARG A 72 -0.31 -9.70 7.72
CA ARG A 72 -0.07 -9.00 9.01
C ARG A 72 1.33 -8.39 9.09
N LEU A 73 1.47 -7.19 9.67
CA LEU A 73 2.74 -6.44 9.67
C LEU A 73 3.21 -6.19 11.09
N GLU A 74 2.42 -5.48 11.92
CA GLU A 74 2.71 -5.39 13.35
C GLU A 74 1.64 -6.06 14.23
N GLY A 75 0.47 -6.34 13.67
CA GLY A 75 -0.74 -6.65 14.42
C GLY A 75 -1.31 -7.98 13.94
N GLU A 76 -2.62 -8.20 14.10
CA GLU A 76 -3.29 -9.35 13.47
C GLU A 76 -3.20 -9.25 11.94
N GLY A 77 -3.63 -10.32 11.26
CA GLY A 77 -3.81 -10.35 9.82
C GLY A 77 -5.28 -10.35 9.45
N PHE A 78 -5.55 -10.04 8.18
CA PHE A 78 -6.89 -10.00 7.59
C PHE A 78 -6.85 -10.75 6.26
N PRO A 79 -8.03 -11.14 5.72
CA PRO A 79 -8.16 -11.86 4.45
C PRO A 79 -7.92 -11.01 3.20
N SER A 80 -7.75 -9.71 3.33
CA SER A 80 -7.54 -8.82 2.19
C SER A 80 -6.46 -7.83 2.58
N ILE A 81 -5.66 -7.40 1.60
CA ILE A 81 -4.68 -6.35 1.79
C ILE A 81 -5.43 -5.07 2.17
N PRO A 82 -6.51 -4.65 1.45
CA PRO A 82 -7.15 -3.37 1.70
C PRO A 82 -7.78 -3.32 3.10
N LEU A 83 -8.28 -4.46 3.60
CA LEU A 83 -8.97 -4.56 4.87
C LEU A 83 -8.02 -4.29 6.04
N LEU A 84 -6.73 -4.53 5.82
CA LEU A 84 -5.67 -4.28 6.79
C LEU A 84 -5.14 -2.86 6.64
N ILE A 85 -5.06 -2.32 5.40
CA ILE A 85 -4.55 -0.96 5.16
C ILE A 85 -5.25 0.03 6.07
N ASP A 86 -6.56 -0.08 6.27
CA ASP A 86 -7.26 0.90 7.08
C ASP A 86 -6.75 0.91 8.51
N HIS A 87 -6.48 -0.26 9.11
CA HIS A 87 -5.94 -0.31 10.46
C HIS A 87 -4.50 0.19 10.55
N LEU A 88 -3.78 0.42 9.44
CA LEU A 88 -2.45 1.00 9.35
C LEU A 88 -2.49 2.48 8.96
N LEU A 89 -3.61 2.91 8.40
CA LEU A 89 -3.83 4.28 7.98
C LEU A 89 -4.51 5.06 9.10
N SER A 90 -5.29 4.38 9.93
CA SER A 90 -6.17 4.99 10.89
C SER A 90 -5.67 4.89 12.34
N THR A 91 -4.50 4.26 12.59
CA THR A 91 -3.81 4.33 13.89
C THR A 91 -2.41 4.95 13.74
N GLN A 92 -1.80 4.92 12.54
CA GLN A 92 -0.43 5.39 12.26
C GLN A 92 0.59 4.39 12.82
N GLN A 93 0.24 3.10 12.74
CA GLN A 93 1.09 2.01 13.20
C GLN A 93 2.36 1.95 12.34
N PRO A 94 3.50 1.56 12.94
CA PRO A 94 4.75 1.43 12.22
C PRO A 94 4.78 0.13 11.41
N LEU A 95 5.34 0.22 10.20
CA LEU A 95 5.46 -0.89 9.26
C LEU A 95 6.65 -1.80 9.54
N THR A 96 7.67 -1.27 10.22
CA THR A 96 8.77 -2.09 10.68
C THR A 96 9.49 -1.33 11.78
N LYS A 97 9.95 -2.06 12.79
CA LYS A 97 10.87 -1.56 13.80
C LYS A 97 12.25 -1.18 13.22
N LYS A 98 12.47 -1.29 11.91
CA LYS A 98 13.66 -0.77 11.25
C LYS A 98 13.53 0.65 10.76
N SER A 99 12.31 1.16 10.54
CA SER A 99 12.15 2.44 9.86
C SER A 99 10.94 3.24 10.34
N GLY A 100 10.06 2.67 11.17
CA GLY A 100 8.92 3.34 11.80
C GLY A 100 7.94 3.97 10.83
N VAL A 101 7.94 3.54 9.58
CA VAL A 101 7.11 4.05 8.51
C VAL A 101 5.66 3.91 8.90
N VAL A 102 4.78 4.86 8.58
CA VAL A 102 3.34 4.73 8.82
C VAL A 102 2.61 5.15 7.53
N LEU A 103 1.39 4.65 7.29
CA LEU A 103 0.61 5.07 6.12
C LEU A 103 0.02 6.43 6.41
N HIS A 104 0.02 7.32 5.41
CA HIS A 104 -0.54 8.65 5.56
C HIS A 104 -1.35 9.07 4.33
N ARG A 105 -0.86 8.81 3.11
CA ARG A 105 -1.48 9.29 1.87
C ARG A 105 -1.44 8.17 0.84
N ALA A 106 -2.51 8.03 0.06
CA ALA A 106 -2.60 7.09 -1.03
C ALA A 106 -2.45 7.84 -2.36
N VAL A 107 -1.96 7.17 -3.39
CA VAL A 107 -1.90 7.68 -4.75
C VAL A 107 -3.07 7.06 -5.54
N PRO A 108 -4.04 7.84 -6.04
CA PRO A 108 -5.21 7.31 -6.70
C PRO A 108 -5.00 7.03 -8.19
N SER A 109 -4.78 5.76 -8.52
CA SER A 109 -4.43 5.33 -9.87
C SER A 109 -5.65 5.31 -10.80
N GLY A 110 -6.84 5.07 -10.24
CA GLY A 110 -8.08 4.73 -10.91
C GLY A 110 -8.82 3.68 -10.06
N PRO A 111 -10.03 3.26 -10.46
CA PRO A 111 -10.80 2.18 -9.82
C PRO A 111 -10.43 0.78 -10.39
N SER A 112 -9.25 0.64 -10.99
CA SER A 112 -8.78 -0.53 -11.73
C SER A 112 -7.34 -0.27 -12.15
N SER A 113 -6.60 -1.34 -12.49
CA SER A 113 -5.14 -1.38 -12.34
C SER A 113 -4.52 -2.24 -13.45
N GLY A 114 -3.61 -1.67 -14.23
CA GLY A 114 -2.91 -2.32 -15.33
C GLY A 114 -1.84 -1.43 -15.92
N GLY A 1 -19.68 15.10 -8.93
CA GLY A 1 -18.51 14.61 -8.21
C GLY A 1 -17.87 13.49 -8.99
N SER A 2 -16.55 13.57 -9.21
CA SER A 2 -15.88 12.73 -10.21
C SER A 2 -15.61 11.31 -9.74
N SER A 3 -15.49 11.10 -8.44
CA SER A 3 -15.03 9.85 -7.85
C SER A 3 -15.37 9.81 -6.36
N GLY A 4 -15.18 8.64 -5.76
CA GLY A 4 -15.08 8.46 -4.32
C GLY A 4 -13.60 8.44 -3.95
N SER A 5 -12.88 7.40 -4.38
CA SER A 5 -11.43 7.24 -4.25
C SER A 5 -10.96 7.69 -2.85
N SER A 6 -11.58 7.10 -1.82
CA SER A 6 -11.31 7.37 -0.42
C SER A 6 -11.92 6.22 0.38
N GLY A 7 -11.23 5.78 1.43
CA GLY A 7 -11.62 4.64 2.26
C GLY A 7 -11.45 3.35 1.48
N GLU A 8 -12.51 2.91 0.80
CA GLU A 8 -12.57 1.73 -0.06
C GLU A 8 -12.11 0.43 0.61
N VAL A 9 -12.11 0.38 1.95
CA VAL A 9 -11.51 -0.67 2.74
C VAL A 9 -12.16 -2.00 2.37
N GLN A 10 -13.49 -2.04 2.30
CA GLN A 10 -14.24 -3.28 2.24
C GLN A 10 -14.35 -3.81 0.81
N LYS A 11 -14.01 -2.97 -0.18
CA LYS A 11 -13.94 -3.33 -1.60
C LYS A 11 -12.89 -4.43 -1.84
N PRO A 12 -12.90 -5.09 -3.01
CA PRO A 12 -11.78 -5.91 -3.42
C PRO A 12 -10.51 -5.07 -3.56
N LEU A 13 -9.35 -5.74 -3.58
CA LEU A 13 -8.08 -5.10 -3.90
C LEU A 13 -8.11 -4.51 -5.31
N HIS A 14 -8.88 -5.10 -6.22
CA HIS A 14 -8.89 -4.66 -7.60
C HIS A 14 -9.79 -3.43 -7.87
N GLU A 15 -10.36 -2.84 -6.83
CA GLU A 15 -11.17 -1.61 -6.90
C GLU A 15 -10.67 -0.55 -5.92
N GLN A 16 -9.42 -0.71 -5.45
CA GLN A 16 -8.72 0.29 -4.66
C GLN A 16 -8.36 1.50 -5.52
N LEU A 17 -7.55 2.38 -4.93
CA LEU A 17 -7.03 3.60 -5.53
C LEU A 17 -5.51 3.50 -5.66
N TRP A 18 -4.83 3.12 -4.58
CA TRP A 18 -3.38 2.98 -4.48
C TRP A 18 -2.82 1.74 -5.22
N TYR A 19 -3.67 0.93 -5.83
CA TYR A 19 -3.26 -0.28 -6.51
C TYR A 19 -2.93 0.04 -7.98
N HIS A 20 -1.65 0.25 -8.29
CA HIS A 20 -1.17 0.56 -9.63
C HIS A 20 -0.76 -0.72 -10.38
N GLY A 21 -0.84 -1.91 -9.77
CA GLY A 21 -0.52 -3.17 -10.36
C GLY A 21 0.99 -3.28 -10.41
N ALA A 22 1.43 -3.91 -11.46
CA ALA A 22 2.81 -4.14 -11.81
C ALA A 22 3.48 -2.82 -12.17
N ILE A 23 4.34 -2.30 -11.31
CA ILE A 23 5.14 -1.10 -11.56
C ILE A 23 6.56 -1.37 -11.02
N PRO A 24 7.63 -0.78 -11.57
CA PRO A 24 9.01 -0.90 -11.09
C PRO A 24 9.29 -0.03 -9.86
N ARG A 25 10.45 -0.21 -9.20
CA ARG A 25 10.86 0.69 -8.11
C ARG A 25 11.04 2.12 -8.60
N ALA A 26 11.55 2.29 -9.82
CA ALA A 26 11.92 3.60 -10.32
C ALA A 26 10.71 4.53 -10.41
N GLU A 27 9.56 3.99 -10.79
CA GLU A 27 8.33 4.73 -11.00
C GLU A 27 7.74 5.24 -9.68
N VAL A 28 7.98 4.55 -8.57
CA VAL A 28 7.44 4.85 -7.25
C VAL A 28 7.58 6.33 -6.92
N ALA A 29 8.79 6.87 -6.81
CA ALA A 29 9.00 8.25 -6.33
C ALA A 29 8.50 9.32 -7.31
N GLU A 30 8.12 8.90 -8.51
CA GLU A 30 7.44 9.71 -9.50
C GLU A 30 5.93 9.79 -9.21
N LEU A 31 5.37 8.85 -8.46
CA LEU A 31 3.99 8.82 -8.00
C LEU A 31 3.93 9.41 -6.59
N LEU A 32 4.87 9.02 -5.74
CA LEU A 32 4.98 9.48 -4.37
C LEU A 32 5.83 10.73 -4.42
N VAL A 33 5.27 11.88 -4.09
CA VAL A 33 5.98 13.15 -4.14
C VAL A 33 6.15 13.73 -2.74
N HIS A 34 5.37 13.25 -1.78
CA HIS A 34 5.36 13.75 -0.41
C HIS A 34 5.43 12.58 0.56
N SER A 35 5.84 12.87 1.80
CA SER A 35 5.93 11.86 2.84
C SER A 35 4.52 11.36 3.14
N GLY A 36 4.29 10.05 3.06
CA GLY A 36 3.02 9.44 3.39
C GLY A 36 2.36 8.74 2.23
N ASP A 37 2.70 9.13 1.01
CA ASP A 37 2.16 8.54 -0.21
C ASP A 37 2.64 7.09 -0.23
N PHE A 38 1.74 6.14 -0.52
CA PHE A 38 2.07 4.74 -0.75
C PHE A 38 1.29 4.19 -1.96
N LEU A 39 1.80 3.08 -2.52
CA LEU A 39 1.16 2.26 -3.54
C LEU A 39 1.52 0.78 -3.29
N VAL A 40 0.82 -0.14 -3.95
CA VAL A 40 0.96 -1.59 -3.72
C VAL A 40 1.28 -2.26 -5.04
N ARG A 41 2.57 -2.36 -5.37
CA ARG A 41 3.01 -2.84 -6.67
C ARG A 41 3.20 -4.34 -6.63
N GLU A 42 3.25 -4.99 -7.78
CA GLU A 42 3.59 -6.41 -7.88
C GLU A 42 5.12 -6.57 -7.98
N SER A 43 5.61 -7.78 -7.67
CA SER A 43 6.95 -8.27 -7.92
C SER A 43 7.24 -8.34 -9.43
N GLN A 44 8.52 -8.31 -9.82
CA GLN A 44 8.93 -8.58 -11.20
C GLN A 44 8.84 -10.08 -11.46
N GLY A 45 7.68 -10.54 -11.95
CA GLY A 45 7.52 -11.91 -12.43
C GLY A 45 7.14 -12.89 -11.32
N LYS A 46 6.64 -12.45 -10.15
CA LYS A 46 6.16 -13.34 -9.08
C LYS A 46 4.76 -12.92 -8.68
N GLN A 47 4.00 -13.88 -8.15
CA GLN A 47 2.71 -13.65 -7.51
C GLN A 47 2.97 -13.13 -6.09
N GLU A 48 3.61 -11.97 -5.99
CA GLU A 48 3.89 -11.28 -4.74
C GLU A 48 3.66 -9.78 -4.96
N TYR A 49 3.37 -9.03 -3.89
CA TYR A 49 3.24 -7.57 -3.90
C TYR A 49 4.30 -6.90 -3.01
N VAL A 50 4.52 -5.61 -3.21
CA VAL A 50 5.48 -4.76 -2.51
C VAL A 50 4.74 -3.46 -2.17
N LEU A 51 4.75 -3.09 -0.90
CA LEU A 51 4.35 -1.79 -0.41
C LEU A 51 5.46 -0.81 -0.70
N SER A 52 5.16 0.22 -1.46
CA SER A 52 6.13 1.25 -1.81
C SER A 52 5.61 2.54 -1.23
N VAL A 53 6.35 3.16 -0.31
CA VAL A 53 5.87 4.24 0.54
C VAL A 53 7.02 5.22 0.77
N LEU A 54 6.74 6.52 0.66
CA LEU A 54 7.76 7.57 0.67
C LEU A 54 7.86 8.13 2.07
N TRP A 55 9.01 7.94 2.70
CA TRP A 55 9.22 8.29 4.10
C TRP A 55 10.55 9.00 4.23
N ASP A 56 10.55 10.22 4.77
CA ASP A 56 11.75 11.02 5.04
C ASP A 56 12.63 11.22 3.79
N GLY A 57 12.02 11.18 2.59
CA GLY A 57 12.70 11.35 1.31
C GLY A 57 13.14 10.03 0.68
N LEU A 58 12.82 8.88 1.28
CA LEU A 58 13.20 7.57 0.78
C LEU A 58 11.93 6.76 0.48
N PRO A 59 11.60 6.53 -0.79
CA PRO A 59 10.59 5.55 -1.21
C PRO A 59 11.05 4.13 -0.89
N ARG A 60 10.69 3.66 0.30
CA ARG A 60 10.92 2.29 0.76
C ARG A 60 10.11 1.34 -0.12
N HIS A 61 10.48 0.07 -0.14
CA HIS A 61 9.86 -0.96 -0.96
C HIS A 61 9.77 -2.30 -0.20
N PHE A 62 9.05 -2.29 0.91
CA PHE A 62 8.82 -3.46 1.75
C PHE A 62 7.94 -4.42 0.96
N ILE A 63 8.32 -5.68 0.84
CA ILE A 63 7.41 -6.72 0.39
C ILE A 63 6.15 -6.70 1.27
N ILE A 64 4.99 -6.96 0.66
CA ILE A 64 3.73 -7.10 1.37
C ILE A 64 3.83 -8.29 2.33
N GLN A 65 2.89 -8.34 3.25
CA GLN A 65 2.79 -9.39 4.22
C GLN A 65 2.26 -10.65 3.56
N SER A 66 2.40 -11.79 4.23
CA SER A 66 1.85 -13.07 3.81
C SER A 66 2.28 -14.06 4.88
N LEU A 67 1.34 -14.86 5.38
CA LEU A 67 1.60 -15.94 6.32
C LEU A 67 0.90 -17.25 5.93
N ASP A 68 -0.42 -17.24 5.78
CA ASP A 68 -1.14 -18.43 5.34
C ASP A 68 -2.26 -18.08 4.37
N ASN A 69 -3.20 -17.25 4.83
CA ASN A 69 -4.33 -16.74 4.06
C ASN A 69 -4.70 -15.34 4.57
N LEU A 70 -3.69 -14.63 5.11
CA LEU A 70 -3.83 -13.30 5.70
C LEU A 70 -2.60 -12.49 5.35
N TYR A 71 -2.56 -11.24 5.82
CA TYR A 71 -1.50 -10.28 5.60
C TYR A 71 -1.29 -9.52 6.92
N ARG A 72 -0.14 -9.63 7.60
CA ARG A 72 0.16 -8.98 8.91
C ARG A 72 1.52 -8.29 8.90
N LEU A 73 1.69 -7.09 9.46
CA LEU A 73 2.95 -6.33 9.37
C LEU A 73 3.49 -5.87 10.71
N GLU A 74 2.59 -5.68 11.68
CA GLU A 74 2.98 -5.52 13.07
C GLU A 74 2.18 -6.51 13.93
N GLY A 75 0.87 -6.28 14.07
CA GLY A 75 0.06 -6.84 15.13
C GLY A 75 -0.55 -8.17 14.75
N GLU A 76 -1.59 -8.08 13.93
CA GLU A 76 -2.43 -9.18 13.46
C GLU A 76 -2.59 -9.09 11.95
N GLY A 77 -3.29 -10.07 11.36
CA GLY A 77 -3.51 -10.17 9.93
C GLY A 77 -4.99 -10.14 9.59
N PHE A 78 -5.30 -9.85 8.33
CA PHE A 78 -6.66 -9.77 7.80
C PHE A 78 -6.74 -10.55 6.49
N PRO A 79 -7.94 -10.94 6.03
CA PRO A 79 -8.15 -11.79 4.87
C PRO A 79 -7.84 -11.08 3.54
N SER A 80 -7.70 -9.77 3.55
CA SER A 80 -7.52 -8.93 2.38
C SER A 80 -6.43 -7.92 2.72
N ILE A 81 -5.69 -7.44 1.72
CA ILE A 81 -4.72 -6.37 1.88
C ILE A 81 -5.45 -5.06 2.23
N PRO A 82 -6.53 -4.66 1.51
CA PRO A 82 -7.13 -3.36 1.75
C PRO A 82 -7.78 -3.29 3.14
N LEU A 83 -8.25 -4.45 3.65
CA LEU A 83 -8.85 -4.56 4.96
C LEU A 83 -7.81 -4.36 6.06
N LEU A 84 -6.51 -4.44 5.74
CA LEU A 84 -5.42 -4.17 6.65
C LEU A 84 -4.96 -2.72 6.53
N ILE A 85 -4.90 -2.19 5.30
CA ILE A 85 -4.46 -0.82 5.04
C ILE A 85 -5.19 0.16 5.95
N ASP A 86 -6.50 0.03 6.14
CA ASP A 86 -7.26 0.98 6.96
C ASP A 86 -6.75 1.02 8.40
N HIS A 87 -6.55 -0.16 8.97
CA HIS A 87 -6.10 -0.34 10.34
C HIS A 87 -4.61 0.01 10.49
N LEU A 88 -3.89 0.37 9.43
CA LEU A 88 -2.62 1.07 9.48
C LEU A 88 -2.80 2.56 9.28
N LEU A 89 -3.66 2.95 8.34
CA LEU A 89 -3.79 4.32 7.86
C LEU A 89 -4.40 5.21 8.92
N SER A 90 -5.41 4.72 9.63
CA SER A 90 -6.10 5.58 10.59
C SER A 90 -5.38 5.52 11.95
N THR A 91 -4.54 4.51 12.18
CA THR A 91 -3.88 4.25 13.45
C THR A 91 -2.50 4.90 13.48
N GLN A 92 -1.90 5.04 12.29
CA GLN A 92 -0.55 5.57 12.11
C GLN A 92 0.49 4.62 12.72
N GLN A 93 0.19 3.32 12.64
CA GLN A 93 1.06 2.24 13.08
C GLN A 93 2.30 2.13 12.19
N PRO A 94 3.41 1.57 12.70
CA PRO A 94 4.61 1.36 11.92
C PRO A 94 4.49 0.14 11.00
N LEU A 95 5.30 0.18 9.93
CA LEU A 95 5.47 -0.91 8.96
C LEU A 95 6.63 -1.84 9.32
N THR A 96 7.57 -1.39 10.14
CA THR A 96 8.56 -2.26 10.71
C THR A 96 9.00 -1.58 11.99
N LYS A 97 9.24 -2.39 13.02
CA LYS A 97 9.75 -1.96 14.32
C LYS A 97 11.08 -1.22 14.20
N LYS A 98 11.81 -1.39 13.08
CA LYS A 98 12.97 -0.57 12.75
C LYS A 98 12.46 0.74 12.19
N SER A 99 12.00 0.72 10.94
CA SER A 99 12.02 1.90 10.11
C SER A 99 10.85 2.86 10.41
N GLY A 100 9.89 2.44 11.24
CA GLY A 100 8.82 3.26 11.83
C GLY A 100 7.89 3.97 10.84
N VAL A 101 7.97 3.63 9.55
CA VAL A 101 7.15 4.14 8.45
C VAL A 101 5.68 3.98 8.80
N VAL A 102 4.81 4.92 8.42
CA VAL A 102 3.38 4.79 8.58
C VAL A 102 2.71 5.17 7.24
N LEU A 103 1.41 4.87 7.08
CA LEU A 103 0.61 5.15 5.89
C LEU A 103 -0.18 6.42 6.10
N HIS A 104 -0.29 7.26 5.07
CA HIS A 104 -1.04 8.50 5.15
C HIS A 104 -1.84 8.81 3.88
N ARG A 105 -1.24 8.64 2.70
CA ARG A 105 -1.81 9.15 1.46
C ARG A 105 -1.75 8.05 0.40
N ALA A 106 -2.76 7.97 -0.46
CA ALA A 106 -2.88 6.94 -1.47
C ALA A 106 -3.01 7.62 -2.83
N VAL A 107 -1.98 7.48 -3.67
CA VAL A 107 -1.98 7.99 -5.03
C VAL A 107 -3.14 7.34 -5.78
N PRO A 108 -4.15 8.10 -6.24
CA PRO A 108 -5.33 7.54 -6.85
C PRO A 108 -5.08 7.16 -8.30
N SER A 109 -5.02 5.87 -8.59
CA SER A 109 -4.78 5.34 -9.93
C SER A 109 -6.09 5.13 -10.70
N GLY A 110 -7.25 5.16 -10.02
CA GLY A 110 -8.46 4.53 -10.51
C GLY A 110 -8.44 3.04 -10.17
N PRO A 111 -9.56 2.32 -10.36
CA PRO A 111 -9.65 0.91 -10.01
C PRO A 111 -8.87 0.01 -10.98
N SER A 112 -8.92 0.31 -12.28
CA SER A 112 -8.31 -0.51 -13.31
C SER A 112 -6.82 -0.25 -13.38
N SER A 113 -6.08 -1.35 -13.37
CA SER A 113 -4.66 -1.45 -13.64
C SER A 113 -4.46 -2.66 -14.56
N GLY A 114 -3.30 -2.75 -15.21
CA GLY A 114 -2.99 -3.71 -16.26
C GLY A 114 -2.06 -3.01 -17.23
N GLY A 1 -14.67 19.09 -10.18
CA GLY A 1 -15.37 18.47 -9.06
C GLY A 1 -15.11 16.98 -9.06
N SER A 2 -14.33 16.51 -8.09
CA SER A 2 -13.69 15.19 -8.13
C SER A 2 -13.66 14.51 -6.77
N SER A 3 -14.22 15.15 -5.75
CA SER A 3 -14.15 14.73 -4.37
C SER A 3 -15.06 13.51 -4.12
N GLY A 4 -15.02 12.97 -2.91
CA GLY A 4 -15.91 11.92 -2.41
C GLY A 4 -15.85 11.92 -0.89
N SER A 5 -16.66 11.08 -0.25
CA SER A 5 -16.65 10.90 1.20
C SER A 5 -16.99 9.42 1.46
N SER A 6 -16.04 8.55 1.13
CA SER A 6 -16.19 7.11 1.12
C SER A 6 -14.92 6.44 1.68
N GLY A 7 -14.88 5.13 1.73
CA GLY A 7 -13.75 4.37 2.24
C GLY A 7 -13.75 3.00 1.55
N GLU A 8 -12.56 2.49 1.23
CA GLU A 8 -12.40 1.39 0.27
C GLU A 8 -12.05 0.07 0.93
N VAL A 9 -12.05 0.03 2.25
CA VAL A 9 -11.51 -1.00 3.10
C VAL A 9 -12.09 -2.34 2.71
N GLN A 10 -13.41 -2.38 2.56
CA GLN A 10 -14.15 -3.62 2.38
C GLN A 10 -14.28 -3.98 0.89
N LYS A 11 -13.90 -3.08 -0.03
CA LYS A 11 -13.88 -3.38 -1.46
C LYS A 11 -12.80 -4.42 -1.76
N PRO A 12 -12.86 -5.08 -2.94
CA PRO A 12 -11.76 -5.91 -3.37
C PRO A 12 -10.50 -5.09 -3.57
N LEU A 13 -9.37 -5.78 -3.63
CA LEU A 13 -8.07 -5.19 -3.93
C LEU A 13 -8.07 -4.62 -5.35
N HIS A 14 -8.81 -5.23 -6.27
CA HIS A 14 -8.75 -4.85 -7.68
C HIS A 14 -9.62 -3.62 -8.02
N GLU A 15 -10.24 -2.98 -7.02
CA GLU A 15 -10.94 -1.69 -7.16
C GLU A 15 -10.32 -0.65 -6.22
N GLN A 16 -9.12 -0.90 -5.71
CA GLN A 16 -8.41 0.09 -4.92
C GLN A 16 -7.82 1.16 -5.84
N LEU A 17 -7.30 2.22 -5.22
CA LEU A 17 -6.73 3.38 -5.88
C LEU A 17 -5.22 3.30 -5.79
N TRP A 18 -4.70 3.00 -4.59
CA TRP A 18 -3.29 2.77 -4.32
C TRP A 18 -2.75 1.49 -4.96
N TYR A 19 -3.61 0.63 -5.50
CA TYR A 19 -3.16 -0.55 -6.23
C TYR A 19 -2.84 -0.16 -7.67
N HIS A 20 -1.56 0.16 -7.95
CA HIS A 20 -1.12 0.49 -9.31
C HIS A 20 -0.90 -0.78 -10.16
N GLY A 21 -1.16 -1.99 -9.63
CA GLY A 21 -1.06 -3.26 -10.30
C GLY A 21 0.38 -3.72 -10.17
N ALA A 22 1.06 -3.82 -11.30
CA ALA A 22 2.44 -4.23 -11.46
C ALA A 22 3.26 -3.03 -11.92
N ILE A 23 4.16 -2.53 -11.09
CA ILE A 23 5.04 -1.40 -11.40
C ILE A 23 6.44 -1.68 -10.80
N PRO A 24 7.53 -1.18 -11.42
CA PRO A 24 8.89 -1.32 -10.93
C PRO A 24 9.17 -0.50 -9.67
N ARG A 25 10.41 -0.53 -9.16
CA ARG A 25 10.82 0.39 -8.09
C ARG A 25 11.02 1.81 -8.60
N ALA A 26 11.62 1.99 -9.78
CA ALA A 26 12.10 3.30 -10.20
C ALA A 26 10.97 4.32 -10.34
N GLU A 27 9.81 3.83 -10.77
CA GLU A 27 8.59 4.62 -11.02
C GLU A 27 8.05 5.23 -9.72
N VAL A 28 8.18 4.49 -8.61
CA VAL A 28 7.61 4.80 -7.31
C VAL A 28 7.86 6.25 -6.93
N ALA A 29 9.11 6.69 -6.83
CA ALA A 29 9.40 8.02 -6.28
C ALA A 29 8.90 9.17 -7.17
N GLU A 30 8.50 8.88 -8.40
CA GLU A 30 7.84 9.80 -9.30
C GLU A 30 6.31 9.84 -9.08
N LEU A 31 5.74 8.86 -8.37
CA LEU A 31 4.34 8.82 -7.96
C LEU A 31 4.21 9.40 -6.56
N LEU A 32 5.10 8.98 -5.66
CA LEU A 32 5.08 9.39 -4.27
C LEU A 32 5.74 10.76 -4.16
N VAL A 33 5.12 11.66 -3.40
CA VAL A 33 5.52 13.04 -3.20
C VAL A 33 5.56 13.34 -1.70
N HIS A 34 4.52 12.96 -0.97
CA HIS A 34 4.41 13.25 0.45
C HIS A 34 5.03 12.14 1.27
N SER A 35 5.62 12.48 2.41
CA SER A 35 6.08 11.50 3.39
C SER A 35 4.86 10.80 4.00
N GLY A 36 4.42 9.72 3.35
CA GLY A 36 3.16 9.07 3.66
C GLY A 36 2.46 8.48 2.44
N ASP A 37 2.78 8.98 1.24
CA ASP A 37 2.30 8.46 -0.02
C ASP A 37 2.77 7.02 -0.14
N PHE A 38 1.83 6.08 -0.31
CA PHE A 38 2.12 4.70 -0.63
C PHE A 38 1.33 4.24 -1.85
N LEU A 39 1.83 3.17 -2.47
CA LEU A 39 1.16 2.35 -3.46
C LEU A 39 1.53 0.90 -3.20
N VAL A 40 0.70 -0.01 -3.71
CA VAL A 40 0.96 -1.44 -3.73
C VAL A 40 1.18 -1.80 -5.19
N ARG A 41 2.26 -2.54 -5.44
CA ARG A 41 2.71 -2.93 -6.75
C ARG A 41 3.07 -4.41 -6.73
N GLU A 42 3.07 -5.07 -7.86
CA GLU A 42 3.58 -6.42 -8.01
C GLU A 42 5.11 -6.34 -8.18
N SER A 43 5.83 -7.30 -7.60
CA SER A 43 7.25 -7.56 -7.80
C SER A 43 7.49 -7.95 -9.27
N GLN A 44 8.75 -8.01 -9.72
CA GLN A 44 9.06 -8.26 -11.13
C GLN A 44 8.82 -9.73 -11.53
N GLY A 45 7.57 -10.06 -11.86
CA GLY A 45 7.18 -11.34 -12.43
C GLY A 45 7.05 -12.45 -11.37
N LYS A 46 6.99 -12.09 -10.10
CA LYS A 46 6.43 -12.95 -9.06
C LYS A 46 5.02 -12.45 -8.86
N GLN A 47 4.06 -13.35 -8.63
CA GLN A 47 2.82 -13.03 -7.96
C GLN A 47 3.19 -12.87 -6.50
N GLU A 48 3.84 -11.75 -6.22
CA GLU A 48 4.10 -11.21 -4.91
C GLU A 48 3.92 -9.71 -5.03
N TYR A 49 3.42 -9.05 -3.98
CA TYR A 49 3.25 -7.61 -3.96
C TYR A 49 4.33 -6.95 -3.10
N VAL A 50 4.51 -5.66 -3.32
CA VAL A 50 5.46 -4.78 -2.67
C VAL A 50 4.65 -3.56 -2.27
N LEU A 51 4.83 -3.14 -1.02
CA LEU A 51 4.41 -1.89 -0.47
C LEU A 51 5.56 -0.91 -0.67
N SER A 52 5.31 0.11 -1.49
CA SER A 52 6.28 1.15 -1.72
C SER A 52 5.70 2.46 -1.23
N VAL A 53 6.45 3.11 -0.35
CA VAL A 53 5.99 4.23 0.46
C VAL A 53 7.17 5.17 0.72
N LEU A 54 6.94 6.48 0.65
CA LEU A 54 7.97 7.52 0.69
C LEU A 54 8.05 7.98 2.13
N TRP A 55 9.23 7.85 2.73
CA TRP A 55 9.40 8.16 4.14
C TRP A 55 10.73 8.86 4.35
N ASP A 56 10.72 10.04 4.97
CA ASP A 56 11.90 10.89 5.14
C ASP A 56 12.71 10.97 3.83
N GLY A 57 11.97 11.23 2.75
CA GLY A 57 12.47 11.49 1.41
C GLY A 57 12.80 10.24 0.61
N LEU A 58 12.55 9.05 1.15
CA LEU A 58 13.09 7.78 0.66
C LEU A 58 11.96 6.80 0.35
N PRO A 59 11.74 6.43 -0.93
CA PRO A 59 10.75 5.44 -1.33
C PRO A 59 11.22 4.04 -0.92
N ARG A 60 10.73 3.55 0.21
CA ARG A 60 10.96 2.19 0.68
C ARG A 60 10.27 1.17 -0.22
N HIS A 61 10.58 -0.11 -0.03
CA HIS A 61 10.00 -1.23 -0.76
C HIS A 61 9.93 -2.44 0.18
N PHE A 62 8.92 -2.49 1.04
CA PHE A 62 8.65 -3.64 1.90
C PHE A 62 7.84 -4.61 1.05
N ILE A 63 8.23 -5.87 0.97
CA ILE A 63 7.38 -6.89 0.34
C ILE A 63 6.11 -7.01 1.20
N ILE A 64 4.93 -6.96 0.57
CA ILE A 64 3.65 -7.14 1.22
C ILE A 64 3.66 -8.48 1.96
N GLN A 65 2.87 -8.50 3.03
CA GLN A 65 2.81 -9.56 4.00
C GLN A 65 2.19 -10.80 3.37
N SER A 66 2.24 -11.90 4.11
CA SER A 66 1.49 -13.10 3.90
C SER A 66 1.75 -13.92 5.16
N LEU A 67 0.80 -14.76 5.50
CA LEU A 67 1.04 -16.01 6.18
C LEU A 67 0.29 -17.08 5.41
N ASP A 68 -0.72 -17.71 6.02
CA ASP A 68 -1.43 -18.84 5.42
C ASP A 68 -2.41 -18.37 4.37
N ASN A 69 -3.20 -17.35 4.70
CA ASN A 69 -4.34 -16.84 3.95
C ASN A 69 -4.62 -15.36 4.32
N LEU A 70 -3.79 -14.78 5.19
CA LEU A 70 -3.96 -13.45 5.77
C LEU A 70 -2.68 -12.64 5.53
N TYR A 71 -2.75 -11.35 5.84
CA TYR A 71 -1.68 -10.37 5.66
C TYR A 71 -1.54 -9.65 6.99
N ARG A 72 -0.35 -9.60 7.61
CA ARG A 72 -0.08 -8.96 8.90
C ARG A 72 1.27 -8.26 8.86
N LEU A 73 1.34 -6.98 9.20
CA LEU A 73 2.57 -6.20 9.00
C LEU A 73 3.30 -5.97 10.32
N GLU A 74 2.57 -5.74 11.41
CA GLU A 74 3.18 -5.69 12.74
C GLU A 74 2.70 -6.89 13.56
N GLY A 75 1.38 -7.00 13.78
CA GLY A 75 0.77 -7.93 14.71
C GLY A 75 -0.31 -8.79 14.06
N GLU A 76 -1.56 -8.35 14.14
CA GLU A 76 -2.68 -9.16 13.69
C GLU A 76 -2.88 -9.11 12.18
N GLY A 77 -3.63 -10.08 11.63
CA GLY A 77 -3.78 -10.29 10.19
C GLY A 77 -5.21 -10.05 9.73
N PHE A 78 -5.40 -9.84 8.42
CA PHE A 78 -6.71 -9.63 7.80
C PHE A 78 -6.85 -10.49 6.55
N PRO A 79 -8.09 -10.76 6.10
CA PRO A 79 -8.40 -11.60 4.94
C PRO A 79 -8.01 -10.95 3.60
N SER A 80 -7.79 -9.65 3.57
CA SER A 80 -7.48 -8.88 2.39
C SER A 80 -6.38 -7.90 2.80
N ILE A 81 -5.56 -7.49 1.84
CA ILE A 81 -4.61 -6.40 2.02
C ILE A 81 -5.41 -5.14 2.36
N PRO A 82 -6.45 -4.75 1.59
CA PRO A 82 -7.13 -3.47 1.77
C PRO A 82 -7.76 -3.34 3.15
N LEU A 83 -8.19 -4.46 3.72
CA LEU A 83 -8.79 -4.52 5.03
C LEU A 83 -7.82 -4.25 6.17
N LEU A 84 -6.52 -4.43 5.98
CA LEU A 84 -5.54 -4.00 6.97
C LEU A 84 -5.16 -2.54 6.75
N ILE A 85 -5.22 -2.04 5.50
CA ILE A 85 -4.82 -0.68 5.19
C ILE A 85 -5.55 0.31 6.09
N ASP A 86 -6.85 0.12 6.36
CA ASP A 86 -7.56 1.07 7.21
C ASP A 86 -7.05 1.08 8.63
N HIS A 87 -6.79 -0.10 9.19
CA HIS A 87 -6.28 -0.22 10.55
C HIS A 87 -4.84 0.26 10.65
N LEU A 88 -4.16 0.57 9.54
CA LEU A 88 -2.90 1.26 9.53
C LEU A 88 -3.07 2.75 9.18
N LEU A 89 -4.01 3.11 8.30
CA LEU A 89 -4.14 4.48 7.79
C LEU A 89 -4.91 5.34 8.77
N SER A 90 -5.79 4.74 9.57
CA SER A 90 -6.52 5.46 10.60
C SER A 90 -5.73 5.49 11.92
N THR A 91 -4.60 4.79 11.99
CA THR A 91 -3.85 4.62 13.23
C THR A 91 -2.46 5.25 13.12
N GLN A 92 -1.93 5.32 11.89
CA GLN A 92 -0.61 5.88 11.58
C GLN A 92 0.47 5.00 12.21
N GLN A 93 0.19 3.70 12.26
CA GLN A 93 1.06 2.68 12.84
C GLN A 93 2.30 2.45 11.97
N PRO A 94 3.44 2.02 12.58
CA PRO A 94 4.66 1.77 11.84
C PRO A 94 4.67 0.42 11.12
N LEU A 95 5.17 0.44 9.88
CA LEU A 95 5.31 -0.73 9.04
C LEU A 95 6.38 -1.72 9.50
N THR A 96 7.40 -1.25 10.22
CA THR A 96 8.47 -2.04 10.80
C THR A 96 9.09 -1.21 11.93
N LYS A 97 9.81 -1.89 12.84
CA LYS A 97 10.68 -1.31 13.85
C LYS A 97 11.92 -0.60 13.25
N LYS A 98 12.13 -0.66 11.93
CA LYS A 98 13.39 -0.22 11.33
C LYS A 98 13.37 1.13 10.64
N SER A 99 12.21 1.66 10.25
CA SER A 99 12.14 2.96 9.57
C SER A 99 10.99 3.83 10.10
N GLY A 100 10.09 3.27 10.91
CA GLY A 100 8.92 3.96 11.49
C GLY A 100 8.06 4.65 10.44
N VAL A 101 8.08 4.11 9.21
CA VAL A 101 7.20 4.42 8.11
C VAL A 101 5.78 4.28 8.59
N VAL A 102 4.91 5.25 8.33
CA VAL A 102 3.50 5.15 8.64
C VAL A 102 2.71 5.42 7.36
N LEU A 103 1.53 4.82 7.26
CA LEU A 103 0.55 5.14 6.24
C LEU A 103 0.04 6.53 6.53
N HIS A 104 -0.17 7.32 5.49
CA HIS A 104 -0.70 8.68 5.62
C HIS A 104 -1.44 9.12 4.36
N ARG A 105 -1.07 8.65 3.16
CA ARG A 105 -1.73 9.07 1.93
C ARG A 105 -1.66 7.97 0.87
N ALA A 106 -2.70 7.79 0.07
CA ALA A 106 -2.80 6.70 -0.89
C ALA A 106 -2.78 7.26 -2.32
N VAL A 107 -1.78 6.92 -3.13
CA VAL A 107 -1.65 7.42 -4.50
C VAL A 107 -2.82 6.91 -5.35
N PRO A 108 -3.69 7.79 -5.88
CA PRO A 108 -4.74 7.39 -6.79
C PRO A 108 -4.23 7.08 -8.20
N SER A 109 -4.23 5.80 -8.57
CA SER A 109 -3.99 5.33 -9.94
C SER A 109 -5.29 5.25 -10.75
N GLY A 110 -6.43 5.09 -10.08
CA GLY A 110 -7.74 4.86 -10.68
C GLY A 110 -8.15 3.39 -10.53
N PRO A 111 -9.44 3.06 -10.72
CA PRO A 111 -9.96 1.70 -10.57
C PRO A 111 -9.69 0.86 -11.83
N SER A 112 -8.62 1.16 -12.58
CA SER A 112 -8.37 0.67 -13.92
C SER A 112 -6.98 0.04 -13.93
N SER A 113 -6.94 -1.24 -13.58
CA SER A 113 -5.73 -1.97 -13.30
C SER A 113 -5.55 -3.06 -14.35
N GLY A 114 -4.57 -2.95 -15.25
CA GLY A 114 -4.30 -3.93 -16.28
C GLY A 114 -4.81 -3.45 -17.62
N GLY A 1 -15.64 7.55 -10.99
CA GLY A 1 -16.72 7.99 -11.89
C GLY A 1 -17.08 9.44 -11.67
N SER A 2 -18.26 9.72 -11.13
CA SER A 2 -18.75 11.09 -10.90
C SER A 2 -18.91 11.31 -9.40
N SER A 3 -19.85 10.63 -8.74
CA SER A 3 -19.99 10.72 -7.28
C SER A 3 -18.67 10.34 -6.60
N GLY A 4 -17.98 9.32 -7.10
CA GLY A 4 -16.72 8.85 -6.53
C GLY A 4 -16.90 8.21 -5.16
N SER A 5 -15.81 7.66 -4.63
CA SER A 5 -15.78 6.90 -3.40
C SER A 5 -14.55 7.25 -2.55
N SER A 6 -14.58 6.76 -1.31
CA SER A 6 -13.73 7.17 -0.21
C SER A 6 -13.53 5.98 0.74
N GLY A 7 -14.64 5.42 1.22
CA GLY A 7 -14.69 4.22 2.04
C GLY A 7 -14.62 3.02 1.11
N GLU A 8 -13.42 2.49 0.93
CA GLU A 8 -13.09 1.48 -0.07
C GLU A 8 -12.38 0.27 0.57
N VAL A 9 -12.35 0.19 1.90
CA VAL A 9 -11.61 -0.80 2.67
C VAL A 9 -12.10 -2.21 2.33
N GLN A 10 -13.42 -2.37 2.34
CA GLN A 10 -14.05 -3.67 2.27
C GLN A 10 -14.16 -4.13 0.80
N LYS A 11 -13.81 -3.27 -0.17
CA LYS A 11 -13.73 -3.63 -1.58
C LYS A 11 -12.58 -4.62 -1.80
N PRO A 12 -12.55 -5.34 -2.93
CA PRO A 12 -11.39 -6.12 -3.28
C PRO A 12 -10.20 -5.18 -3.48
N LEU A 13 -9.01 -5.78 -3.47
CA LEU A 13 -7.79 -5.10 -3.86
C LEU A 13 -7.90 -4.57 -5.29
N HIS A 14 -8.59 -5.31 -6.16
CA HIS A 14 -8.67 -5.00 -7.58
C HIS A 14 -9.58 -3.78 -7.89
N GLU A 15 -10.11 -3.07 -6.89
CA GLU A 15 -11.00 -1.91 -7.03
C GLU A 15 -10.50 -0.70 -6.24
N GLN A 16 -9.28 -0.77 -5.70
CA GLN A 16 -8.67 0.27 -4.87
C GLN A 16 -8.38 1.57 -5.63
N LEU A 17 -7.57 2.43 -5.00
CA LEU A 17 -7.03 3.65 -5.58
C LEU A 17 -5.51 3.59 -5.67
N TRP A 18 -4.89 3.03 -4.63
CA TRP A 18 -3.44 2.89 -4.43
C TRP A 18 -2.84 1.63 -5.09
N TYR A 19 -3.66 0.88 -5.80
CA TYR A 19 -3.23 -0.25 -6.60
C TYR A 19 -2.96 0.22 -8.04
N HIS A 20 -1.68 0.46 -8.39
CA HIS A 20 -1.25 0.79 -9.75
C HIS A 20 -1.06 -0.49 -10.59
N GLY A 21 -0.95 -1.66 -9.96
CA GLY A 21 -0.67 -2.92 -10.59
C GLY A 21 0.82 -3.17 -10.49
N ALA A 22 1.31 -3.82 -11.52
CA ALA A 22 2.66 -4.34 -11.61
C ALA A 22 3.63 -3.27 -12.10
N ILE A 23 4.21 -2.52 -11.17
CA ILE A 23 5.06 -1.35 -11.45
C ILE A 23 6.51 -1.61 -10.97
N PRO A 24 7.54 -1.05 -11.63
CA PRO A 24 8.94 -1.15 -11.24
C PRO A 24 9.26 -0.23 -10.05
N ARG A 25 10.42 -0.43 -9.40
CA ARG A 25 10.87 0.48 -8.35
C ARG A 25 11.12 1.89 -8.89
N ALA A 26 11.48 1.99 -10.17
CA ALA A 26 11.90 3.24 -10.78
C ALA A 26 10.75 4.23 -10.88
N GLU A 27 9.54 3.75 -11.16
CA GLU A 27 8.35 4.58 -11.30
C GLU A 27 7.98 5.23 -9.96
N VAL A 28 8.14 4.47 -8.87
CA VAL A 28 7.66 4.79 -7.54
C VAL A 28 7.90 6.25 -7.14
N ALA A 29 9.15 6.72 -7.05
CA ALA A 29 9.39 8.03 -6.45
C ALA A 29 8.79 9.21 -7.24
N GLU A 30 8.42 9.02 -8.51
CA GLU A 30 7.67 10.00 -9.26
C GLU A 30 6.21 10.06 -8.80
N LEU A 31 5.69 8.93 -8.31
CA LEU A 31 4.32 8.79 -7.85
C LEU A 31 4.22 9.28 -6.42
N LEU A 32 5.21 8.94 -5.59
CA LEU A 32 5.27 9.28 -4.19
C LEU A 32 6.09 10.55 -4.02
N VAL A 33 5.47 11.64 -3.58
CA VAL A 33 6.12 12.92 -3.36
C VAL A 33 5.96 13.34 -1.90
N HIS A 34 4.85 12.96 -1.27
CA HIS A 34 4.57 13.27 0.12
C HIS A 34 5.20 12.19 0.97
N SER A 35 5.86 12.55 2.07
CA SER A 35 6.39 11.62 3.04
C SER A 35 5.25 10.91 3.76
N GLY A 36 4.72 9.87 3.15
CA GLY A 36 3.49 9.23 3.53
C GLY A 36 2.72 8.62 2.37
N ASP A 37 3.00 9.04 1.13
CA ASP A 37 2.44 8.52 -0.11
C ASP A 37 2.79 7.05 -0.21
N PHE A 38 1.82 6.20 -0.56
CA PHE A 38 2.00 4.77 -0.72
C PHE A 38 1.26 4.23 -1.96
N LEU A 39 1.73 3.09 -2.48
CA LEU A 39 1.12 2.30 -3.56
C LEU A 39 1.48 0.81 -3.35
N VAL A 40 0.80 -0.11 -4.03
CA VAL A 40 0.92 -1.57 -3.79
C VAL A 40 1.30 -2.25 -5.09
N ARG A 41 2.59 -2.26 -5.42
CA ARG A 41 3.04 -2.72 -6.73
C ARG A 41 3.18 -4.23 -6.72
N GLU A 42 3.16 -4.87 -7.88
CA GLU A 42 3.61 -6.26 -7.97
C GLU A 42 5.13 -6.31 -8.07
N SER A 43 5.68 -7.50 -7.84
CA SER A 43 7.05 -7.85 -8.09
C SER A 43 7.39 -7.76 -9.58
N GLN A 44 8.64 -8.11 -9.90
CA GLN A 44 9.14 -8.27 -11.25
C GLN A 44 8.62 -9.59 -11.86
N GLY A 45 7.31 -9.74 -11.99
CA GLY A 45 6.70 -10.91 -12.59
C GLY A 45 6.77 -12.12 -11.66
N LYS A 46 6.18 -12.01 -10.48
CA LYS A 46 5.90 -13.10 -9.56
C LYS A 46 4.40 -13.03 -9.21
N GLN A 47 4.01 -13.49 -8.03
CA GLN A 47 2.62 -13.48 -7.58
C GLN A 47 2.58 -12.83 -6.19
N GLU A 48 3.33 -11.74 -6.03
CA GLU A 48 3.69 -11.16 -4.75
C GLU A 48 3.74 -9.65 -4.92
N TYR A 49 3.16 -8.92 -3.98
CA TYR A 49 3.16 -7.47 -3.99
C TYR A 49 4.27 -6.90 -3.12
N VAL A 50 4.57 -5.62 -3.30
CA VAL A 50 5.57 -4.84 -2.61
C VAL A 50 4.87 -3.56 -2.19
N LEU A 51 4.91 -3.27 -0.90
CA LEU A 51 4.52 -1.97 -0.40
C LEU A 51 5.60 -0.98 -0.78
N SER A 52 5.21 0.10 -1.44
CA SER A 52 6.11 1.17 -1.80
C SER A 52 5.51 2.45 -1.22
N VAL A 53 6.15 2.98 -0.18
CA VAL A 53 5.77 4.17 0.54
C VAL A 53 7.01 5.07 0.64
N LEU A 54 6.83 6.39 0.58
CA LEU A 54 7.91 7.38 0.66
C LEU A 54 7.97 7.79 2.11
N TRP A 55 9.13 7.65 2.74
CA TRP A 55 9.30 7.97 4.15
C TRP A 55 10.54 8.81 4.28
N ASP A 56 10.38 10.08 4.68
CA ASP A 56 11.45 11.09 4.67
C ASP A 56 12.21 11.11 3.33
N GLY A 57 11.45 11.25 2.24
CA GLY A 57 11.96 11.39 0.88
C GLY A 57 12.73 10.18 0.40
N LEU A 58 12.42 9.01 0.96
CA LEU A 58 13.02 7.73 0.63
C LEU A 58 11.88 6.77 0.32
N PRO A 59 11.69 6.39 -0.95
CA PRO A 59 10.72 5.39 -1.35
C PRO A 59 11.19 4.00 -0.87
N ARG A 60 10.93 3.64 0.38
CA ARG A 60 11.15 2.30 0.87
C ARG A 60 10.31 1.29 0.11
N HIS A 61 10.76 0.04 0.13
CA HIS A 61 10.15 -1.08 -0.52
C HIS A 61 10.11 -2.20 0.51
N PHE A 62 8.94 -2.55 1.02
CA PHE A 62 8.74 -3.66 1.94
C PHE A 62 7.78 -4.63 1.26
N ILE A 63 8.22 -5.85 0.92
CA ILE A 63 7.35 -6.90 0.38
C ILE A 63 6.10 -7.02 1.25
N ILE A 64 4.94 -7.15 0.61
CA ILE A 64 3.67 -7.31 1.30
C ILE A 64 3.74 -8.59 2.15
N GLN A 65 3.09 -8.52 3.29
CA GLN A 65 3.03 -9.57 4.31
C GLN A 65 2.40 -10.80 3.70
N SER A 66 2.55 -11.91 4.40
CA SER A 66 1.69 -13.05 4.27
C SER A 66 1.97 -13.90 5.49
N LEU A 67 1.08 -14.83 5.69
CA LEU A 67 1.22 -16.00 6.55
C LEU A 67 0.61 -17.20 5.82
N ASP A 68 -0.51 -17.76 6.29
CA ASP A 68 -1.27 -18.75 5.53
C ASP A 68 -2.07 -18.02 4.45
N ASN A 69 -3.01 -17.19 4.90
CA ASN A 69 -4.16 -16.73 4.12
C ASN A 69 -4.52 -15.27 4.40
N LEU A 70 -3.70 -14.59 5.21
CA LEU A 70 -3.92 -13.25 5.72
C LEU A 70 -2.65 -12.44 5.46
N TYR A 71 -2.64 -11.17 5.87
CA TYR A 71 -1.51 -10.26 5.75
C TYR A 71 -1.38 -9.53 7.08
N ARG A 72 -0.21 -9.56 7.76
CA ARG A 72 -0.03 -8.97 9.10
C ARG A 72 1.29 -8.25 9.19
N LEU A 73 1.36 -7.03 9.74
CA LEU A 73 2.63 -6.30 9.86
C LEU A 73 2.91 -5.79 11.25
N GLU A 74 1.96 -5.08 11.86
CA GLU A 74 2.08 -4.60 13.24
C GLU A 74 1.32 -5.60 14.12
N GLY A 75 0.01 -5.60 13.99
CA GLY A 75 -0.93 -6.42 14.74
C GLY A 75 -1.26 -7.71 13.99
N GLU A 76 -2.49 -8.17 14.15
CA GLU A 76 -3.04 -9.37 13.52
C GLU A 76 -3.07 -9.29 11.99
N GLY A 77 -3.42 -10.42 11.37
CA GLY A 77 -3.72 -10.48 9.96
C GLY A 77 -5.13 -10.00 9.63
N PHE A 78 -5.32 -9.63 8.36
CA PHE A 78 -6.63 -9.43 7.75
C PHE A 78 -6.69 -10.23 6.44
N PRO A 79 -7.89 -10.58 5.95
CA PRO A 79 -8.10 -11.39 4.75
C PRO A 79 -7.92 -10.60 3.45
N SER A 80 -7.81 -9.28 3.50
CA SER A 80 -7.56 -8.43 2.34
C SER A 80 -6.39 -7.52 2.70
N ILE A 81 -5.62 -7.15 1.69
CA ILE A 81 -4.61 -6.11 1.82
C ILE A 81 -5.33 -4.79 2.15
N PRO A 82 -6.41 -4.39 1.45
CA PRO A 82 -7.06 -3.11 1.72
C PRO A 82 -7.65 -3.00 3.13
N LEU A 83 -8.08 -4.13 3.70
CA LEU A 83 -8.50 -4.26 5.09
C LEU A 83 -7.36 -3.97 6.06
N LEU A 84 -6.17 -4.49 5.79
CA LEU A 84 -5.00 -4.27 6.63
C LEU A 84 -4.54 -2.82 6.53
N ILE A 85 -4.57 -2.24 5.31
CA ILE A 85 -4.26 -0.84 5.10
C ILE A 85 -5.08 -0.01 6.07
N ASP A 86 -6.38 -0.26 6.21
CA ASP A 86 -7.20 0.63 7.02
C ASP A 86 -6.80 0.59 8.48
N HIS A 87 -6.47 -0.59 9.01
CA HIS A 87 -6.06 -0.68 10.40
C HIS A 87 -4.62 -0.20 10.62
N LEU A 88 -3.85 0.07 9.57
CA LEU A 88 -2.62 0.85 9.70
C LEU A 88 -2.88 2.34 9.49
N LEU A 89 -3.78 2.71 8.59
CA LEU A 89 -4.03 4.09 8.21
C LEU A 89 -4.79 4.79 9.31
N SER A 90 -5.82 4.14 9.85
CA SER A 90 -6.72 4.76 10.80
C SER A 90 -6.11 4.77 12.21
N THR A 91 -4.94 4.12 12.38
CA THR A 91 -4.20 3.99 13.62
C THR A 91 -2.90 4.79 13.53
N GLN A 92 -2.39 4.96 12.30
CA GLN A 92 -1.12 5.62 11.97
C GLN A 92 0.05 4.76 12.49
N GLN A 93 -0.11 3.44 12.38
CA GLN A 93 0.85 2.47 12.91
C GLN A 93 2.01 2.21 11.95
N PRO A 94 3.16 1.77 12.50
CA PRO A 94 4.39 1.54 11.75
C PRO A 94 4.47 0.19 11.02
N LEU A 95 5.35 0.15 10.02
CA LEU A 95 5.66 -1.05 9.22
C LEU A 95 6.82 -1.88 9.75
N THR A 96 7.79 -1.27 10.43
CA THR A 96 9.02 -1.96 10.80
C THR A 96 9.58 -1.32 12.08
N LYS A 97 10.25 -2.14 12.90
CA LYS A 97 11.05 -1.66 14.03
C LYS A 97 12.26 -0.84 13.61
N LYS A 98 12.65 -0.89 12.33
CA LYS A 98 13.66 -0.01 11.79
C LYS A 98 13.02 1.35 11.57
N SER A 99 12.44 1.54 10.39
CA SER A 99 12.17 2.87 9.87
C SER A 99 10.84 3.46 10.35
N GLY A 100 10.05 2.72 11.14
CA GLY A 100 8.84 3.22 11.80
C GLY A 100 7.79 3.78 10.86
N VAL A 101 7.90 3.51 9.55
CA VAL A 101 7.10 4.05 8.47
C VAL A 101 5.61 3.99 8.78
N VAL A 102 4.88 5.11 8.74
CA VAL A 102 3.42 5.08 8.95
C VAL A 102 2.70 5.35 7.62
N LEU A 103 1.44 4.92 7.48
CA LEU A 103 0.61 5.28 6.33
C LEU A 103 0.05 6.67 6.56
N HIS A 104 0.06 7.50 5.53
CA HIS A 104 -0.37 8.90 5.65
C HIS A 104 -1.12 9.35 4.40
N ARG A 105 -0.74 8.90 3.19
CA ARG A 105 -1.38 9.33 1.95
C ARG A 105 -1.38 8.20 0.94
N ALA A 106 -2.44 8.06 0.15
CA ALA A 106 -2.53 7.02 -0.87
C ALA A 106 -2.44 7.67 -2.24
N VAL A 107 -1.62 7.14 -3.14
CA VAL A 107 -1.47 7.66 -4.50
C VAL A 107 -2.65 7.15 -5.34
N PRO A 108 -3.58 8.01 -5.79
CA PRO A 108 -4.81 7.58 -6.42
C PRO A 108 -4.69 7.46 -7.94
N SER A 109 -4.59 6.22 -8.43
CA SER A 109 -4.32 5.86 -9.83
C SER A 109 -5.59 5.61 -10.64
N GLY A 110 -6.74 5.48 -9.97
CA GLY A 110 -8.01 5.13 -10.58
C GLY A 110 -8.48 3.77 -10.07
N PRO A 111 -9.68 3.32 -10.51
CA PRO A 111 -10.30 2.09 -10.05
C PRO A 111 -9.59 0.86 -10.62
N SER A 112 -9.06 0.95 -11.83
CA SER A 112 -8.80 -0.17 -12.70
C SER A 112 -7.34 -0.13 -13.14
N SER A 113 -6.53 -0.88 -12.40
CA SER A 113 -5.09 -1.06 -12.53
C SER A 113 -4.70 -1.22 -13.99
N GLY A 114 -3.77 -0.38 -14.47
CA GLY A 114 -3.28 -0.42 -15.85
C GLY A 114 -4.22 0.39 -16.71
N GLY A 1 -21.85 17.36 -7.02
CA GLY A 1 -21.52 16.00 -6.59
C GLY A 1 -20.52 15.38 -7.52
N SER A 2 -19.27 15.22 -7.10
CA SER A 2 -18.22 14.58 -7.89
C SER A 2 -17.58 13.47 -7.05
N SER A 3 -16.66 13.83 -6.15
CA SER A 3 -15.96 12.91 -5.27
C SER A 3 -16.94 12.33 -4.26
N GLY A 4 -17.05 11.00 -4.20
CA GLY A 4 -18.02 10.30 -3.36
C GLY A 4 -17.74 8.82 -3.26
N SER A 5 -18.52 8.13 -2.40
CA SER A 5 -18.51 6.68 -2.16
C SER A 5 -17.26 6.17 -1.43
N SER A 6 -16.36 7.04 -0.97
CA SER A 6 -15.06 6.69 -0.40
C SER A 6 -15.13 5.71 0.78
N GLY A 7 -14.00 5.09 1.12
CA GLY A 7 -13.77 4.36 2.37
C GLY A 7 -13.50 2.88 2.10
N GLU A 8 -12.48 2.61 1.29
CA GLU A 8 -12.30 1.43 0.45
C GLU A 8 -11.89 0.14 1.18
N VAL A 9 -12.15 0.01 2.46
CA VAL A 9 -11.66 -1.09 3.27
C VAL A 9 -12.27 -2.41 2.81
N GLN A 10 -13.60 -2.45 2.70
CA GLN A 10 -14.35 -3.67 2.44
C GLN A 10 -14.44 -3.95 0.94
N LYS A 11 -14.01 -2.99 0.11
CA LYS A 11 -13.93 -3.12 -1.34
C LYS A 11 -12.92 -4.21 -1.72
N PRO A 12 -12.95 -4.71 -2.97
CA PRO A 12 -11.93 -5.63 -3.43
C PRO A 12 -10.62 -4.87 -3.57
N LEU A 13 -9.53 -5.61 -3.67
CA LEU A 13 -8.22 -5.07 -3.99
C LEU A 13 -8.20 -4.52 -5.41
N HIS A 14 -8.94 -5.15 -6.34
CA HIS A 14 -8.85 -4.78 -7.75
C HIS A 14 -9.51 -3.42 -8.06
N GLU A 15 -10.13 -2.74 -7.09
CA GLU A 15 -10.83 -1.49 -7.27
C GLU A 15 -10.12 -0.38 -6.46
N GLN A 16 -9.00 -0.71 -5.80
CA GLN A 16 -8.28 0.21 -4.94
C GLN A 16 -7.60 1.30 -5.77
N LEU A 17 -7.18 2.34 -5.06
CA LEU A 17 -6.70 3.61 -5.60
C LEU A 17 -5.19 3.56 -5.63
N TRP A 18 -4.59 3.17 -4.50
CA TRP A 18 -3.16 2.95 -4.36
C TRP A 18 -2.68 1.70 -5.10
N TYR A 19 -3.57 0.86 -5.64
CA TYR A 19 -3.16 -0.36 -6.33
C TYR A 19 -2.74 -0.07 -7.78
N HIS A 20 -1.50 0.42 -8.00
CA HIS A 20 -1.09 0.83 -9.35
C HIS A 20 -0.87 -0.39 -10.28
N GLY A 21 -0.44 -1.55 -9.77
CA GLY A 21 -0.24 -2.78 -10.50
C GLY A 21 1.24 -3.12 -10.52
N ALA A 22 1.70 -3.71 -11.59
CA ALA A 22 3.03 -4.32 -11.78
C ALA A 22 4.17 -3.33 -12.04
N ILE A 23 4.13 -2.21 -11.33
CA ILE A 23 5.05 -1.07 -11.50
C ILE A 23 6.48 -1.40 -10.99
N PRO A 24 7.54 -0.88 -11.62
CA PRO A 24 8.93 -0.97 -11.17
C PRO A 24 9.21 -0.08 -9.95
N ARG A 25 10.28 -0.35 -9.18
CA ARG A 25 10.62 0.52 -8.05
C ARG A 25 10.93 1.95 -8.52
N ALA A 26 11.51 2.10 -9.71
CA ALA A 26 11.99 3.37 -10.21
C ALA A 26 10.85 4.37 -10.40
N GLU A 27 9.65 3.89 -10.75
CA GLU A 27 8.49 4.73 -11.02
C GLU A 27 7.92 5.32 -9.75
N VAL A 28 7.96 4.58 -8.64
CA VAL A 28 7.47 4.96 -7.33
C VAL A 28 7.75 6.43 -7.02
N ALA A 29 9.01 6.85 -6.99
CA ALA A 29 9.35 8.20 -6.51
C ALA A 29 8.82 9.35 -7.36
N GLU A 30 8.35 9.09 -8.58
CA GLU A 30 7.63 10.06 -9.40
C GLU A 30 6.22 10.26 -8.84
N LEU A 31 5.60 9.17 -8.36
CA LEU A 31 4.20 9.10 -7.98
C LEU A 31 4.03 9.63 -6.56
N LEU A 32 4.96 9.25 -5.67
CA LEU A 32 4.96 9.67 -4.28
C LEU A 32 5.69 11.01 -4.21
N VAL A 33 5.12 11.99 -3.53
CA VAL A 33 5.65 13.35 -3.52
C VAL A 33 5.75 13.89 -2.08
N HIS A 34 4.80 13.52 -1.22
CA HIS A 34 4.75 13.96 0.16
C HIS A 34 5.17 12.79 1.05
N SER A 35 5.69 13.03 2.25
CA SER A 35 5.94 11.94 3.19
C SER A 35 4.60 11.33 3.56
N GLY A 36 4.36 10.09 3.15
CA GLY A 36 3.21 9.30 3.51
C GLY A 36 2.41 8.74 2.33
N ASP A 37 2.57 9.29 1.13
CA ASP A 37 2.13 8.75 -0.16
C ASP A 37 2.62 7.31 -0.27
N PHE A 38 1.74 6.33 -0.22
CA PHE A 38 2.08 4.94 -0.51
C PHE A 38 1.31 4.48 -1.75
N LEU A 39 1.87 3.46 -2.40
CA LEU A 39 1.22 2.69 -3.43
C LEU A 39 1.55 1.23 -3.17
N VAL A 40 0.76 0.35 -3.76
CA VAL A 40 0.98 -1.07 -3.76
C VAL A 40 1.26 -1.45 -5.22
N ARG A 41 2.30 -2.27 -5.39
CA ARG A 41 2.80 -2.67 -6.68
C ARG A 41 2.98 -4.19 -6.69
N GLU A 42 3.28 -4.80 -7.83
CA GLU A 42 3.50 -6.24 -7.94
C GLU A 42 4.96 -6.55 -8.33
N SER A 43 5.36 -7.80 -8.14
CA SER A 43 6.70 -8.33 -8.34
C SER A 43 7.14 -8.34 -9.81
N GLN A 44 8.37 -8.81 -10.05
CA GLN A 44 8.86 -9.09 -11.39
C GLN A 44 8.17 -10.29 -12.05
N GLY A 45 7.32 -11.02 -11.32
CA GLY A 45 6.74 -12.29 -11.74
C GLY A 45 7.08 -13.37 -10.73
N LYS A 46 6.55 -13.22 -9.52
CA LYS A 46 6.68 -14.11 -8.35
C LYS A 46 5.33 -14.38 -7.69
N GLN A 47 4.27 -13.79 -8.23
CA GLN A 47 2.94 -13.74 -7.65
C GLN A 47 2.99 -13.07 -6.26
N GLU A 48 3.77 -12.00 -6.10
CA GLU A 48 3.96 -11.32 -4.81
C GLU A 48 3.79 -9.81 -4.97
N TYR A 49 3.21 -9.12 -4.00
CA TYR A 49 3.04 -7.67 -3.99
C TYR A 49 4.10 -6.98 -3.12
N VAL A 50 4.31 -5.68 -3.33
CA VAL A 50 5.24 -4.83 -2.59
C VAL A 50 4.48 -3.54 -2.23
N LEU A 51 4.68 -3.05 -1.02
CA LEU A 51 4.22 -1.76 -0.53
C LEU A 51 5.35 -0.76 -0.73
N SER A 52 5.09 0.42 -1.27
CA SER A 52 6.12 1.43 -1.54
C SER A 52 5.64 2.78 -0.98
N VAL A 53 6.40 3.41 -0.09
CA VAL A 53 6.10 4.73 0.48
C VAL A 53 7.36 5.60 0.47
N LEU A 54 7.22 6.90 0.29
CA LEU A 54 8.25 7.92 0.44
C LEU A 54 8.33 8.24 1.93
N TRP A 55 9.49 8.03 2.55
CA TRP A 55 9.71 8.33 3.94
C TRP A 55 11.01 9.12 3.95
N ASP A 56 10.94 10.41 4.27
CA ASP A 56 12.03 11.37 4.24
C ASP A 56 12.66 11.47 2.85
N GLY A 57 11.82 11.53 1.81
CA GLY A 57 12.24 11.63 0.42
C GLY A 57 12.84 10.33 -0.12
N LEU A 58 12.74 9.23 0.63
CA LEU A 58 13.28 7.94 0.28
C LEU A 58 12.10 7.00 0.06
N PRO A 59 11.83 6.61 -1.19
CA PRO A 59 10.82 5.62 -1.50
C PRO A 59 11.31 4.28 -0.97
N ARG A 60 10.92 3.93 0.26
CA ARG A 60 11.11 2.60 0.79
C ARG A 60 10.28 1.65 -0.06
N HIS A 61 10.58 0.36 0.09
CA HIS A 61 9.75 -0.70 -0.45
C HIS A 61 9.84 -1.83 0.57
N PHE A 62 8.70 -2.32 1.03
CA PHE A 62 8.59 -3.48 1.92
C PHE A 62 7.69 -4.46 1.19
N ILE A 63 8.07 -5.74 1.12
CA ILE A 63 7.22 -6.76 0.50
C ILE A 63 5.93 -6.83 1.32
N ILE A 64 4.79 -6.99 0.65
CA ILE A 64 3.52 -7.21 1.30
C ILE A 64 3.58 -8.54 2.06
N GLN A 65 2.92 -8.49 3.21
CA GLN A 65 2.77 -9.55 4.19
C GLN A 65 2.17 -10.80 3.57
N SER A 66 2.27 -11.93 4.25
CA SER A 66 1.59 -13.18 3.97
C SER A 66 2.08 -14.17 5.03
N LEU A 67 1.17 -14.94 5.61
CA LEU A 67 1.47 -15.81 6.75
C LEU A 67 0.79 -17.17 6.66
N ASP A 68 -0.45 -17.24 6.17
CA ASP A 68 -1.08 -18.54 5.94
C ASP A 68 -2.23 -18.37 4.97
N ASN A 69 -3.16 -17.48 5.31
CA ASN A 69 -4.32 -17.12 4.50
C ASN A 69 -4.76 -15.69 4.84
N LEU A 70 -3.81 -14.85 5.26
CA LEU A 70 -4.03 -13.50 5.75
C LEU A 70 -2.87 -12.61 5.26
N TYR A 71 -2.86 -11.35 5.68
CA TYR A 71 -1.73 -10.43 5.54
C TYR A 71 -1.64 -9.69 6.86
N ARG A 72 -0.47 -9.59 7.49
CA ARG A 72 -0.27 -8.91 8.77
C ARG A 72 1.12 -8.31 8.86
N LEU A 73 1.30 -7.12 9.43
CA LEU A 73 2.62 -6.47 9.43
C LEU A 73 3.10 -6.29 10.85
N GLU A 74 2.45 -5.42 11.61
CA GLU A 74 2.77 -5.14 13.00
C GLU A 74 1.74 -5.76 13.95
N GLY A 75 0.54 -6.01 13.44
CA GLY A 75 -0.65 -6.38 14.17
C GLY A 75 -1.18 -7.74 13.69
N GLU A 76 -2.44 -8.06 13.98
CA GLU A 76 -3.10 -9.26 13.49
C GLU A 76 -3.30 -9.18 11.98
N GLY A 77 -3.71 -10.29 11.35
CA GLY A 77 -3.93 -10.35 9.92
C GLY A 77 -5.37 -10.14 9.52
N PHE A 78 -5.58 -9.93 8.21
CA PHE A 78 -6.89 -9.76 7.58
C PHE A 78 -6.94 -10.55 6.27
N PRO A 79 -8.14 -10.86 5.74
CA PRO A 79 -8.38 -11.69 4.55
C PRO A 79 -8.20 -10.92 3.23
N SER A 80 -7.84 -9.64 3.30
CA SER A 80 -7.62 -8.75 2.16
C SER A 80 -6.46 -7.85 2.56
N ILE A 81 -5.69 -7.40 1.58
CA ILE A 81 -4.71 -6.35 1.77
C ILE A 81 -5.45 -5.05 2.12
N PRO A 82 -6.51 -4.63 1.40
CA PRO A 82 -7.15 -3.33 1.66
C PRO A 82 -7.78 -3.24 3.05
N LEU A 83 -8.19 -4.38 3.63
CA LEU A 83 -8.63 -4.48 5.01
C LEU A 83 -7.50 -4.14 5.98
N LEU A 84 -6.32 -4.69 5.74
CA LEU A 84 -5.16 -4.48 6.60
C LEU A 84 -4.68 -3.04 6.48
N ILE A 85 -4.78 -2.46 5.28
CA ILE A 85 -4.48 -1.06 5.06
C ILE A 85 -5.24 -0.22 6.08
N ASP A 86 -6.53 -0.42 6.35
CA ASP A 86 -7.26 0.45 7.28
C ASP A 86 -6.71 0.34 8.70
N HIS A 87 -6.45 -0.89 9.16
CA HIS A 87 -5.90 -1.12 10.49
C HIS A 87 -4.46 -0.60 10.62
N LEU A 88 -3.83 -0.15 9.54
CA LEU A 88 -2.62 0.66 9.59
C LEU A 88 -2.87 2.15 9.33
N LEU A 89 -3.81 2.50 8.45
CA LEU A 89 -4.02 3.85 7.94
C LEU A 89 -4.80 4.68 8.93
N SER A 90 -5.71 4.04 9.65
CA SER A 90 -6.52 4.70 10.65
C SER A 90 -5.88 4.58 12.03
N THR A 91 -4.69 3.96 12.13
CA THR A 91 -3.98 3.73 13.37
C THR A 91 -2.60 4.41 13.34
N GLN A 92 -2.03 4.61 12.15
CA GLN A 92 -0.74 5.25 11.94
C GLN A 92 0.37 4.41 12.58
N GLN A 93 0.15 3.08 12.59
CA GLN A 93 1.08 2.12 13.18
C GLN A 93 2.38 2.08 12.39
N PRO A 94 3.52 1.81 13.05
CA PRO A 94 4.79 1.64 12.39
C PRO A 94 4.82 0.30 11.65
N LEU A 95 5.35 0.31 10.43
CA LEU A 95 5.44 -0.84 9.54
C LEU A 95 6.49 -1.84 10.03
N THR A 96 7.63 -1.33 10.49
CA THR A 96 8.72 -2.14 10.98
C THR A 96 9.48 -1.29 11.98
N LYS A 97 9.97 -1.87 13.07
CA LYS A 97 10.85 -1.18 14.01
C LYS A 97 12.14 -0.74 13.34
N LYS A 98 12.50 -1.32 12.18
CA LYS A 98 13.69 -0.91 11.44
C LYS A 98 13.59 0.47 10.84
N SER A 99 12.40 1.03 10.66
CA SER A 99 12.30 2.33 10.03
C SER A 99 11.13 3.18 10.54
N GLY A 100 10.19 2.63 11.31
CA GLY A 100 9.06 3.34 11.93
C GLY A 100 8.07 3.96 10.95
N VAL A 101 8.17 3.67 9.65
CA VAL A 101 7.28 4.09 8.57
C VAL A 101 5.82 3.91 8.96
N VAL A 102 4.90 4.75 8.48
CA VAL A 102 3.45 4.56 8.65
C VAL A 102 2.75 4.69 7.27
N LEU A 103 1.44 4.44 7.17
CA LEU A 103 0.63 4.85 6.02
C LEU A 103 0.02 6.23 6.33
N HIS A 104 -0.04 7.15 5.36
CA HIS A 104 -0.50 8.52 5.63
C HIS A 104 -1.26 9.14 4.45
N ARG A 105 -0.94 8.80 3.20
CA ARG A 105 -1.61 9.30 1.99
C ARG A 105 -1.52 8.19 0.95
N ALA A 106 -2.47 8.12 0.03
CA ALA A 106 -2.46 7.14 -1.05
C ALA A 106 -2.37 7.89 -2.38
N VAL A 107 -1.67 7.34 -3.36
CA VAL A 107 -1.66 7.84 -4.72
C VAL A 107 -2.86 7.22 -5.45
N PRO A 108 -3.81 8.02 -5.97
CA PRO A 108 -4.96 7.51 -6.70
C PRO A 108 -4.64 7.23 -8.17
N SER A 109 -4.68 5.95 -8.56
CA SER A 109 -4.41 5.50 -9.93
C SER A 109 -5.70 5.07 -10.67
N GLY A 110 -6.83 4.95 -9.97
CA GLY A 110 -8.13 4.64 -10.55
C GLY A 110 -8.40 3.12 -10.59
N PRO A 111 -9.65 2.69 -10.82
CA PRO A 111 -10.09 1.32 -10.51
C PRO A 111 -9.68 0.25 -11.56
N SER A 112 -8.69 0.51 -12.41
CA SER A 112 -8.11 -0.48 -13.31
C SER A 112 -6.60 -0.38 -13.22
N SER A 113 -5.90 -1.49 -13.47
CA SER A 113 -4.45 -1.58 -13.37
C SER A 113 -3.99 -2.78 -14.19
N GLY A 114 -3.14 -2.58 -15.19
CA GLY A 114 -2.62 -3.66 -15.99
C GLY A 114 -1.43 -3.21 -16.80
N GLY A 1 -17.00 6.01 -7.94
CA GLY A 1 -18.36 6.23 -7.43
C GLY A 1 -18.58 7.72 -7.27
N SER A 2 -19.61 8.26 -7.92
CA SER A 2 -19.65 9.63 -8.41
C SER A 2 -19.60 10.77 -7.39
N SER A 3 -19.71 10.48 -6.09
CA SER A 3 -19.54 11.49 -5.05
C SER A 3 -18.61 10.99 -3.92
N GLY A 4 -18.07 9.78 -4.02
CA GLY A 4 -17.32 9.12 -2.96
C GLY A 4 -15.85 9.13 -3.29
N SER A 5 -15.06 9.84 -2.48
CA SER A 5 -13.62 9.98 -2.68
C SER A 5 -12.82 9.14 -1.70
N SER A 6 -13.46 8.38 -0.81
CA SER A 6 -12.82 7.38 0.04
C SER A 6 -13.86 6.28 0.35
N GLY A 7 -13.55 5.38 1.29
CA GLY A 7 -14.48 4.36 1.77
C GLY A 7 -14.34 3.08 0.95
N GLU A 8 -13.11 2.60 0.77
CA GLU A 8 -12.76 1.50 -0.11
C GLU A 8 -12.04 0.35 0.60
N VAL A 9 -12.10 0.32 1.94
CA VAL A 9 -11.54 -0.71 2.79
C VAL A 9 -12.12 -2.06 2.39
N GLN A 10 -13.45 -2.15 2.32
CA GLN A 10 -14.17 -3.41 2.23
C GLN A 10 -14.42 -3.81 0.78
N LYS A 11 -14.15 -2.92 -0.16
CA LYS A 11 -14.03 -3.29 -1.56
C LYS A 11 -12.91 -4.33 -1.73
N PRO A 12 -12.90 -5.12 -2.80
CA PRO A 12 -11.81 -6.03 -3.08
C PRO A 12 -10.54 -5.25 -3.43
N LEU A 13 -9.41 -5.95 -3.41
CA LEU A 13 -8.13 -5.44 -3.89
C LEU A 13 -8.23 -5.05 -5.36
N HIS A 14 -9.00 -5.80 -6.17
CA HIS A 14 -9.06 -5.55 -7.60
C HIS A 14 -9.85 -4.28 -7.97
N GLU A 15 -10.40 -3.55 -6.98
CA GLU A 15 -11.17 -2.32 -7.17
C GLU A 15 -10.45 -1.11 -6.55
N GLN A 16 -9.23 -1.28 -6.01
CA GLN A 16 -8.52 -0.25 -5.25
C GLN A 16 -8.03 0.90 -6.12
N LEU A 17 -7.48 1.92 -5.46
CA LEU A 17 -7.01 3.15 -6.05
C LEU A 17 -5.50 3.20 -6.00
N TRP A 18 -4.89 2.82 -4.86
CA TRP A 18 -3.45 2.70 -4.64
C TRP A 18 -2.82 1.43 -5.23
N TYR A 19 -3.63 0.55 -5.79
CA TYR A 19 -3.14 -0.63 -6.46
C TYR A 19 -2.72 -0.28 -7.88
N HIS A 20 -1.42 -0.09 -8.15
CA HIS A 20 -0.93 0.30 -9.47
C HIS A 20 -0.79 -0.90 -10.44
N GLY A 21 -0.92 -2.13 -9.97
CA GLY A 21 -0.56 -3.31 -10.72
C GLY A 21 0.93 -3.52 -10.50
N ALA A 22 1.65 -3.76 -11.56
CA ALA A 22 2.99 -4.34 -11.55
C ALA A 22 4.06 -3.41 -12.12
N ILE A 23 4.46 -2.43 -11.32
CA ILE A 23 5.32 -1.30 -11.70
C ILE A 23 6.77 -1.58 -11.27
N PRO A 24 7.81 -1.05 -11.95
CA PRO A 24 9.20 -1.10 -11.50
C PRO A 24 9.46 -0.18 -10.30
N ARG A 25 10.56 -0.38 -9.56
CA ARG A 25 10.82 0.47 -8.39
C ARG A 25 11.03 1.94 -8.78
N ALA A 26 11.61 2.23 -9.95
CA ALA A 26 12.04 3.60 -10.23
C ALA A 26 10.83 4.53 -10.32
N GLU A 27 9.74 4.03 -10.90
CA GLU A 27 8.49 4.76 -11.11
C GLU A 27 7.90 5.20 -9.78
N VAL A 28 8.12 4.44 -8.70
CA VAL A 28 7.60 4.75 -7.38
C VAL A 28 7.87 6.21 -7.02
N ALA A 29 9.13 6.63 -6.95
CA ALA A 29 9.45 7.95 -6.40
C ALA A 29 9.00 9.09 -7.31
N GLU A 30 8.64 8.77 -8.55
CA GLU A 30 8.02 9.67 -9.48
C GLU A 30 6.55 9.89 -9.08
N LEU A 31 5.88 8.83 -8.61
CA LEU A 31 4.49 8.86 -8.15
C LEU A 31 4.39 9.61 -6.82
N LEU A 32 5.27 9.28 -5.87
CA LEU A 32 5.19 9.79 -4.51
C LEU A 32 5.73 11.22 -4.47
N VAL A 33 5.27 11.99 -3.49
CA VAL A 33 5.41 13.44 -3.45
C VAL A 33 5.60 13.89 -2.01
N HIS A 34 4.86 13.33 -1.07
CA HIS A 34 4.89 13.70 0.34
C HIS A 34 5.12 12.46 1.18
N SER A 35 5.64 12.63 2.40
CA SER A 35 5.83 11.49 3.28
C SER A 35 4.46 10.86 3.56
N GLY A 36 4.41 9.54 3.51
CA GLY A 36 3.20 8.78 3.69
C GLY A 36 2.53 8.38 2.39
N ASP A 37 2.91 8.97 1.24
CA ASP A 37 2.43 8.53 -0.06
C ASP A 37 2.82 7.07 -0.22
N PHE A 38 1.87 6.22 -0.60
CA PHE A 38 2.08 4.79 -0.79
C PHE A 38 1.33 4.30 -2.02
N LEU A 39 1.80 3.17 -2.56
CA LEU A 39 1.09 2.31 -3.49
C LEU A 39 1.40 0.86 -3.13
N VAL A 40 0.65 -0.07 -3.73
CA VAL A 40 1.01 -1.47 -3.81
C VAL A 40 1.37 -1.71 -5.26
N ARG A 41 2.56 -2.27 -5.47
CA ARG A 41 3.00 -2.76 -6.77
C ARG A 41 3.13 -4.27 -6.69
N GLU A 42 3.11 -4.95 -7.82
CA GLU A 42 3.44 -6.36 -7.94
C GLU A 42 4.91 -6.50 -8.36
N SER A 43 5.44 -7.70 -8.19
CA SER A 43 6.76 -8.19 -8.55
C SER A 43 7.03 -8.14 -10.06
N GLN A 44 8.11 -8.80 -10.47
CA GLN A 44 8.62 -8.90 -11.84
C GLN A 44 7.80 -9.85 -12.74
N GLY A 45 6.64 -10.34 -12.29
CA GLY A 45 5.79 -11.32 -12.97
C GLY A 45 5.52 -12.54 -12.09
N LYS A 46 5.35 -12.34 -10.78
CA LYS A 46 5.12 -13.39 -9.77
C LYS A 46 4.02 -12.93 -8.82
N GLN A 47 3.45 -13.82 -8.02
CA GLN A 47 2.32 -13.52 -7.12
C GLN A 47 2.74 -12.78 -5.83
N GLU A 48 3.75 -11.90 -5.89
CA GLU A 48 4.30 -11.18 -4.78
C GLU A 48 3.96 -9.71 -5.00
N TYR A 49 3.49 -9.05 -3.94
CA TYR A 49 3.32 -7.60 -3.94
C TYR A 49 4.41 -6.95 -3.08
N VAL A 50 4.65 -5.67 -3.31
CA VAL A 50 5.61 -4.83 -2.61
C VAL A 50 4.86 -3.56 -2.23
N LEU A 51 4.95 -3.18 -0.96
CA LEU A 51 4.56 -1.89 -0.49
C LEU A 51 5.66 -0.91 -0.88
N SER A 52 5.29 0.18 -1.52
CA SER A 52 6.22 1.23 -1.88
C SER A 52 5.64 2.52 -1.30
N VAL A 53 6.24 3.03 -0.23
CA VAL A 53 5.81 4.20 0.53
C VAL A 53 6.99 5.16 0.69
N LEU A 54 6.75 6.46 0.64
CA LEU A 54 7.75 7.51 0.82
C LEU A 54 7.82 7.78 2.31
N TRP A 55 8.99 7.60 2.94
CA TRP A 55 9.20 8.05 4.31
C TRP A 55 10.45 8.90 4.36
N ASP A 56 10.31 10.14 4.83
CA ASP A 56 11.36 11.15 4.95
C ASP A 56 12.27 11.21 3.72
N GLY A 57 11.68 11.52 2.56
CA GLY A 57 12.41 11.75 1.32
C GLY A 57 13.01 10.48 0.72
N LEU A 58 12.69 9.32 1.29
CA LEU A 58 13.23 8.02 0.89
C LEU A 58 12.06 7.06 0.62
N PRO A 59 11.75 6.75 -0.66
CA PRO A 59 10.84 5.70 -1.06
C PRO A 59 11.36 4.33 -0.60
N ARG A 60 10.86 3.83 0.53
CA ARG A 60 11.14 2.49 1.05
C ARG A 60 10.35 1.46 0.25
N HIS A 61 10.81 0.20 0.25
CA HIS A 61 10.13 -0.90 -0.42
C HIS A 61 10.14 -2.10 0.52
N PHE A 62 8.98 -2.42 1.11
CA PHE A 62 8.78 -3.54 2.02
C PHE A 62 7.87 -4.52 1.29
N ILE A 63 8.28 -5.79 1.10
CA ILE A 63 7.41 -6.81 0.50
C ILE A 63 6.12 -6.88 1.32
N ILE A 64 4.98 -6.93 0.63
CA ILE A 64 3.70 -7.09 1.29
C ILE A 64 3.74 -8.41 2.04
N GLN A 65 3.17 -8.34 3.22
CA GLN A 65 3.02 -9.40 4.19
C GLN A 65 2.34 -10.60 3.59
N SER A 66 2.38 -11.69 4.33
CA SER A 66 1.97 -12.98 3.87
C SER A 66 2.21 -13.93 5.02
N LEU A 67 1.23 -14.78 5.32
CA LEU A 67 1.44 -15.98 6.13
C LEU A 67 0.76 -17.19 5.48
N ASP A 68 -0.57 -17.20 5.43
CA ASP A 68 -1.40 -18.34 4.99
C ASP A 68 -2.52 -17.86 4.08
N ASN A 69 -3.33 -16.94 4.60
CA ASN A 69 -4.56 -16.43 3.99
C ASN A 69 -4.78 -14.96 4.36
N LEU A 70 -3.81 -14.37 5.07
CA LEU A 70 -3.91 -13.07 5.69
C LEU A 70 -2.61 -12.32 5.41
N TYR A 71 -2.56 -11.08 5.83
CA TYR A 71 -1.42 -10.20 5.64
C TYR A 71 -1.26 -9.51 7.00
N ARG A 72 -0.11 -9.61 7.67
CA ARG A 72 0.14 -9.02 9.00
C ARG A 72 1.47 -8.29 9.00
N LEU A 73 1.49 -7.00 9.36
CA LEU A 73 2.72 -6.19 9.31
C LEU A 73 3.25 -5.90 10.70
N GLU A 74 2.38 -5.93 11.71
CA GLU A 74 2.75 -5.61 13.07
C GLU A 74 2.07 -6.55 14.06
N GLY A 75 0.74 -6.47 14.19
CA GLY A 75 0.01 -7.07 15.29
C GLY A 75 -0.63 -8.37 14.84
N GLU A 76 -1.79 -8.27 14.22
CA GLU A 76 -2.54 -9.38 13.65
C GLU A 76 -2.63 -9.24 12.13
N GLY A 77 -3.29 -10.19 11.47
CA GLY A 77 -3.52 -10.16 10.04
C GLY A 77 -4.99 -10.00 9.68
N PHE A 78 -5.23 -9.58 8.43
CA PHE A 78 -6.56 -9.44 7.84
C PHE A 78 -6.63 -10.27 6.57
N PRO A 79 -7.84 -10.70 6.13
CA PRO A 79 -8.04 -11.59 4.99
C PRO A 79 -7.78 -10.92 3.64
N SER A 80 -7.62 -9.59 3.62
CA SER A 80 -7.42 -8.81 2.41
C SER A 80 -6.34 -7.79 2.72
N ILE A 81 -5.57 -7.40 1.71
CA ILE A 81 -4.62 -6.32 1.80
C ILE A 81 -5.39 -5.03 2.10
N PRO A 82 -6.47 -4.69 1.35
CA PRO A 82 -7.10 -3.38 1.49
C PRO A 82 -7.72 -3.17 2.88
N LEU A 83 -8.10 -4.26 3.53
CA LEU A 83 -8.65 -4.26 4.87
C LEU A 83 -7.59 -3.85 5.88
N LEU A 84 -6.36 -4.34 5.71
CA LEU A 84 -5.27 -4.05 6.64
C LEU A 84 -4.78 -2.62 6.47
N ILE A 85 -4.83 -2.09 5.26
CA ILE A 85 -4.45 -0.71 5.00
C ILE A 85 -5.16 0.21 5.99
N ASP A 86 -6.47 0.07 6.18
CA ASP A 86 -7.21 1.07 6.97
C ASP A 86 -6.77 1.04 8.42
N HIS A 87 -6.52 -0.15 8.95
CA HIS A 87 -6.10 -0.31 10.33
C HIS A 87 -4.68 0.18 10.53
N LEU A 88 -3.87 0.41 9.49
CA LEU A 88 -2.59 1.07 9.67
C LEU A 88 -2.75 2.56 9.43
N LEU A 89 -3.51 2.94 8.41
CA LEU A 89 -3.66 4.32 7.97
C LEU A 89 -4.36 5.13 9.04
N SER A 90 -5.42 4.57 9.60
CA SER A 90 -6.30 5.25 10.52
C SER A 90 -5.70 5.28 11.93
N THR A 91 -4.68 4.43 12.20
CA THR A 91 -4.07 4.26 13.51
C THR A 91 -2.66 4.86 13.54
N GLN A 92 -2.04 5.04 12.36
CA GLN A 92 -0.70 5.59 12.17
C GLN A 92 0.36 4.62 12.72
N GLN A 93 0.02 3.33 12.72
CA GLN A 93 0.89 2.30 13.26
C GLN A 93 2.14 2.13 12.38
N PRO A 94 3.31 1.87 12.99
CA PRO A 94 4.60 1.79 12.32
C PRO A 94 4.77 0.46 11.57
N LEU A 95 5.28 0.53 10.35
CA LEU A 95 5.43 -0.63 9.47
C LEU A 95 6.47 -1.61 9.97
N THR A 96 7.51 -1.14 10.65
CA THR A 96 8.46 -1.99 11.35
C THR A 96 9.22 -1.14 12.36
N LYS A 97 9.63 -1.76 13.47
CA LYS A 97 10.53 -1.22 14.49
C LYS A 97 11.85 -0.75 13.93
N LYS A 98 12.21 -1.09 12.68
CA LYS A 98 13.45 -0.65 12.06
C LYS A 98 13.38 0.75 11.46
N SER A 99 12.19 1.26 11.15
CA SER A 99 12.06 2.50 10.37
C SER A 99 10.91 3.40 10.82
N GLY A 100 9.84 2.86 11.42
CA GLY A 100 8.74 3.67 11.94
C GLY A 100 7.92 4.37 10.86
N VAL A 101 7.97 3.88 9.61
CA VAL A 101 7.11 4.33 8.52
C VAL A 101 5.65 4.21 8.96
N VAL A 102 4.78 5.12 8.57
CA VAL A 102 3.33 4.97 8.69
C VAL A 102 2.70 5.14 7.30
N LEU A 103 1.47 4.69 7.13
CA LEU A 103 0.66 4.91 5.94
C LEU A 103 -0.10 6.21 6.13
N HIS A 104 -0.21 7.03 5.09
CA HIS A 104 -0.81 8.35 5.24
C HIS A 104 -1.57 8.76 3.98
N ARG A 105 -0.94 8.66 2.81
CA ARG A 105 -1.51 9.12 1.56
C ARG A 105 -1.45 8.02 0.52
N ALA A 106 -2.51 7.87 -0.26
CA ALA A 106 -2.62 6.82 -1.26
C ALA A 106 -2.41 7.45 -2.63
N VAL A 107 -1.62 6.83 -3.51
CA VAL A 107 -1.44 7.29 -4.89
C VAL A 107 -2.54 6.68 -5.75
N PRO A 108 -3.54 7.45 -6.19
CA PRO A 108 -4.53 6.90 -7.09
C PRO A 108 -3.90 6.59 -8.45
N SER A 109 -4.21 5.41 -8.98
CA SER A 109 -4.10 5.06 -10.39
C SER A 109 -5.52 5.15 -10.97
N GLY A 110 -6.50 4.65 -10.20
CA GLY A 110 -7.87 4.44 -10.64
C GLY A 110 -8.16 2.94 -10.69
N PRO A 111 -9.42 2.57 -10.98
CA PRO A 111 -9.88 1.19 -11.02
C PRO A 111 -9.30 0.48 -12.26
N SER A 112 -8.14 -0.15 -12.10
CA SER A 112 -7.30 -0.67 -13.17
C SER A 112 -6.55 -1.90 -12.66
N SER A 113 -6.00 -2.73 -13.55
CA SER A 113 -5.33 -3.98 -13.18
C SER A 113 -4.25 -4.35 -14.20
N GLY A 114 -3.19 -5.03 -13.74
CA GLY A 114 -2.05 -5.43 -14.55
C GLY A 114 -0.84 -5.51 -13.67
N GLY A 1 -9.67 16.73 -8.16
CA GLY A 1 -10.54 15.93 -7.29
C GLY A 1 -10.46 16.43 -5.85
N SER A 2 -11.22 17.48 -5.54
CA SER A 2 -11.27 18.10 -4.22
C SER A 2 -12.00 17.18 -3.23
N SER A 3 -12.91 16.35 -3.74
CA SER A 3 -13.63 15.36 -2.97
C SER A 3 -12.64 14.31 -2.45
N GLY A 4 -13.04 13.58 -1.43
CA GLY A 4 -12.32 12.43 -0.92
C GLY A 4 -13.33 11.49 -0.28
N SER A 5 -12.95 10.23 -0.15
CA SER A 5 -13.79 9.17 0.37
C SER A 5 -13.02 8.43 1.48
N SER A 6 -11.72 8.22 1.25
CA SER A 6 -10.70 7.85 2.20
C SER A 6 -11.15 6.71 3.10
N GLY A 7 -11.31 5.52 2.50
CA GLY A 7 -11.76 4.32 3.19
C GLY A 7 -11.56 3.14 2.27
N GLU A 8 -12.62 2.80 1.53
CA GLU A 8 -12.60 1.79 0.48
C GLU A 8 -12.22 0.40 1.02
N VAL A 9 -12.31 0.19 2.33
CA VAL A 9 -11.73 -0.92 3.06
C VAL A 9 -12.31 -2.21 2.53
N GLN A 10 -13.64 -2.31 2.53
CA GLN A 10 -14.35 -3.56 2.28
C GLN A 10 -14.54 -3.81 0.80
N LYS A 11 -14.14 -2.87 -0.05
CA LYS A 11 -14.05 -3.11 -1.49
C LYS A 11 -12.98 -4.16 -1.80
N PRO A 12 -13.04 -4.80 -2.97
CA PRO A 12 -11.95 -5.65 -3.43
C PRO A 12 -10.67 -4.86 -3.62
N LEU A 13 -9.54 -5.55 -3.68
CA LEU A 13 -8.25 -4.97 -3.99
C LEU A 13 -8.22 -4.45 -5.43
N HIS A 14 -8.91 -5.12 -6.37
CA HIS A 14 -8.71 -4.83 -7.80
C HIS A 14 -9.37 -3.54 -8.26
N GLU A 15 -9.99 -2.78 -7.37
CA GLU A 15 -10.67 -1.54 -7.69
C GLU A 15 -10.03 -0.39 -6.89
N GLN A 16 -8.96 -0.67 -6.13
CA GLN A 16 -8.37 0.32 -5.22
C GLN A 16 -7.65 1.43 -6.00
N LEU A 17 -7.32 2.48 -5.26
CA LEU A 17 -6.74 3.71 -5.78
C LEU A 17 -5.23 3.59 -5.74
N TRP A 18 -4.70 3.23 -4.58
CA TRP A 18 -3.30 2.96 -4.34
C TRP A 18 -2.85 1.68 -5.02
N TYR A 19 -3.74 0.84 -5.54
CA TYR A 19 -3.34 -0.34 -6.29
C TYR A 19 -3.02 0.02 -7.74
N HIS A 20 -1.76 0.30 -8.02
CA HIS A 20 -1.34 0.64 -9.37
C HIS A 20 -1.31 -0.59 -10.28
N GLY A 21 -0.64 -1.68 -9.88
CA GLY A 21 -0.53 -2.93 -10.62
C GLY A 21 0.91 -3.40 -10.59
N ALA A 22 1.31 -4.12 -11.63
CA ALA A 22 2.71 -4.43 -11.89
C ALA A 22 3.42 -3.13 -12.29
N ILE A 23 4.22 -2.54 -11.39
CA ILE A 23 5.00 -1.33 -11.65
C ILE A 23 6.42 -1.57 -11.11
N PRO A 24 7.47 -1.02 -11.74
CA PRO A 24 8.85 -1.12 -11.27
C PRO A 24 9.13 -0.24 -10.04
N ARG A 25 10.23 -0.53 -9.31
CA ARG A 25 10.64 0.33 -8.20
C ARG A 25 11.02 1.74 -8.67
N ALA A 26 11.48 1.87 -9.92
CA ALA A 26 11.97 3.13 -10.45
C ALA A 26 10.83 4.13 -10.61
N GLU A 27 9.61 3.67 -10.90
CA GLU A 27 8.49 4.57 -11.14
C GLU A 27 7.93 5.11 -9.82
N VAL A 28 8.08 4.37 -8.72
CA VAL A 28 7.52 4.68 -7.41
C VAL A 28 7.73 6.16 -7.04
N ALA A 29 8.98 6.62 -6.97
CA ALA A 29 9.25 7.95 -6.40
C ALA A 29 8.68 9.12 -7.23
N GLU A 30 8.26 8.86 -8.45
CA GLU A 30 7.52 9.82 -9.26
C GLU A 30 6.04 9.88 -8.82
N LEU A 31 5.47 8.77 -8.36
CA LEU A 31 4.09 8.68 -7.89
C LEU A 31 3.98 9.31 -6.51
N LEU A 32 4.95 9.00 -5.64
CA LEU A 32 4.94 9.43 -4.26
C LEU A 32 5.65 10.76 -4.17
N VAL A 33 5.10 11.75 -3.46
CA VAL A 33 5.73 13.05 -3.31
C VAL A 33 5.94 13.40 -1.85
N HIS A 34 5.07 12.92 -0.95
CA HIS A 34 5.03 13.36 0.43
C HIS A 34 5.34 12.19 1.33
N SER A 35 5.94 12.46 2.49
CA SER A 35 6.24 11.44 3.47
C SER A 35 4.93 10.84 3.98
N GLY A 36 4.59 9.64 3.50
CA GLY A 36 3.31 9.02 3.76
C GLY A 36 2.60 8.54 2.52
N ASP A 37 2.96 9.03 1.33
CA ASP A 37 2.40 8.58 0.06
C ASP A 37 2.75 7.12 -0.09
N PHE A 38 1.76 6.27 -0.38
CA PHE A 38 1.95 4.86 -0.65
C PHE A 38 1.16 4.41 -1.86
N LEU A 39 1.66 3.35 -2.50
CA LEU A 39 1.00 2.54 -3.50
C LEU A 39 1.29 1.06 -3.19
N VAL A 40 0.56 0.16 -3.82
CA VAL A 40 0.81 -1.27 -3.84
C VAL A 40 1.13 -1.61 -5.28
N ARG A 41 2.28 -2.26 -5.49
CA ARG A 41 2.75 -2.74 -6.77
C ARG A 41 2.95 -4.24 -6.69
N GLU A 42 3.14 -4.91 -7.82
CA GLU A 42 3.57 -6.30 -7.86
C GLU A 42 5.08 -6.39 -8.11
N SER A 43 5.66 -7.56 -7.86
CA SER A 43 7.04 -7.94 -8.13
C SER A 43 7.23 -8.25 -9.63
N GLN A 44 8.48 -8.55 -10.01
CA GLN A 44 8.98 -8.60 -11.38
C GLN A 44 8.22 -9.62 -12.22
N GLY A 45 8.31 -10.90 -11.82
CA GLY A 45 7.64 -12.03 -12.43
C GLY A 45 7.11 -12.99 -11.35
N LYS A 46 7.04 -12.52 -10.09
CA LYS A 46 6.46 -13.22 -8.97
C LYS A 46 5.10 -12.60 -8.71
N GLN A 47 4.13 -13.43 -8.38
CA GLN A 47 2.85 -13.03 -7.81
C GLN A 47 3.09 -12.71 -6.34
N GLU A 48 3.83 -11.64 -6.09
CA GLU A 48 4.08 -11.11 -4.77
C GLU A 48 3.98 -9.60 -4.87
N TYR A 49 3.30 -8.98 -3.91
CA TYR A 49 3.12 -7.53 -3.90
C TYR A 49 4.19 -6.86 -3.04
N VAL A 50 4.43 -5.58 -3.29
CA VAL A 50 5.33 -4.69 -2.57
C VAL A 50 4.49 -3.46 -2.23
N LEU A 51 4.51 -3.07 -0.97
CA LEU A 51 4.09 -1.75 -0.56
C LEU A 51 5.23 -0.81 -0.90
N SER A 52 4.96 0.33 -1.50
CA SER A 52 5.97 1.32 -1.83
C SER A 52 5.53 2.62 -1.21
N VAL A 53 6.19 3.10 -0.16
CA VAL A 53 5.80 4.26 0.62
C VAL A 53 7.02 5.17 0.81
N LEU A 54 6.85 6.47 0.60
CA LEU A 54 7.91 7.48 0.63
C LEU A 54 8.03 7.92 2.09
N TRP A 55 9.22 7.86 2.66
CA TRP A 55 9.44 8.21 4.05
C TRP A 55 10.72 9.04 4.07
N ASP A 56 10.63 10.31 4.47
CA ASP A 56 11.76 11.24 4.65
C ASP A 56 12.77 11.13 3.50
N GLY A 57 12.25 11.32 2.27
CA GLY A 57 13.05 11.43 1.05
C GLY A 57 13.37 10.09 0.38
N LEU A 58 12.86 8.97 0.88
CA LEU A 58 13.27 7.63 0.43
C LEU A 58 12.04 6.76 0.18
N PRO A 59 11.73 6.41 -1.09
CA PRO A 59 10.65 5.50 -1.44
C PRO A 59 11.05 4.09 -1.01
N ARG A 60 10.63 3.69 0.20
CA ARG A 60 10.84 2.35 0.70
C ARG A 60 10.14 1.34 -0.20
N HIS A 61 10.50 0.08 -0.02
CA HIS A 61 9.86 -1.05 -0.69
C HIS A 61 9.84 -2.19 0.31
N PHE A 62 8.79 -2.28 1.11
CA PHE A 62 8.56 -3.42 1.96
C PHE A 62 7.67 -4.37 1.19
N ILE A 63 8.01 -5.66 1.15
CA ILE A 63 7.12 -6.66 0.57
C ILE A 63 5.83 -6.64 1.41
N ILE A 64 4.67 -6.75 0.74
CA ILE A 64 3.39 -6.92 1.40
C ILE A 64 3.47 -8.21 2.21
N GLN A 65 2.81 -8.19 3.36
CA GLN A 65 2.79 -9.26 4.33
C GLN A 65 2.28 -10.55 3.71
N SER A 66 2.43 -11.65 4.44
CA SER A 66 1.79 -12.93 4.23
C SER A 66 2.32 -13.83 5.35
N LEU A 67 1.46 -14.67 5.92
CA LEU A 67 1.79 -15.58 7.02
C LEU A 67 1.20 -16.97 6.79
N ASP A 68 -0.03 -17.07 6.26
CA ASP A 68 -0.57 -18.32 5.73
C ASP A 68 -1.55 -17.96 4.63
N ASN A 69 -2.69 -17.41 5.02
CA ASN A 69 -3.78 -16.95 4.18
C ASN A 69 -4.29 -15.58 4.65
N LEU A 70 -3.44 -14.80 5.31
CA LEU A 70 -3.73 -13.46 5.82
C LEU A 70 -2.59 -12.49 5.47
N TYR A 71 -2.63 -11.27 5.99
CA TYR A 71 -1.57 -10.27 5.80
C TYR A 71 -1.34 -9.49 7.11
N ARG A 72 -0.24 -9.68 7.84
CA ARG A 72 0.00 -9.05 9.16
C ARG A 72 1.36 -8.35 9.22
N LEU A 73 1.51 -7.22 9.91
CA LEU A 73 2.80 -6.51 9.93
C LEU A 73 3.23 -5.98 11.29
N GLU A 74 2.27 -5.66 12.13
CA GLU A 74 2.50 -5.01 13.42
C GLU A 74 1.53 -5.57 14.46
N GLY A 75 0.31 -5.80 14.01
CA GLY A 75 -0.80 -6.40 14.72
C GLY A 75 -1.29 -7.63 13.94
N GLU A 76 -2.49 -8.12 14.23
CA GLU A 76 -3.08 -9.30 13.59
C GLU A 76 -3.20 -9.16 12.07
N GLY A 77 -3.46 -10.27 11.38
CA GLY A 77 -3.64 -10.29 9.93
C GLY A 77 -5.11 -10.21 9.54
N PHE A 78 -5.37 -9.95 8.25
CA PHE A 78 -6.71 -9.89 7.67
C PHE A 78 -6.70 -10.63 6.32
N PRO A 79 -7.88 -11.04 5.81
CA PRO A 79 -8.04 -11.78 4.56
C PRO A 79 -7.89 -10.95 3.27
N SER A 80 -7.68 -9.64 3.39
CA SER A 80 -7.35 -8.75 2.27
C SER A 80 -6.33 -7.75 2.75
N ILE A 81 -5.54 -7.27 1.81
CA ILE A 81 -4.61 -6.18 1.98
C ILE A 81 -5.43 -4.92 2.26
N PRO A 82 -6.45 -4.55 1.45
CA PRO A 82 -7.18 -3.30 1.66
C PRO A 82 -7.88 -3.26 3.02
N LEU A 83 -8.25 -4.43 3.55
CA LEU A 83 -8.86 -4.52 4.86
C LEU A 83 -7.85 -4.10 5.92
N LEU A 84 -6.60 -4.53 5.81
CA LEU A 84 -5.55 -4.23 6.77
C LEU A 84 -5.06 -2.79 6.57
N ILE A 85 -5.05 -2.27 5.34
CA ILE A 85 -4.62 -0.90 5.06
C ILE A 85 -5.36 0.04 6.00
N ASP A 86 -6.67 -0.09 6.19
CA ASP A 86 -7.40 0.90 6.99
C ASP A 86 -6.94 0.86 8.45
N HIS A 87 -6.61 -0.33 8.94
CA HIS A 87 -6.11 -0.51 10.30
C HIS A 87 -4.69 0.02 10.49
N LEU A 88 -3.93 0.25 9.43
CA LEU A 88 -2.65 0.94 9.50
C LEU A 88 -2.86 2.43 9.33
N LEU A 89 -3.72 2.82 8.38
CA LEU A 89 -3.93 4.21 7.98
C LEU A 89 -4.62 4.96 9.09
N SER A 90 -5.61 4.34 9.71
CA SER A 90 -6.45 4.99 10.68
C SER A 90 -5.74 5.07 12.03
N THR A 91 -4.74 4.21 12.29
CA THR A 91 -4.11 4.09 13.60
C THR A 91 -2.67 4.60 13.54
N GLN A 92 -2.09 4.75 12.34
CA GLN A 92 -0.72 5.24 12.13
C GLN A 92 0.30 4.20 12.62
N GLN A 93 -0.04 2.92 12.51
CA GLN A 93 0.84 1.85 12.95
C GLN A 93 2.11 1.80 12.08
N PRO A 94 3.28 1.51 12.68
CA PRO A 94 4.56 1.40 11.98
C PRO A 94 4.71 0.09 11.21
N LEU A 95 5.41 0.12 10.08
CA LEU A 95 5.56 -1.04 9.18
C LEU A 95 6.69 -2.00 9.56
N THR A 96 7.72 -1.53 10.25
CA THR A 96 8.78 -2.36 10.78
C THR A 96 9.55 -1.51 11.78
N LYS A 97 10.13 -2.14 12.81
CA LYS A 97 11.03 -1.53 13.78
C LYS A 97 12.38 -1.12 13.17
N LYS A 98 12.45 -1.01 11.84
CA LYS A 98 13.60 -0.54 11.10
C LYS A 98 13.40 0.79 10.42
N SER A 99 12.19 1.36 10.38
CA SER A 99 12.06 2.74 9.92
C SER A 99 10.83 3.51 10.42
N GLY A 100 9.95 2.90 11.23
CA GLY A 100 8.73 3.50 11.77
C GLY A 100 7.81 4.12 10.71
N VAL A 101 7.83 3.61 9.48
CA VAL A 101 7.02 4.06 8.35
C VAL A 101 5.52 3.92 8.69
N VAL A 102 4.69 4.92 8.38
CA VAL A 102 3.24 4.83 8.57
C VAL A 102 2.55 5.21 7.25
N LEU A 103 1.32 4.75 7.02
CA LEU A 103 0.49 5.13 5.89
C LEU A 103 -0.11 6.49 6.20
N HIS A 104 -0.12 7.41 5.25
CA HIS A 104 -0.55 8.79 5.49
C HIS A 104 -1.30 9.37 4.29
N ARG A 105 -0.86 9.09 3.06
CA ARG A 105 -1.53 9.50 1.83
C ARG A 105 -1.52 8.35 0.84
N ALA A 106 -2.56 8.18 0.04
CA ALA A 106 -2.65 7.12 -0.95
C ALA A 106 -2.65 7.77 -2.33
N VAL A 107 -1.72 7.38 -3.19
CA VAL A 107 -1.71 7.82 -4.59
C VAL A 107 -2.95 7.19 -5.27
N PRO A 108 -3.77 7.97 -5.99
CA PRO A 108 -4.76 7.42 -6.89
C PRO A 108 -4.15 7.00 -8.23
N SER A 109 -4.75 5.99 -8.86
CA SER A 109 -4.39 5.53 -10.20
C SER A 109 -5.63 5.37 -11.11
N GLY A 110 -6.84 5.59 -10.59
CA GLY A 110 -8.05 5.00 -11.14
C GLY A 110 -8.17 3.56 -10.66
N PRO A 111 -9.34 2.91 -10.80
CA PRO A 111 -9.60 1.61 -10.19
C PRO A 111 -8.93 0.43 -10.91
N SER A 112 -8.56 0.56 -12.19
CA SER A 112 -7.98 -0.55 -12.95
C SER A 112 -6.47 -0.65 -12.74
N SER A 113 -5.86 -1.70 -13.27
CA SER A 113 -4.43 -1.89 -13.27
C SER A 113 -3.98 -2.53 -14.58
N GLY A 114 -2.68 -2.45 -14.88
CA GLY A 114 -2.09 -3.10 -16.03
C GLY A 114 -0.61 -3.23 -15.77
N GLY A 1 -11.82 11.41 -7.91
CA GLY A 1 -10.78 11.91 -7.00
C GLY A 1 -11.11 13.20 -6.25
N SER A 2 -12.21 13.89 -6.60
CA SER A 2 -12.56 15.18 -6.03
C SER A 2 -13.50 15.06 -4.83
N SER A 3 -14.11 13.90 -4.64
CA SER A 3 -15.04 13.59 -3.58
C SER A 3 -14.63 12.23 -3.01
N GLY A 4 -14.49 12.15 -1.69
CA GLY A 4 -13.80 11.06 -1.01
C GLY A 4 -12.28 11.25 -1.08
N SER A 5 -11.54 10.60 -0.17
CA SER A 5 -10.09 10.68 -0.06
C SER A 5 -9.52 9.31 0.35
N SER A 6 -10.15 8.60 1.29
CA SER A 6 -9.78 7.25 1.69
C SER A 6 -11.02 6.44 2.07
N GLY A 7 -10.83 5.15 2.33
CA GLY A 7 -11.88 4.19 2.60
C GLY A 7 -11.80 3.11 1.53
N GLU A 8 -12.97 2.72 1.01
CA GLU A 8 -13.12 1.68 -0.01
C GLU A 8 -12.51 0.36 0.48
N VAL A 9 -12.47 0.16 1.80
CA VAL A 9 -11.77 -0.89 2.50
C VAL A 9 -12.30 -2.24 2.05
N GLN A 10 -13.62 -2.43 2.18
CA GLN A 10 -14.28 -3.70 2.04
C GLN A 10 -14.48 -4.09 0.57
N LYS A 11 -14.23 -3.16 -0.36
CA LYS A 11 -14.14 -3.48 -1.79
C LYS A 11 -13.09 -4.60 -2.01
N PRO A 12 -13.12 -5.29 -3.16
CA PRO A 12 -12.03 -6.18 -3.53
C PRO A 12 -10.76 -5.34 -3.69
N LEU A 13 -9.61 -6.02 -3.75
CA LEU A 13 -8.34 -5.38 -4.07
C LEU A 13 -8.37 -4.81 -5.48
N HIS A 14 -9.14 -5.42 -6.39
CA HIS A 14 -9.13 -5.05 -7.80
C HIS A 14 -10.01 -3.83 -8.14
N GLU A 15 -10.57 -3.13 -7.15
CA GLU A 15 -11.26 -1.85 -7.33
C GLU A 15 -10.51 -0.71 -6.61
N GLN A 16 -9.34 -1.00 -6.04
CA GLN A 16 -8.70 -0.08 -5.11
C GLN A 16 -7.94 1.05 -5.81
N LEU A 17 -7.35 1.97 -5.02
CA LEU A 17 -6.75 3.23 -5.44
C LEU A 17 -5.23 3.14 -5.44
N TRP A 18 -4.61 2.91 -4.28
CA TRP A 18 -3.18 2.72 -4.09
C TRP A 18 -2.62 1.48 -4.84
N TYR A 19 -3.47 0.61 -5.38
CA TYR A 19 -3.10 -0.57 -6.13
C TYR A 19 -2.78 -0.17 -7.59
N HIS A 20 -1.56 0.30 -7.87
CA HIS A 20 -1.20 0.73 -9.23
C HIS A 20 -0.94 -0.47 -10.17
N GLY A 21 -0.80 -1.69 -9.65
CA GLY A 21 -0.77 -2.92 -10.41
C GLY A 21 0.62 -3.51 -10.28
N ALA A 22 1.26 -3.74 -11.40
CA ALA A 22 2.68 -4.05 -11.58
C ALA A 22 3.36 -2.79 -12.10
N ILE A 23 4.19 -2.16 -11.27
CA ILE A 23 4.95 -0.96 -11.60
C ILE A 23 6.37 -1.20 -11.08
N PRO A 24 7.42 -0.71 -11.77
CA PRO A 24 8.80 -0.84 -11.33
C PRO A 24 9.13 0.08 -10.17
N ARG A 25 10.23 -0.21 -9.47
CA ARG A 25 10.73 0.61 -8.36
C ARG A 25 11.10 2.03 -8.79
N ALA A 26 11.43 2.23 -10.05
CA ALA A 26 11.88 3.50 -10.58
C ALA A 26 10.72 4.49 -10.69
N GLU A 27 9.54 4.00 -11.05
CA GLU A 27 8.34 4.82 -11.22
C GLU A 27 7.87 5.38 -9.88
N VAL A 28 7.93 4.57 -8.81
CA VAL A 28 7.42 4.86 -7.47
C VAL A 28 7.60 6.33 -7.07
N ALA A 29 8.84 6.85 -7.01
CA ALA A 29 9.07 8.17 -6.45
C ALA A 29 8.40 9.31 -7.23
N GLU A 30 7.94 9.05 -8.46
CA GLU A 30 7.21 10.01 -9.29
C GLU A 30 5.72 10.06 -8.92
N LEU A 31 5.24 9.06 -8.16
CA LEU A 31 3.85 8.92 -7.75
C LEU A 31 3.70 9.41 -6.32
N LEU A 32 4.61 8.96 -5.45
CA LEU A 32 4.70 9.38 -4.07
C LEU A 32 5.31 10.78 -4.06
N VAL A 33 4.95 11.66 -3.12
CA VAL A 33 5.48 13.03 -3.11
C VAL A 33 5.77 13.54 -1.69
N HIS A 34 5.13 12.98 -0.67
CA HIS A 34 5.16 13.44 0.71
C HIS A 34 5.44 12.24 1.60
N SER A 35 6.01 12.46 2.78
CA SER A 35 6.35 11.38 3.70
C SER A 35 5.04 10.76 4.20
N GLY A 36 4.64 9.62 3.63
CA GLY A 36 3.37 9.01 3.91
C GLY A 36 2.67 8.40 2.72
N ASP A 37 3.01 8.88 1.52
CA ASP A 37 2.52 8.32 0.28
C ASP A 37 2.99 6.88 0.20
N PHE A 38 2.09 5.94 -0.12
CA PHE A 38 2.38 4.55 -0.41
C PHE A 38 1.56 4.09 -1.61
N LEU A 39 2.08 3.10 -2.31
CA LEU A 39 1.35 2.32 -3.30
C LEU A 39 1.69 0.85 -3.12
N VAL A 40 0.82 -0.01 -3.61
CA VAL A 40 1.02 -1.45 -3.67
C VAL A 40 1.26 -1.76 -5.14
N ARG A 41 2.41 -2.38 -5.40
CA ARG A 41 2.86 -2.76 -6.73
C ARG A 41 3.15 -4.25 -6.71
N GLU A 42 3.21 -4.89 -7.86
CA GLU A 42 3.70 -6.25 -7.98
C GLU A 42 5.23 -6.24 -8.05
N SER A 43 5.81 -7.43 -7.88
CA SER A 43 7.19 -7.75 -8.13
C SER A 43 7.54 -7.61 -9.63
N GLN A 44 8.46 -8.44 -10.12
CA GLN A 44 8.88 -8.46 -11.50
C GLN A 44 8.11 -9.54 -12.30
N GLY A 45 7.20 -10.30 -11.68
CA GLY A 45 6.49 -11.43 -12.30
C GLY A 45 6.31 -12.63 -11.38
N LYS A 46 6.62 -12.53 -10.08
CA LYS A 46 6.10 -13.44 -9.06
C LYS A 46 4.59 -13.18 -8.95
N GLN A 47 3.94 -13.82 -7.98
CA GLN A 47 2.64 -13.37 -7.51
C GLN A 47 2.86 -12.88 -6.08
N GLU A 48 3.68 -11.85 -5.95
CA GLU A 48 3.97 -11.22 -4.68
C GLU A 48 3.90 -9.72 -4.91
N TYR A 49 3.21 -9.03 -4.01
CA TYR A 49 3.15 -7.58 -4.02
C TYR A 49 4.22 -6.99 -3.12
N VAL A 50 4.49 -5.71 -3.33
CA VAL A 50 5.52 -4.91 -2.70
C VAL A 50 4.84 -3.62 -2.24
N LEU A 51 5.25 -3.15 -1.08
CA LEU A 51 4.81 -1.93 -0.46
C LEU A 51 5.91 -0.91 -0.66
N SER A 52 5.63 0.09 -1.48
CA SER A 52 6.55 1.13 -1.84
C SER A 52 5.99 2.43 -1.30
N VAL A 53 6.66 2.98 -0.29
CA VAL A 53 6.18 4.08 0.56
C VAL A 53 7.32 5.05 0.82
N LEU A 54 7.05 6.36 0.82
CA LEU A 54 8.05 7.42 0.78
C LEU A 54 8.34 7.81 2.23
N TRP A 55 9.57 7.63 2.70
CA TRP A 55 9.94 7.97 4.07
C TRP A 55 11.27 8.71 4.08
N ASP A 56 11.19 9.98 4.47
CA ASP A 56 12.30 10.92 4.63
C ASP A 56 13.17 11.05 3.39
N GLY A 57 12.51 11.10 2.23
CA GLY A 57 13.18 11.22 0.96
C GLY A 57 13.84 9.91 0.53
N LEU A 58 13.19 8.77 0.83
CA LEU A 58 13.56 7.47 0.30
C LEU A 58 12.29 6.64 0.13
N PRO A 59 11.84 6.33 -1.10
CA PRO A 59 10.79 5.36 -1.35
C PRO A 59 11.27 3.96 -0.93
N ARG A 60 10.94 3.56 0.30
CA ARG A 60 11.27 2.27 0.88
C ARG A 60 10.64 1.17 0.04
N HIS A 61 11.04 -0.07 0.30
CA HIS A 61 10.51 -1.26 -0.34
C HIS A 61 10.49 -2.32 0.73
N PHE A 62 9.29 -2.59 1.26
CA PHE A 62 9.01 -3.69 2.14
C PHE A 62 8.09 -4.60 1.33
N ILE A 63 8.35 -5.91 1.28
CA ILE A 63 7.45 -6.83 0.59
C ILE A 63 6.12 -6.86 1.37
N ILE A 64 5.00 -6.95 0.66
CA ILE A 64 3.69 -7.08 1.30
C ILE A 64 3.72 -8.34 2.17
N GLN A 65 3.14 -8.21 3.36
CA GLN A 65 2.97 -9.27 4.35
C GLN A 65 2.33 -10.48 3.69
N SER A 66 2.47 -11.68 4.24
CA SER A 66 1.80 -12.86 3.74
C SER A 66 2.07 -13.98 4.73
N LEU A 67 1.02 -14.63 5.22
CA LEU A 67 1.07 -15.88 5.97
C LEU A 67 0.07 -16.85 5.34
N ASP A 68 -0.60 -17.71 6.12
CA ASP A 68 -1.38 -18.85 5.62
C ASP A 68 -2.42 -18.41 4.59
N ASN A 69 -3.24 -17.42 4.94
CA ASN A 69 -4.25 -16.83 4.06
C ASN A 69 -4.46 -15.34 4.37
N LEU A 70 -3.59 -14.75 5.20
CA LEU A 70 -3.74 -13.41 5.75
C LEU A 70 -2.46 -12.62 5.47
N TYR A 71 -2.51 -11.35 5.85
CA TYR A 71 -1.46 -10.35 5.71
C TYR A 71 -1.37 -9.67 7.09
N ARG A 72 -0.19 -9.56 7.72
CA ARG A 72 0.01 -8.93 9.05
C ARG A 72 1.38 -8.28 9.13
N LEU A 73 1.53 -7.08 9.70
CA LEU A 73 2.80 -6.35 9.62
C LEU A 73 3.39 -6.04 10.98
N GLU A 74 2.56 -5.77 11.97
CA GLU A 74 3.04 -5.50 13.33
C GLU A 74 2.37 -6.46 14.31
N GLY A 75 1.04 -6.59 14.22
CA GLY A 75 0.17 -7.30 15.14
C GLY A 75 -0.64 -8.35 14.39
N GLU A 76 -1.96 -8.31 14.53
CA GLU A 76 -2.91 -9.22 13.90
C GLU A 76 -2.94 -9.06 12.38
N GLY A 77 -3.56 -10.04 11.71
CA GLY A 77 -3.63 -10.19 10.27
C GLY A 77 -5.05 -10.12 9.75
N PHE A 78 -5.21 -9.80 8.46
CA PHE A 78 -6.51 -9.65 7.82
C PHE A 78 -6.57 -10.50 6.56
N PRO A 79 -7.78 -10.84 6.07
CA PRO A 79 -8.00 -11.63 4.87
C PRO A 79 -7.84 -10.82 3.58
N SER A 80 -7.51 -9.53 3.65
CA SER A 80 -7.22 -8.73 2.47
C SER A 80 -6.13 -7.73 2.81
N ILE A 81 -5.37 -7.33 1.80
CA ILE A 81 -4.42 -6.23 1.88
C ILE A 81 -5.22 -4.97 2.19
N PRO A 82 -6.31 -4.63 1.47
CA PRO A 82 -7.01 -3.37 1.68
C PRO A 82 -7.62 -3.29 3.09
N LEU A 83 -8.03 -4.43 3.63
CA LEU A 83 -8.66 -4.51 4.95
C LEU A 83 -7.68 -4.15 6.06
N LEU A 84 -6.38 -4.31 5.83
CA LEU A 84 -5.34 -3.92 6.77
C LEU A 84 -4.80 -2.52 6.50
N ILE A 85 -4.83 -2.05 5.26
CA ILE A 85 -4.47 -0.68 4.97
C ILE A 85 -5.32 0.24 5.85
N ASP A 86 -6.63 0.05 5.94
CA ASP A 86 -7.43 1.06 6.66
C ASP A 86 -7.11 1.04 8.14
N HIS A 87 -6.90 -0.15 8.73
CA HIS A 87 -6.58 -0.25 10.14
C HIS A 87 -5.16 0.21 10.46
N LEU A 88 -4.30 0.47 9.46
CA LEU A 88 -3.05 1.19 9.70
C LEU A 88 -3.13 2.66 9.31
N LEU A 89 -3.91 3.00 8.28
CA LEU A 89 -3.98 4.36 7.77
C LEU A 89 -4.81 5.19 8.73
N SER A 90 -5.96 4.68 9.13
CA SER A 90 -6.93 5.38 9.95
C SER A 90 -6.41 5.50 11.39
N THR A 91 -5.42 4.69 11.75
CA THR A 91 -4.89 4.60 13.11
C THR A 91 -3.54 5.30 13.18
N GLN A 92 -2.86 5.39 12.02
CA GLN A 92 -1.51 5.92 11.88
C GLN A 92 -0.59 4.95 12.61
N GLN A 93 -0.41 3.74 12.06
CA GLN A 93 0.47 2.75 12.67
C GLN A 93 1.67 2.32 11.82
N PRO A 94 2.79 2.00 12.51
CA PRO A 94 4.09 1.81 11.89
C PRO A 94 4.27 0.46 11.21
N LEU A 95 5.07 0.46 10.15
CA LEU A 95 5.30 -0.68 9.26
C LEU A 95 6.47 -1.56 9.69
N THR A 96 7.55 -1.02 10.24
CA THR A 96 8.64 -1.85 10.73
C THR A 96 9.45 -1.04 11.72
N LYS A 97 10.00 -1.67 12.77
CA LYS A 97 10.94 -1.03 13.67
C LYS A 97 12.16 -0.50 12.90
N LYS A 98 12.49 -1.09 11.74
CA LYS A 98 13.57 -0.63 10.86
C LYS A 98 13.31 0.70 10.17
N SER A 99 12.15 1.34 10.31
CA SER A 99 12.00 2.71 9.79
C SER A 99 10.87 3.53 10.45
N GLY A 100 9.98 2.90 11.22
CA GLY A 100 8.73 3.47 11.73
C GLY A 100 7.97 4.29 10.69
N VAL A 101 7.96 3.82 9.44
CA VAL A 101 7.11 4.37 8.40
C VAL A 101 5.69 4.27 8.89
N VAL A 102 4.88 5.33 8.76
CA VAL A 102 3.47 5.27 9.09
C VAL A 102 2.70 5.63 7.82
N LEU A 103 1.66 4.86 7.53
CA LEU A 103 0.67 5.19 6.51
C LEU A 103 0.14 6.59 6.78
N HIS A 104 -0.03 7.36 5.72
CA HIS A 104 -0.45 8.76 5.83
C HIS A 104 -1.18 9.25 4.56
N ARG A 105 -0.87 8.74 3.36
CA ARG A 105 -1.58 9.12 2.14
C ARG A 105 -1.57 7.97 1.13
N ALA A 106 -2.59 7.82 0.28
CA ALA A 106 -2.70 6.76 -0.73
C ALA A 106 -2.84 7.31 -2.15
N VAL A 107 -1.94 6.96 -3.08
CA VAL A 107 -1.93 7.48 -4.44
C VAL A 107 -3.13 6.87 -5.16
N PRO A 108 -4.05 7.68 -5.70
CA PRO A 108 -5.12 7.19 -6.54
C PRO A 108 -4.63 6.88 -7.95
N SER A 109 -4.55 5.60 -8.29
CA SER A 109 -4.45 5.15 -9.67
C SER A 109 -5.82 5.34 -10.36
N GLY A 110 -6.89 4.98 -9.65
CA GLY A 110 -8.20 4.69 -10.22
C GLY A 110 -8.49 3.20 -10.03
N PRO A 111 -9.75 2.77 -10.11
CA PRO A 111 -10.15 1.42 -9.72
C PRO A 111 -9.65 0.34 -10.69
N SER A 112 -9.33 0.71 -11.94
CA SER A 112 -8.80 -0.19 -12.94
C SER A 112 -7.35 0.19 -13.17
N SER A 113 -6.48 -0.82 -13.23
CA SER A 113 -5.04 -0.81 -13.38
C SER A 113 -4.59 -2.26 -13.59
N GLY A 114 -3.28 -2.50 -13.63
CA GLY A 114 -2.68 -3.78 -13.99
C GLY A 114 -2.36 -3.84 -15.46
N GLY A 1 -15.86 21.60 -0.71
CA GLY A 1 -15.44 20.19 -0.76
C GLY A 1 -13.96 20.10 -0.47
N SER A 2 -13.58 19.51 0.67
CA SER A 2 -12.23 19.57 1.19
C SER A 2 -11.43 18.35 0.76
N SER A 3 -11.92 17.17 1.14
CA SER A 3 -11.36 15.87 0.84
C SER A 3 -12.46 14.82 1.01
N GLY A 4 -12.20 13.54 0.73
CA GLY A 4 -13.16 12.45 0.87
C GLY A 4 -12.52 11.19 1.44
N SER A 5 -13.33 10.32 2.05
CA SER A 5 -12.87 9.16 2.83
C SER A 5 -12.69 7.92 1.94
N SER A 6 -11.72 7.99 1.04
CA SER A 6 -11.33 6.94 0.11
C SER A 6 -10.46 5.89 0.82
N GLY A 7 -11.01 5.27 1.87
CA GLY A 7 -10.39 4.17 2.60
C GLY A 7 -10.63 2.83 1.92
N GLU A 8 -11.80 2.66 1.29
CA GLU A 8 -12.14 1.55 0.39
C GLU A 8 -11.90 0.18 1.01
N VAL A 9 -11.98 0.08 2.33
CA VAL A 9 -11.54 -1.02 3.16
C VAL A 9 -12.20 -2.32 2.73
N GLN A 10 -13.53 -2.27 2.61
CA GLN A 10 -14.38 -3.43 2.40
C GLN A 10 -14.52 -3.77 0.91
N LYS A 11 -14.00 -2.92 0.03
CA LYS A 11 -13.96 -3.17 -1.41
C LYS A 11 -13.00 -4.33 -1.70
N PRO A 12 -13.11 -4.95 -2.89
CA PRO A 12 -12.05 -5.84 -3.34
C PRO A 12 -10.75 -5.07 -3.52
N LEU A 13 -9.65 -5.81 -3.60
CA LEU A 13 -8.35 -5.25 -3.94
C LEU A 13 -8.37 -4.72 -5.38
N HIS A 14 -9.13 -5.36 -6.28
CA HIS A 14 -9.09 -5.03 -7.70
C HIS A 14 -9.66 -3.64 -8.02
N GLU A 15 -10.28 -2.96 -7.05
CA GLU A 15 -10.99 -1.72 -7.25
C GLU A 15 -10.30 -0.56 -6.50
N GLN A 16 -9.21 -0.84 -5.77
CA GLN A 16 -8.53 0.15 -4.93
C GLN A 16 -7.93 1.29 -5.77
N LEU A 17 -7.41 2.29 -5.07
CA LEU A 17 -6.86 3.51 -5.63
C LEU A 17 -5.35 3.40 -5.69
N TRP A 18 -4.73 3.09 -4.55
CA TRP A 18 -3.30 2.89 -4.42
C TRP A 18 -2.81 1.61 -5.09
N TYR A 19 -3.70 0.74 -5.57
CA TYR A 19 -3.29 -0.46 -6.29
C TYR A 19 -2.89 -0.07 -7.72
N HIS A 20 -1.59 0.02 -8.03
CA HIS A 20 -1.07 0.29 -9.38
C HIS A 20 -0.76 -1.02 -10.16
N GLY A 21 -1.08 -2.19 -9.61
CA GLY A 21 -0.98 -3.45 -10.32
C GLY A 21 0.44 -3.95 -10.18
N ALA A 22 1.19 -3.84 -11.27
CA ALA A 22 2.56 -4.24 -11.49
C ALA A 22 3.29 -3.06 -12.14
N ILE A 23 4.26 -2.48 -11.43
CA ILE A 23 5.04 -1.31 -11.84
C ILE A 23 6.50 -1.59 -11.43
N PRO A 24 7.53 -1.03 -12.10
CA PRO A 24 8.91 -1.10 -11.63
C PRO A 24 9.15 -0.23 -10.38
N ARG A 25 10.18 -0.55 -9.59
CA ARG A 25 10.47 0.27 -8.40
C ARG A 25 10.88 1.70 -8.78
N ALA A 26 11.54 1.88 -9.93
CA ALA A 26 12.12 3.17 -10.26
C ALA A 26 11.03 4.24 -10.48
N GLU A 27 9.84 3.83 -10.91
CA GLU A 27 8.68 4.69 -11.14
C GLU A 27 8.09 5.21 -9.82
N VAL A 28 8.19 4.44 -8.72
CA VAL A 28 7.56 4.78 -7.44
C VAL A 28 7.86 6.23 -7.07
N ALA A 29 9.14 6.61 -6.99
CA ALA A 29 9.53 7.91 -6.43
C ALA A 29 8.98 9.10 -7.23
N GLU A 30 8.47 8.85 -8.44
CA GLU A 30 7.85 9.82 -9.32
C GLU A 30 6.34 9.91 -9.08
N LEU A 31 5.72 8.84 -8.54
CA LEU A 31 4.32 8.78 -8.13
C LEU A 31 4.16 9.48 -6.79
N LEU A 32 4.98 9.05 -5.82
CA LEU A 32 4.98 9.65 -4.49
C LEU A 32 5.58 11.04 -4.59
N VAL A 33 5.35 11.86 -3.57
CA VAL A 33 5.81 13.25 -3.52
C VAL A 33 6.20 13.57 -2.08
N HIS A 34 5.36 13.17 -1.12
CA HIS A 34 5.50 13.50 0.29
C HIS A 34 5.55 12.23 1.12
N SER A 35 6.07 12.33 2.35
CA SER A 35 6.33 11.22 3.24
C SER A 35 5.00 10.70 3.77
N GLY A 36 4.46 9.68 3.13
CA GLY A 36 3.12 9.21 3.40
C GLY A 36 2.36 8.69 2.18
N ASP A 37 2.63 9.23 0.98
CA ASP A 37 2.16 8.77 -0.33
C ASP A 37 2.56 7.30 -0.55
N PHE A 38 1.63 6.35 -0.51
CA PHE A 38 1.88 4.93 -0.75
C PHE A 38 1.10 4.42 -1.95
N LEU A 39 1.64 3.40 -2.60
CA LEU A 39 0.99 2.58 -3.60
C LEU A 39 1.33 1.12 -3.30
N VAL A 40 0.67 0.23 -4.02
CA VAL A 40 0.95 -1.19 -4.05
C VAL A 40 1.20 -1.53 -5.50
N ARG A 41 2.29 -2.25 -5.71
CA ARG A 41 2.77 -2.71 -6.99
C ARG A 41 3.04 -4.20 -6.84
N GLU A 42 3.28 -4.89 -7.94
CA GLU A 42 3.69 -6.28 -7.95
C GLU A 42 5.22 -6.29 -8.08
N SER A 43 5.85 -7.35 -7.57
CA SER A 43 7.22 -7.69 -7.89
C SER A 43 7.30 -8.03 -9.38
N GLN A 44 8.51 -8.10 -9.94
CA GLN A 44 8.65 -8.23 -11.38
C GLN A 44 8.46 -9.71 -11.77
N GLY A 45 7.23 -10.13 -12.04
CA GLY A 45 6.94 -11.48 -12.51
C GLY A 45 6.78 -12.49 -11.36
N LYS A 46 6.54 -12.02 -10.13
CA LYS A 46 6.29 -12.86 -8.96
C LYS A 46 4.93 -12.44 -8.45
N GLN A 47 4.12 -13.39 -7.98
CA GLN A 47 2.73 -13.20 -7.54
C GLN A 47 2.65 -12.50 -6.18
N GLU A 48 3.61 -11.64 -5.86
CA GLU A 48 3.87 -11.06 -4.56
C GLU A 48 3.91 -9.55 -4.75
N TYR A 49 3.10 -8.88 -3.94
CA TYR A 49 3.00 -7.43 -3.98
C TYR A 49 4.10 -6.78 -3.14
N VAL A 50 4.28 -5.49 -3.37
CA VAL A 50 5.27 -4.65 -2.75
C VAL A 50 4.54 -3.37 -2.41
N LEU A 51 4.61 -3.01 -1.15
CA LEU A 51 4.21 -1.71 -0.68
C LEU A 51 5.31 -0.76 -1.08
N SER A 52 4.98 0.42 -1.61
CA SER A 52 5.99 1.42 -1.94
C SER A 52 5.50 2.76 -1.42
N VAL A 53 6.14 3.26 -0.35
CA VAL A 53 5.84 4.54 0.30
C VAL A 53 7.18 5.27 0.49
N LEU A 54 7.13 6.59 0.57
CA LEU A 54 8.24 7.52 0.79
C LEU A 54 8.29 7.76 2.29
N TRP A 55 9.44 7.59 2.93
CA TRP A 55 9.62 8.02 4.31
C TRP A 55 10.96 8.73 4.38
N ASP A 56 10.97 9.96 4.89
CA ASP A 56 12.15 10.81 5.05
C ASP A 56 13.09 10.80 3.83
N GLY A 57 12.50 10.95 2.64
CA GLY A 57 13.24 11.16 1.40
C GLY A 57 13.75 9.86 0.77
N LEU A 58 13.40 8.70 1.33
CA LEU A 58 13.80 7.40 0.80
C LEU A 58 12.53 6.57 0.53
N PRO A 59 12.14 6.37 -0.74
CA PRO A 59 11.07 5.45 -1.15
C PRO A 59 11.42 4.01 -0.79
N ARG A 60 10.95 3.55 0.39
CA ARG A 60 11.08 2.16 0.81
C ARG A 60 10.30 1.23 -0.14
N HIS A 61 10.41 -0.08 0.11
CA HIS A 61 9.84 -1.09 -0.77
C HIS A 61 9.48 -2.37 -0.04
N PHE A 62 8.83 -2.19 1.10
CA PHE A 62 8.46 -3.28 1.98
C PHE A 62 7.56 -4.24 1.22
N ILE A 63 8.02 -5.48 1.02
CA ILE A 63 7.22 -6.54 0.42
C ILE A 63 5.93 -6.68 1.24
N ILE A 64 4.81 -6.90 0.55
CA ILE A 64 3.52 -7.12 1.21
C ILE A 64 3.59 -8.46 1.94
N GLN A 65 2.86 -8.48 3.06
CA GLN A 65 2.84 -9.52 4.06
C GLN A 65 2.30 -10.83 3.48
N SER A 66 2.47 -11.94 4.19
CA SER A 66 2.03 -13.27 3.75
C SER A 66 2.42 -14.28 4.83
N LEU A 67 1.44 -15.05 5.27
CA LEU A 67 1.57 -16.10 6.27
C LEU A 67 0.89 -17.36 5.73
N ASP A 68 -0.41 -17.52 5.97
CA ASP A 68 -1.13 -18.73 5.60
C ASP A 68 -2.20 -18.36 4.60
N ASN A 69 -3.15 -17.53 5.03
CA ASN A 69 -4.26 -17.06 4.23
C ASN A 69 -4.60 -15.59 4.52
N LEU A 70 -3.69 -14.88 5.18
CA LEU A 70 -3.83 -13.50 5.66
C LEU A 70 -2.57 -12.71 5.29
N TYR A 71 -2.52 -11.45 5.73
CA TYR A 71 -1.45 -10.49 5.57
C TYR A 71 -1.30 -9.82 6.96
N ARG A 72 -0.12 -9.79 7.59
CA ARG A 72 0.13 -9.23 8.94
C ARG A 72 1.51 -8.59 9.02
N LEU A 73 1.72 -7.48 9.75
CA LEU A 73 3.01 -6.79 9.71
C LEU A 73 3.56 -6.34 11.04
N GLU A 74 2.69 -6.12 12.02
CA GLU A 74 3.13 -5.82 13.37
C GLU A 74 2.37 -6.73 14.33
N GLY A 75 1.05 -6.69 14.26
CA GLY A 75 0.14 -7.37 15.14
C GLY A 75 -0.60 -8.46 14.38
N GLU A 76 -1.93 -8.48 14.44
CA GLU A 76 -2.75 -9.49 13.78
C GLU A 76 -2.73 -9.33 12.25
N GLY A 77 -3.32 -10.32 11.57
CA GLY A 77 -3.46 -10.34 10.12
C GLY A 77 -4.89 -10.09 9.68
N PHE A 78 -5.07 -9.77 8.40
CA PHE A 78 -6.38 -9.55 7.79
C PHE A 78 -6.51 -10.42 6.54
N PRO A 79 -7.75 -10.71 6.10
CA PRO A 79 -8.02 -11.57 4.95
C PRO A 79 -7.82 -10.85 3.60
N SER A 80 -7.69 -9.53 3.59
CA SER A 80 -7.48 -8.72 2.41
C SER A 80 -6.35 -7.75 2.75
N ILE A 81 -5.59 -7.37 1.74
CA ILE A 81 -4.60 -6.32 1.84
C ILE A 81 -5.32 -5.00 2.15
N PRO A 82 -6.39 -4.62 1.43
CA PRO A 82 -7.03 -3.33 1.65
C PRO A 82 -7.67 -3.21 3.04
N LEU A 83 -8.04 -4.34 3.65
CA LEU A 83 -8.52 -4.40 5.02
C LEU A 83 -7.41 -4.03 6.02
N LEU A 84 -6.18 -4.50 5.79
CA LEU A 84 -5.07 -4.26 6.71
C LEU A 84 -4.61 -2.81 6.61
N ILE A 85 -4.72 -2.24 5.41
CA ILE A 85 -4.37 -0.85 5.17
C ILE A 85 -5.20 0.04 6.07
N ASP A 86 -6.49 -0.21 6.26
CA ASP A 86 -7.31 0.67 7.09
C ASP A 86 -6.87 0.63 8.55
N HIS A 87 -6.48 -0.55 9.04
CA HIS A 87 -6.01 -0.66 10.40
C HIS A 87 -4.65 0.03 10.54
N LEU A 88 -3.94 0.39 9.48
CA LEU A 88 -2.76 1.24 9.56
C LEU A 88 -3.10 2.71 9.32
N LEU A 89 -4.01 2.98 8.39
CA LEU A 89 -4.29 4.31 7.91
C LEU A 89 -5.15 5.05 8.92
N SER A 90 -6.14 4.36 9.48
CA SER A 90 -7.09 5.00 10.38
C SER A 90 -6.58 4.99 11.84
N THR A 91 -5.46 4.31 12.10
CA THR A 91 -4.81 4.28 13.41
C THR A 91 -3.58 5.18 13.39
N GLN A 92 -2.94 5.31 12.23
CA GLN A 92 -1.62 5.87 12.02
C GLN A 92 -0.58 5.02 12.75
N GLN A 93 -0.30 3.84 12.21
CA GLN A 93 0.68 2.92 12.79
C GLN A 93 1.89 2.56 11.93
N PRO A 94 2.99 2.14 12.58
CA PRO A 94 4.27 1.85 11.95
C PRO A 94 4.33 0.49 11.26
N LEU A 95 5.12 0.45 10.19
CA LEU A 95 5.40 -0.78 9.43
C LEU A 95 6.47 -1.64 10.08
N THR A 96 7.50 -1.03 10.65
CA THR A 96 8.64 -1.78 11.16
C THR A 96 9.37 -0.92 12.17
N LYS A 97 9.91 -1.56 13.22
CA LYS A 97 10.90 -0.96 14.11
C LYS A 97 12.09 -0.39 13.33
N LYS A 98 12.37 -0.88 12.13
CA LYS A 98 13.49 -0.40 11.32
C LYS A 98 13.30 0.98 10.70
N SER A 99 12.09 1.55 10.67
CA SER A 99 11.92 2.86 10.04
C SER A 99 10.65 3.61 10.49
N GLY A 100 9.76 2.99 11.26
CA GLY A 100 8.59 3.63 11.86
C GLY A 100 7.49 4.11 10.89
N VAL A 101 7.65 3.93 9.58
CA VAL A 101 6.80 4.36 8.48
C VAL A 101 5.30 4.34 8.81
N VAL A 102 4.59 5.47 8.76
CA VAL A 102 3.14 5.50 8.93
C VAL A 102 2.46 5.90 7.60
N LEU A 103 1.46 5.12 7.18
CA LEU A 103 0.61 5.42 6.03
C LEU A 103 -0.10 6.75 6.27
N HIS A 104 -0.23 7.60 5.26
CA HIS A 104 -0.80 8.93 5.44
C HIS A 104 -1.56 9.38 4.19
N ARG A 105 -1.09 9.02 3.00
CA ARG A 105 -1.67 9.47 1.74
C ARG A 105 -1.61 8.34 0.72
N ALA A 106 -2.59 8.22 -0.14
CA ALA A 106 -2.59 7.20 -1.20
C ALA A 106 -2.43 7.89 -2.55
N VAL A 107 -1.77 7.25 -3.51
CA VAL A 107 -1.65 7.73 -4.88
C VAL A 107 -2.81 7.10 -5.68
N PRO A 108 -3.81 7.88 -6.15
CA PRO A 108 -4.96 7.34 -6.87
C PRO A 108 -4.63 6.94 -8.31
N SER A 109 -4.60 5.63 -8.59
CA SER A 109 -4.28 5.06 -9.91
C SER A 109 -5.55 4.83 -10.74
N GLY A 110 -6.71 4.75 -10.09
CA GLY A 110 -7.93 4.19 -10.66
C GLY A 110 -7.92 2.66 -10.56
N PRO A 111 -9.09 2.01 -10.65
CA PRO A 111 -9.21 0.56 -10.55
C PRO A 111 -8.73 -0.12 -11.84
N SER A 112 -7.44 -0.38 -11.92
CA SER A 112 -6.80 -1.24 -12.91
C SER A 112 -6.07 -2.37 -12.20
N SER A 113 -5.34 -3.19 -12.93
CA SER A 113 -4.52 -4.27 -12.39
C SER A 113 -3.25 -4.38 -13.24
N GLY A 114 -2.63 -3.23 -13.50
CA GLY A 114 -1.56 -3.05 -14.48
C GLY A 114 -2.20 -2.60 -15.76
N GLY A 1 -19.07 8.65 -14.27
CA GLY A 1 -18.35 9.34 -13.19
C GLY A 1 -17.76 8.35 -12.22
N SER A 2 -16.48 8.49 -11.87
CA SER A 2 -15.72 7.45 -11.17
C SER A 2 -14.94 8.12 -10.04
N SER A 3 -15.32 7.89 -8.78
CA SER A 3 -14.67 8.49 -7.62
C SER A 3 -15.08 7.78 -6.33
N GLY A 4 -14.71 8.35 -5.18
CA GLY A 4 -15.03 7.84 -3.85
C GLY A 4 -14.77 8.87 -2.76
N SER A 5 -14.74 8.38 -1.52
CA SER A 5 -14.78 9.15 -0.29
C SER A 5 -13.68 8.68 0.69
N SER A 6 -12.53 8.18 0.20
CA SER A 6 -11.44 7.72 1.06
C SER A 6 -11.94 6.63 2.03
N GLY A 7 -12.76 5.70 1.52
CA GLY A 7 -13.45 4.69 2.30
C GLY A 7 -13.79 3.52 1.40
N GLU A 8 -12.80 2.71 1.07
CA GLU A 8 -12.91 1.60 0.10
C GLU A 8 -12.31 0.33 0.69
N VAL A 9 -12.24 0.23 2.01
CA VAL A 9 -11.67 -0.86 2.78
C VAL A 9 -12.35 -2.15 2.38
N GLN A 10 -13.69 -2.16 2.34
CA GLN A 10 -14.45 -3.39 2.18
C GLN A 10 -14.42 -3.92 0.74
N LYS A 11 -14.06 -3.06 -0.22
CA LYS A 11 -14.02 -3.40 -1.64
C LYS A 11 -12.90 -4.42 -1.89
N PRO A 12 -12.92 -5.12 -3.05
CA PRO A 12 -11.83 -5.99 -3.40
C PRO A 12 -10.57 -5.17 -3.59
N LEU A 13 -9.44 -5.87 -3.61
CA LEU A 13 -8.15 -5.31 -3.95
C LEU A 13 -8.16 -4.72 -5.36
N HIS A 14 -8.92 -5.30 -6.29
CA HIS A 14 -8.85 -4.85 -7.67
C HIS A 14 -9.56 -3.50 -7.92
N GLU A 15 -10.22 -2.91 -6.92
CA GLU A 15 -10.97 -1.65 -7.05
C GLU A 15 -10.25 -0.50 -6.35
N GLN A 16 -9.09 -0.75 -5.75
CA GLN A 16 -8.41 0.21 -4.90
C GLN A 16 -7.77 1.32 -5.72
N LEU A 17 -7.28 2.33 -5.02
CA LEU A 17 -6.63 3.51 -5.57
C LEU A 17 -5.13 3.29 -5.55
N TRP A 18 -4.56 3.08 -4.36
CA TRP A 18 -3.15 2.85 -4.12
C TRP A 18 -2.66 1.56 -4.78
N TYR A 19 -3.56 0.68 -5.25
CA TYR A 19 -3.14 -0.49 -5.99
C TYR A 19 -2.78 -0.03 -7.40
N HIS A 20 -1.48 -0.03 -7.73
CA HIS A 20 -0.97 0.29 -9.06
C HIS A 20 -0.64 -0.96 -9.90
N GLY A 21 -1.06 -2.16 -9.47
CA GLY A 21 -1.02 -3.38 -10.26
C GLY A 21 0.39 -3.95 -10.24
N ALA A 22 1.15 -3.72 -11.30
CA ALA A 22 2.52 -4.07 -11.56
C ALA A 22 3.21 -2.84 -12.16
N ILE A 23 4.28 -2.36 -11.54
CA ILE A 23 5.04 -1.17 -11.90
C ILE A 23 6.51 -1.45 -11.50
N PRO A 24 7.53 -0.95 -12.20
CA PRO A 24 8.92 -1.04 -11.76
C PRO A 24 9.20 -0.19 -10.52
N ARG A 25 10.38 -0.35 -9.90
CA ARG A 25 10.65 0.38 -8.66
C ARG A 25 11.07 1.82 -8.88
N ALA A 26 11.54 2.21 -10.08
CA ALA A 26 11.95 3.60 -10.25
C ALA A 26 10.72 4.50 -10.39
N GLU A 27 9.66 4.02 -11.06
CA GLU A 27 8.42 4.77 -11.28
C GLU A 27 7.81 5.23 -9.95
N VAL A 28 8.00 4.47 -8.86
CA VAL A 28 7.47 4.76 -7.55
C VAL A 28 7.76 6.21 -7.15
N ALA A 29 9.02 6.61 -7.07
CA ALA A 29 9.35 7.95 -6.59
C ALA A 29 8.85 9.05 -7.52
N GLU A 30 8.45 8.73 -8.73
CA GLU A 30 7.74 9.64 -9.61
C GLU A 30 6.27 9.81 -9.17
N LEU A 31 5.65 8.76 -8.64
CA LEU A 31 4.27 8.77 -8.16
C LEU A 31 4.19 9.47 -6.81
N LEU A 32 5.10 9.12 -5.90
CA LEU A 32 5.12 9.66 -4.55
C LEU A 32 5.84 11.01 -4.60
N VAL A 33 5.59 11.91 -3.66
CA VAL A 33 6.09 13.28 -3.67
C VAL A 33 6.46 13.69 -2.24
N HIS A 34 5.64 13.30 -1.27
CA HIS A 34 5.77 13.67 0.13
C HIS A 34 5.76 12.41 0.99
N SER A 35 6.03 12.57 2.28
CA SER A 35 5.96 11.47 3.23
C SER A 35 4.56 10.88 3.27
N GLY A 36 4.49 9.56 3.48
CA GLY A 36 3.24 8.87 3.72
C GLY A 36 2.54 8.44 2.45
N ASP A 37 2.93 8.99 1.30
CA ASP A 37 2.48 8.56 -0.03
C ASP A 37 2.85 7.09 -0.15
N PHE A 38 1.87 6.21 -0.37
CA PHE A 38 2.08 4.79 -0.59
C PHE A 38 1.28 4.31 -1.78
N LEU A 39 1.79 3.26 -2.41
CA LEU A 39 1.11 2.43 -3.37
C LEU A 39 1.46 0.97 -3.07
N VAL A 40 0.73 0.05 -3.69
CA VAL A 40 0.98 -1.37 -3.71
C VAL A 40 1.18 -1.74 -5.16
N ARG A 41 2.27 -2.46 -5.44
CA ARG A 41 2.68 -2.89 -6.78
C ARG A 41 2.97 -4.37 -6.72
N GLU A 42 3.04 -5.03 -7.85
CA GLU A 42 3.47 -6.40 -7.98
C GLU A 42 4.99 -6.43 -8.08
N SER A 43 5.59 -7.59 -7.86
CA SER A 43 6.99 -7.86 -8.11
C SER A 43 7.23 -8.00 -9.63
N GLN A 44 8.26 -8.75 -10.00
CA GLN A 44 8.64 -8.94 -11.39
C GLN A 44 8.07 -10.28 -11.85
N GLY A 45 6.76 -10.33 -12.07
CA GLY A 45 6.02 -11.52 -12.46
C GLY A 45 6.06 -12.57 -11.37
N LYS A 46 6.00 -12.17 -10.09
CA LYS A 46 5.91 -13.08 -8.95
C LYS A 46 4.53 -12.91 -8.35
N GLN A 47 3.99 -13.93 -7.69
CA GLN A 47 2.70 -13.81 -7.03
C GLN A 47 2.95 -13.22 -5.64
N GLU A 48 3.51 -12.00 -5.61
CA GLU A 48 3.88 -11.31 -4.40
C GLU A 48 3.83 -9.82 -4.72
N TYR A 49 3.29 -9.05 -3.80
CA TYR A 49 3.17 -7.60 -3.92
C TYR A 49 4.22 -6.90 -3.05
N VAL A 50 4.46 -5.61 -3.30
CA VAL A 50 5.42 -4.75 -2.64
C VAL A 50 4.66 -3.48 -2.27
N LEU A 51 4.75 -3.09 -0.99
CA LEU A 51 4.31 -1.81 -0.49
C LEU A 51 5.43 -0.82 -0.75
N SER A 52 5.15 0.25 -1.48
CA SER A 52 6.13 1.26 -1.83
C SER A 52 5.61 2.57 -1.28
N VAL A 53 6.26 3.06 -0.21
CA VAL A 53 5.85 4.21 0.57
C VAL A 53 7.05 5.15 0.70
N LEU A 54 6.84 6.45 0.56
CA LEU A 54 7.86 7.48 0.75
C LEU A 54 7.92 7.75 2.24
N TRP A 55 9.07 7.57 2.88
CA TRP A 55 9.30 8.05 4.24
C TRP A 55 10.53 8.95 4.23
N ASP A 56 10.36 10.18 4.68
CA ASP A 56 11.31 11.29 4.74
C ASP A 56 12.31 11.29 3.58
N GLY A 57 11.77 11.54 2.39
CA GLY A 57 12.50 11.75 1.15
C GLY A 57 13.14 10.49 0.60
N LEU A 58 12.82 9.33 1.17
CA LEU A 58 13.33 8.03 0.76
C LEU A 58 12.17 7.06 0.48
N PRO A 59 11.85 6.75 -0.78
CA PRO A 59 10.92 5.69 -1.16
C PRO A 59 11.41 4.31 -0.66
N ARG A 60 10.98 3.92 0.54
CA ARG A 60 11.12 2.56 1.05
C ARG A 60 10.29 1.62 0.19
N HIS A 61 10.64 0.36 0.22
CA HIS A 61 9.87 -0.70 -0.43
C HIS A 61 9.94 -1.88 0.52
N PHE A 62 8.80 -2.27 1.06
CA PHE A 62 8.65 -3.40 1.96
C PHE A 62 7.78 -4.38 1.20
N ILE A 63 8.19 -5.64 1.07
CA ILE A 63 7.32 -6.67 0.48
C ILE A 63 6.04 -6.72 1.32
N ILE A 64 4.88 -6.76 0.66
CA ILE A 64 3.58 -6.90 1.29
C ILE A 64 3.62 -8.14 2.16
N GLN A 65 2.85 -8.06 3.22
CA GLN A 65 2.75 -9.08 4.24
C GLN A 65 2.25 -10.38 3.63
N SER A 66 2.42 -11.49 4.35
CA SER A 66 1.88 -12.79 4.01
C SER A 66 2.28 -13.69 5.17
N LEU A 67 1.35 -14.55 5.58
CA LEU A 67 1.62 -15.68 6.46
C LEU A 67 1.13 -16.92 5.75
N ASP A 68 -0.16 -17.24 5.87
CA ASP A 68 -0.71 -18.44 5.25
C ASP A 68 -1.67 -18.01 4.15
N ASN A 69 -2.74 -17.31 4.53
CA ASN A 69 -3.76 -16.74 3.67
C ASN A 69 -4.08 -15.29 4.07
N LEU A 70 -3.33 -14.73 5.04
CA LEU A 70 -3.59 -13.43 5.66
C LEU A 70 -2.39 -12.53 5.50
N TYR A 71 -2.56 -11.26 5.81
CA TYR A 71 -1.56 -10.21 5.63
C TYR A 71 -1.47 -9.44 6.93
N ARG A 72 -0.32 -9.41 7.61
CA ARG A 72 -0.11 -8.72 8.88
C ARG A 72 1.25 -8.04 8.94
N LEU A 73 1.41 -6.88 9.59
CA LEU A 73 2.68 -6.16 9.59
C LEU A 73 3.16 -5.89 11.00
N GLU A 74 2.40 -5.10 11.75
CA GLU A 74 2.71 -4.73 13.12
C GLU A 74 1.93 -5.62 14.10
N GLY A 75 0.75 -6.06 13.71
CA GLY A 75 -0.26 -6.65 14.57
C GLY A 75 -0.80 -7.92 13.96
N GLU A 76 -2.12 -8.12 14.10
CA GLU A 76 -2.84 -9.26 13.52
C GLU A 76 -3.01 -9.11 12.00
N GLY A 77 -3.51 -10.17 11.36
CA GLY A 77 -3.72 -10.23 9.93
C GLY A 77 -5.16 -10.01 9.55
N PHE A 78 -5.39 -9.86 8.24
CA PHE A 78 -6.71 -9.82 7.63
C PHE A 78 -6.71 -10.68 6.36
N PRO A 79 -7.89 -11.12 5.89
CA PRO A 79 -8.04 -11.96 4.70
C PRO A 79 -7.76 -11.22 3.38
N SER A 80 -7.63 -9.90 3.40
CA SER A 80 -7.39 -9.06 2.23
C SER A 80 -6.36 -8.00 2.62
N ILE A 81 -5.61 -7.53 1.61
CA ILE A 81 -4.63 -6.45 1.76
C ILE A 81 -5.40 -5.14 2.04
N PRO A 82 -6.48 -4.78 1.31
CA PRO A 82 -7.12 -3.48 1.50
C PRO A 82 -7.79 -3.36 2.87
N LEU A 83 -8.25 -4.50 3.43
CA LEU A 83 -8.84 -4.59 4.74
C LEU A 83 -7.80 -4.24 5.81
N LEU A 84 -6.54 -4.61 5.58
CA LEU A 84 -5.44 -4.38 6.52
C LEU A 84 -4.98 -2.93 6.45
N ILE A 85 -4.95 -2.33 5.25
CA ILE A 85 -4.47 -0.96 5.03
C ILE A 85 -5.16 0.00 6.00
N ASP A 86 -6.47 -0.15 6.21
CA ASP A 86 -7.24 0.79 7.03
C ASP A 86 -6.69 0.85 8.44
N HIS A 87 -6.35 -0.31 9.01
CA HIS A 87 -5.86 -0.39 10.37
C HIS A 87 -4.42 0.13 10.49
N LEU A 88 -3.68 0.38 9.39
CA LEU A 88 -2.33 0.94 9.29
C LEU A 88 -2.30 2.38 8.78
N LEU A 89 -3.43 2.88 8.25
CA LEU A 89 -3.63 4.29 7.95
C LEU A 89 -4.19 4.95 9.19
N SER A 90 -5.27 4.40 9.72
CA SER A 90 -6.18 5.21 10.51
C SER A 90 -5.84 5.16 11.99
N THR A 91 -4.78 4.44 12.37
CA THR A 91 -4.20 4.34 13.69
C THR A 91 -2.75 4.89 13.68
N GLN A 92 -2.10 4.96 12.50
CA GLN A 92 -0.72 5.37 12.26
C GLN A 92 0.26 4.30 12.76
N GLN A 93 -0.07 3.03 12.55
CA GLN A 93 0.77 1.93 13.01
C GLN A 93 2.05 1.85 12.15
N PRO A 94 3.20 1.52 12.74
CA PRO A 94 4.47 1.45 12.03
C PRO A 94 4.54 0.24 11.10
N LEU A 95 5.32 0.34 10.03
CA LEU A 95 5.47 -0.71 9.01
C LEU A 95 6.67 -1.62 9.25
N THR A 96 7.67 -1.21 10.01
CA THR A 96 8.69 -2.12 10.51
C THR A 96 9.15 -1.52 11.84
N LYS A 97 9.51 -2.39 12.78
CA LYS A 97 10.03 -1.99 14.09
C LYS A 97 11.32 -1.21 14.01
N LYS A 98 12.00 -1.22 12.85
CA LYS A 98 13.14 -0.39 12.61
C LYS A 98 12.61 0.97 12.18
N SER A 99 12.07 1.03 10.97
CA SER A 99 11.98 2.28 10.24
C SER A 99 10.83 3.17 10.70
N GLY A 100 9.82 2.60 11.37
CA GLY A 100 8.68 3.33 11.92
C GLY A 100 7.84 4.05 10.88
N VAL A 101 7.97 3.74 9.59
CA VAL A 101 7.12 4.27 8.53
C VAL A 101 5.66 4.08 8.92
N VAL A 102 4.75 4.98 8.56
CA VAL A 102 3.31 4.78 8.72
C VAL A 102 2.64 5.00 7.35
N LEU A 103 1.40 4.54 7.15
CA LEU A 103 0.64 4.91 5.98
C LEU A 103 -0.03 6.26 6.24
N HIS A 104 -0.10 7.14 5.25
CA HIS A 104 -0.68 8.48 5.45
C HIS A 104 -1.49 8.92 4.23
N ARG A 105 -0.93 8.75 3.02
CA ARG A 105 -1.57 9.19 1.79
C ARG A 105 -1.54 8.08 0.75
N ALA A 106 -2.60 7.95 -0.04
CA ALA A 106 -2.70 6.96 -1.10
C ALA A 106 -2.66 7.65 -2.45
N VAL A 107 -1.85 7.15 -3.37
CA VAL A 107 -1.78 7.57 -4.76
C VAL A 107 -2.93 6.89 -5.52
N PRO A 108 -3.72 7.61 -6.33
CA PRO A 108 -4.72 7.03 -7.21
C PRO A 108 -4.12 6.45 -8.50
N SER A 109 -4.21 5.14 -8.68
CA SER A 109 -3.94 4.51 -9.98
C SER A 109 -5.18 4.57 -10.88
N GLY A 110 -6.37 4.44 -10.28
CA GLY A 110 -7.63 4.23 -10.99
C GLY A 110 -8.10 2.78 -10.81
N PRO A 111 -9.39 2.50 -11.10
CA PRO A 111 -10.00 1.22 -10.78
C PRO A 111 -9.59 0.11 -11.76
N SER A 112 -9.48 0.40 -13.06
CA SER A 112 -8.93 -0.57 -14.01
C SER A 112 -7.41 -0.42 -14.02
N SER A 113 -6.72 -1.52 -14.26
CA SER A 113 -5.27 -1.56 -14.23
C SER A 113 -4.70 -2.52 -15.27
N GLY A 114 -3.38 -2.44 -15.46
CA GLY A 114 -2.66 -2.98 -16.60
C GLY A 114 -2.54 -1.88 -17.62
N GLY A 1 -9.76 18.97 -13.22
CA GLY A 1 -10.62 17.80 -13.35
C GLY A 1 -10.26 16.77 -12.29
N SER A 2 -10.99 16.71 -11.18
CA SER A 2 -10.64 15.90 -10.01
C SER A 2 -11.90 15.27 -9.43
N SER A 3 -11.95 13.94 -9.36
CA SER A 3 -13.06 13.24 -8.75
C SER A 3 -12.75 13.02 -7.26
N GLY A 4 -11.86 12.07 -6.95
CA GLY A 4 -11.51 11.67 -5.60
C GLY A 4 -12.20 10.37 -5.20
N SER A 5 -11.70 9.72 -4.15
CA SER A 5 -12.24 8.49 -3.61
C SER A 5 -11.77 8.35 -2.17
N SER A 6 -12.69 8.01 -1.27
CA SER A 6 -12.44 7.84 0.15
C SER A 6 -13.40 6.76 0.65
N GLY A 7 -12.90 5.86 1.51
CA GLY A 7 -13.66 4.75 2.05
C GLY A 7 -13.78 3.62 1.05
N GLU A 8 -12.71 2.85 0.89
CA GLU A 8 -12.61 1.72 -0.01
C GLU A 8 -12.05 0.49 0.73
N VAL A 9 -12.33 0.36 2.02
CA VAL A 9 -11.78 -0.71 2.85
C VAL A 9 -12.40 -2.04 2.43
N GLN A 10 -13.74 -2.12 2.46
CA GLN A 10 -14.48 -3.35 2.24
C GLN A 10 -14.40 -3.82 0.77
N LYS A 11 -14.02 -2.91 -0.13
CA LYS A 11 -13.82 -3.18 -1.56
C LYS A 11 -12.75 -4.27 -1.75
N PRO A 12 -12.70 -4.87 -2.94
CA PRO A 12 -11.62 -5.77 -3.26
C PRO A 12 -10.32 -4.97 -3.46
N LEU A 13 -9.20 -5.68 -3.44
CA LEU A 13 -7.91 -5.16 -3.88
C LEU A 13 -8.00 -4.72 -5.34
N HIS A 14 -8.71 -5.48 -6.18
CA HIS A 14 -8.73 -5.28 -7.63
C HIS A 14 -9.55 -4.07 -8.08
N GLU A 15 -9.97 -3.20 -7.16
CA GLU A 15 -10.64 -1.92 -7.45
C GLU A 15 -9.99 -0.76 -6.69
N GLN A 16 -8.88 -0.97 -5.97
CA GLN A 16 -8.30 0.07 -5.13
C GLN A 16 -7.63 1.17 -5.96
N LEU A 17 -7.38 2.29 -5.29
CA LEU A 17 -6.85 3.53 -5.81
C LEU A 17 -5.33 3.42 -5.82
N TRP A 18 -4.76 3.18 -4.63
CA TRP A 18 -3.34 2.93 -4.43
C TRP A 18 -2.88 1.62 -5.04
N TYR A 19 -3.78 0.75 -5.51
CA TYR A 19 -3.36 -0.39 -6.30
C TYR A 19 -3.11 0.09 -7.74
N HIS A 20 -1.83 0.14 -8.16
CA HIS A 20 -1.39 0.55 -9.50
C HIS A 20 -1.17 -0.68 -10.39
N GLY A 21 -0.55 -1.76 -9.87
CA GLY A 21 -0.28 -3.00 -10.57
C GLY A 21 1.20 -3.29 -10.46
N ALA A 22 1.81 -3.84 -11.50
CA ALA A 22 3.13 -4.48 -11.46
C ALA A 22 4.32 -3.52 -11.61
N ILE A 23 4.18 -2.33 -11.03
CA ILE A 23 5.01 -1.16 -11.30
C ILE A 23 6.46 -1.36 -10.77
N PRO A 24 7.49 -0.81 -11.44
CA PRO A 24 8.87 -0.85 -10.98
C PRO A 24 9.17 0.14 -9.85
N ARG A 25 10.29 -0.05 -9.15
CA ARG A 25 10.71 0.79 -8.03
C ARG A 25 10.99 2.24 -8.41
N ALA A 26 11.37 2.49 -9.66
CA ALA A 26 11.68 3.84 -10.11
C ALA A 26 10.38 4.64 -10.19
N GLU A 27 9.31 4.02 -10.70
CA GLU A 27 8.04 4.67 -10.94
C GLU A 27 7.39 5.05 -9.62
N VAL A 28 7.59 4.29 -8.54
CA VAL A 28 7.20 4.66 -7.19
C VAL A 28 7.54 6.13 -6.94
N ALA A 29 8.81 6.52 -6.97
CA ALA A 29 9.21 7.86 -6.55
C ALA A 29 8.77 8.95 -7.53
N GLU A 30 8.36 8.55 -8.73
CA GLU A 30 7.69 9.43 -9.68
C GLU A 30 6.25 9.73 -9.21
N LEU A 31 5.60 8.78 -8.55
CA LEU A 31 4.20 8.86 -8.15
C LEU A 31 4.04 9.48 -6.77
N LEU A 32 4.84 9.02 -5.80
CA LEU A 32 4.79 9.48 -4.42
C LEU A 32 5.51 10.83 -4.37
N VAL A 33 4.96 11.86 -3.72
CA VAL A 33 5.59 13.19 -3.73
C VAL A 33 5.72 13.80 -2.35
N HIS A 34 4.91 13.39 -1.37
CA HIS A 34 5.07 13.83 0.01
C HIS A 34 5.13 12.61 0.91
N SER A 35 5.53 12.84 2.16
CA SER A 35 5.63 11.84 3.18
C SER A 35 4.30 11.11 3.31
N GLY A 36 4.34 9.79 3.19
CA GLY A 36 3.19 8.94 3.46
C GLY A 36 2.40 8.52 2.24
N ASP A 37 2.67 9.09 1.06
CA ASP A 37 2.13 8.60 -0.21
C ASP A 37 2.56 7.13 -0.34
N PHE A 38 1.63 6.18 -0.49
CA PHE A 38 1.93 4.75 -0.67
C PHE A 38 1.21 4.15 -1.88
N LEU A 39 1.74 3.03 -2.38
CA LEU A 39 1.17 2.17 -3.42
C LEU A 39 1.57 0.71 -3.16
N VAL A 40 0.82 -0.25 -3.70
CA VAL A 40 0.99 -1.71 -3.59
C VAL A 40 1.29 -2.27 -4.97
N ARG A 41 2.57 -2.51 -5.28
CA ARG A 41 2.99 -2.95 -6.60
C ARG A 41 3.21 -4.46 -6.63
N GLU A 42 3.05 -5.13 -7.76
CA GLU A 42 3.40 -6.55 -7.94
C GLU A 42 4.89 -6.65 -8.31
N SER A 43 5.55 -7.75 -7.98
CA SER A 43 7.00 -7.94 -8.12
C SER A 43 7.45 -8.08 -9.59
N GLN A 44 8.78 -8.05 -9.78
CA GLN A 44 9.47 -8.34 -11.03
C GLN A 44 9.24 -9.80 -11.46
N GLY A 45 8.12 -10.06 -12.12
CA GLY A 45 7.79 -11.37 -12.68
C GLY A 45 7.51 -12.39 -11.60
N LYS A 46 7.05 -11.99 -10.41
CA LYS A 46 6.60 -12.92 -9.37
C LYS A 46 5.22 -12.49 -8.93
N GLN A 47 4.33 -13.45 -8.67
CA GLN A 47 3.03 -13.27 -8.05
C GLN A 47 3.22 -12.97 -6.56
N GLU A 48 3.90 -11.87 -6.26
CA GLU A 48 4.14 -11.32 -4.96
C GLU A 48 3.87 -9.81 -5.03
N TYR A 49 3.45 -9.17 -3.93
CA TYR A 49 3.28 -7.73 -3.88
C TYR A 49 4.36 -7.06 -3.01
N VAL A 50 4.56 -5.76 -3.21
CA VAL A 50 5.53 -4.89 -2.57
C VAL A 50 4.77 -3.63 -2.19
N LEU A 51 4.80 -3.25 -0.92
CA LEU A 51 4.40 -1.94 -0.47
C LEU A 51 5.53 -0.97 -0.82
N SER A 52 5.21 0.21 -1.31
CA SER A 52 6.22 1.27 -1.34
C SER A 52 5.59 2.59 -0.90
N VAL A 53 6.30 3.31 -0.04
CA VAL A 53 5.84 4.55 0.59
C VAL A 53 7.01 5.52 0.72
N LEU A 54 6.78 6.82 0.54
CA LEU A 54 7.82 7.84 0.57
C LEU A 54 7.95 8.23 2.04
N TRP A 55 9.04 7.83 2.68
CA TRP A 55 9.31 8.19 4.07
C TRP A 55 10.65 8.89 4.10
N ASP A 56 10.70 10.09 4.67
CA ASP A 56 11.94 10.86 4.90
C ASP A 56 12.79 10.95 3.62
N GLY A 57 12.16 11.23 2.48
CA GLY A 57 12.84 11.45 1.21
C GLY A 57 13.41 10.17 0.62
N LEU A 58 12.78 9.03 0.91
CA LEU A 58 13.24 7.73 0.48
C LEU A 58 11.99 6.89 0.27
N PRO A 59 11.63 6.54 -0.98
CA PRO A 59 10.58 5.60 -1.29
C PRO A 59 11.02 4.24 -0.76
N ARG A 60 10.59 3.90 0.43
CA ARG A 60 10.88 2.61 1.04
C ARG A 60 10.21 1.56 0.19
N HIS A 61 10.79 0.37 0.11
CA HIS A 61 10.21 -0.77 -0.58
C HIS A 61 10.25 -1.97 0.35
N PHE A 62 9.08 -2.38 0.84
CA PHE A 62 8.91 -3.55 1.70
C PHE A 62 8.02 -4.54 0.96
N ILE A 63 8.31 -5.83 1.01
CA ILE A 63 7.42 -6.84 0.45
C ILE A 63 6.13 -6.84 1.29
N ILE A 64 4.98 -7.04 0.64
CA ILE A 64 3.71 -7.22 1.31
C ILE A 64 3.77 -8.49 2.15
N GLN A 65 2.97 -8.43 3.21
CA GLN A 65 2.81 -9.43 4.22
C GLN A 65 2.19 -10.69 3.62
N SER A 66 2.27 -11.79 4.35
CA SER A 66 1.69 -13.08 4.02
C SER A 66 2.08 -13.98 5.18
N LEU A 67 1.10 -14.74 5.66
CA LEU A 67 1.28 -15.79 6.66
C LEU A 67 0.62 -17.03 6.09
N ASP A 68 -0.71 -17.14 6.21
CA ASP A 68 -1.43 -18.31 5.73
C ASP A 68 -2.52 -17.92 4.73
N ASN A 69 -3.49 -17.13 5.19
CA ASN A 69 -4.60 -16.61 4.41
C ASN A 69 -4.99 -15.20 4.87
N LEU A 70 -4.04 -14.54 5.54
CA LEU A 70 -4.13 -13.18 6.05
C LEU A 70 -2.87 -12.41 5.66
N TYR A 71 -2.80 -11.14 6.05
CA TYR A 71 -1.70 -10.21 5.85
C TYR A 71 -1.51 -9.48 7.20
N ARG A 72 -0.30 -9.40 7.79
CA ARG A 72 -0.04 -8.77 9.09
C ARG A 72 1.30 -8.03 9.07
N LEU A 73 1.41 -6.83 9.66
CA LEU A 73 2.65 -6.04 9.59
C LEU A 73 3.07 -5.39 10.88
N GLU A 74 2.13 -5.13 11.77
CA GLU A 74 2.47 -4.69 13.12
C GLU A 74 2.15 -5.84 14.06
N GLY A 75 0.87 -6.20 14.17
CA GLY A 75 0.36 -7.11 15.18
C GLY A 75 -0.45 -8.20 14.53
N GLU A 76 -1.77 -8.05 14.52
CA GLU A 76 -2.74 -9.01 13.98
C GLU A 76 -2.85 -8.91 12.46
N GLY A 77 -3.58 -9.84 11.84
CA GLY A 77 -3.73 -9.92 10.40
C GLY A 77 -5.15 -9.55 9.95
N PHE A 78 -5.33 -9.34 8.65
CA PHE A 78 -6.63 -9.13 8.01
C PHE A 78 -6.73 -10.00 6.76
N PRO A 79 -7.96 -10.30 6.29
CA PRO A 79 -8.24 -11.19 5.16
C PRO A 79 -8.02 -10.57 3.78
N SER A 80 -7.78 -9.26 3.70
CA SER A 80 -7.53 -8.52 2.47
C SER A 80 -6.37 -7.58 2.76
N ILE A 81 -5.60 -7.24 1.73
CA ILE A 81 -4.61 -6.17 1.81
C ILE A 81 -5.38 -4.87 2.12
N PRO A 82 -6.46 -4.52 1.39
CA PRO A 82 -7.15 -3.24 1.61
C PRO A 82 -7.79 -3.14 2.99
N LEU A 83 -8.23 -4.27 3.58
CA LEU A 83 -8.81 -4.26 4.92
C LEU A 83 -7.73 -3.92 5.95
N LEU A 84 -6.49 -4.35 5.72
CA LEU A 84 -5.38 -4.06 6.62
C LEU A 84 -4.91 -2.63 6.47
N ILE A 85 -4.96 -2.08 5.24
CA ILE A 85 -4.61 -0.70 4.98
C ILE A 85 -5.36 0.20 5.96
N ASP A 86 -6.68 0.04 6.12
CA ASP A 86 -7.44 0.97 6.96
C ASP A 86 -6.97 0.89 8.41
N HIS A 87 -6.69 -0.34 8.86
CA HIS A 87 -6.25 -0.62 10.21
C HIS A 87 -4.79 -0.22 10.45
N LEU A 88 -4.02 0.22 9.45
CA LEU A 88 -2.77 0.94 9.65
C LEU A 88 -2.92 2.44 9.41
N LEU A 89 -3.77 2.84 8.46
CA LEU A 89 -3.92 4.24 8.08
C LEU A 89 -4.52 5.01 9.23
N SER A 90 -5.54 4.43 9.83
CA SER A 90 -6.34 5.10 10.83
C SER A 90 -5.63 5.04 12.19
N THR A 91 -4.65 4.15 12.35
CA THR A 91 -4.06 3.78 13.63
C THR A 91 -2.62 4.29 13.72
N GLN A 92 -2.05 4.60 12.56
CA GLN A 92 -0.69 5.11 12.40
C GLN A 92 0.31 4.10 12.95
N GLN A 93 0.21 2.86 12.48
CA GLN A 93 1.09 1.77 12.90
C GLN A 93 2.30 1.64 11.99
N PRO A 94 3.47 1.26 12.52
CA PRO A 94 4.70 1.15 11.74
C PRO A 94 4.74 -0.07 10.84
N LEU A 95 5.29 0.12 9.65
CA LEU A 95 5.40 -0.90 8.61
C LEU A 95 6.52 -1.91 8.84
N THR A 96 7.50 -1.61 9.68
CA THR A 96 8.42 -2.61 10.23
C THR A 96 9.16 -1.92 11.36
N LYS A 97 9.70 -2.72 12.28
CA LYS A 97 10.62 -2.26 13.32
C LYS A 97 11.78 -1.48 12.72
N LYS A 98 12.22 -1.83 11.51
CA LYS A 98 13.40 -1.19 10.93
C LYS A 98 13.19 0.30 10.65
N SER A 99 11.98 0.74 10.30
CA SER A 99 11.78 2.05 9.68
C SER A 99 10.61 2.84 10.25
N GLY A 100 9.74 2.24 11.08
CA GLY A 100 8.75 2.98 11.86
C GLY A 100 7.68 3.69 11.03
N VAL A 101 7.54 3.36 9.75
CA VAL A 101 6.80 4.16 8.78
C VAL A 101 5.29 3.96 8.87
N VAL A 102 4.47 5.01 8.78
CA VAL A 102 3.01 4.91 8.95
C VAL A 102 2.30 5.34 7.66
N LEU A 103 1.19 4.68 7.29
CA LEU A 103 0.43 5.00 6.09
C LEU A 103 -0.20 6.38 6.28
N HIS A 104 -0.26 7.22 5.23
CA HIS A 104 -0.72 8.59 5.40
C HIS A 104 -1.44 9.17 4.18
N ARG A 105 -0.99 8.86 2.97
CA ARG A 105 -1.65 9.32 1.74
C ARG A 105 -1.66 8.19 0.72
N ALA A 106 -2.66 8.10 -0.14
CA ALA A 106 -2.76 7.06 -1.15
C ALA A 106 -2.77 7.71 -2.53
N VAL A 107 -2.02 7.15 -3.47
CA VAL A 107 -1.94 7.63 -4.84
C VAL A 107 -3.12 7.04 -5.63
N PRO A 108 -3.96 7.85 -6.29
CA PRO A 108 -5.04 7.36 -7.13
C PRO A 108 -4.58 6.94 -8.54
N SER A 109 -4.58 5.64 -8.79
CA SER A 109 -4.33 5.04 -10.09
C SER A 109 -5.62 4.87 -10.92
N GLY A 110 -6.79 5.30 -10.42
CA GLY A 110 -8.07 5.03 -11.03
C GLY A 110 -8.57 3.62 -10.66
N PRO A 111 -9.67 3.14 -11.25
CA PRO A 111 -10.38 1.93 -10.85
C PRO A 111 -9.84 0.63 -11.46
N SER A 112 -8.86 0.70 -12.36
CA SER A 112 -8.43 -0.43 -13.18
C SER A 112 -6.99 -0.20 -13.63
N SER A 113 -6.38 -1.24 -14.20
CA SER A 113 -5.04 -1.22 -14.76
C SER A 113 -5.13 -1.41 -16.27
N GLY A 114 -4.09 -1.06 -16.99
CA GLY A 114 -4.00 -1.10 -18.43
C GLY A 114 -3.08 0.03 -18.83
N GLY A 1 -14.55 17.33 -12.00
CA GLY A 1 -14.52 15.94 -11.57
C GLY A 1 -15.74 15.61 -10.75
N SER A 2 -15.98 14.32 -10.55
CA SER A 2 -17.25 13.78 -10.08
C SER A 2 -17.06 12.62 -9.09
N SER A 3 -15.82 12.21 -8.84
CA SER A 3 -15.47 11.13 -7.93
C SER A 3 -15.62 11.59 -6.47
N GLY A 4 -15.14 10.79 -5.52
CA GLY A 4 -15.28 11.02 -4.09
C GLY A 4 -14.99 9.71 -3.40
N SER A 5 -15.90 8.74 -3.57
CA SER A 5 -15.73 7.32 -3.26
C SER A 5 -14.95 7.12 -1.95
N SER A 6 -15.56 7.54 -0.85
CA SER A 6 -14.98 7.43 0.48
C SER A 6 -14.84 5.96 0.91
N GLY A 7 -13.94 5.66 1.85
CA GLY A 7 -13.75 4.39 2.52
C GLY A 7 -13.89 3.18 1.60
N GLU A 8 -12.98 3.01 0.65
CA GLU A 8 -12.97 1.90 -0.30
C GLU A 8 -12.30 0.63 0.30
N VAL A 9 -12.20 0.53 1.63
CA VAL A 9 -11.60 -0.57 2.36
C VAL A 9 -12.18 -1.91 1.91
N GLN A 10 -13.50 -2.04 1.98
CA GLN A 10 -14.19 -3.32 1.90
C GLN A 10 -14.33 -3.81 0.45
N LYS A 11 -14.07 -2.92 -0.52
CA LYS A 11 -13.92 -3.27 -1.93
C LYS A 11 -12.81 -4.30 -2.11
N PRO A 12 -12.80 -5.03 -3.24
CA PRO A 12 -11.73 -5.98 -3.50
C PRO A 12 -10.42 -5.21 -3.70
N LEU A 13 -9.31 -5.93 -3.64
CA LEU A 13 -8.01 -5.37 -4.00
C LEU A 13 -8.05 -4.84 -5.44
N HIS A 14 -8.77 -5.53 -6.33
CA HIS A 14 -8.76 -5.19 -7.75
C HIS A 14 -9.60 -3.94 -8.11
N GLU A 15 -10.23 -3.28 -7.14
CA GLU A 15 -10.89 -1.97 -7.34
C GLU A 15 -10.15 -0.87 -6.58
N GLN A 16 -9.02 -1.19 -5.93
CA GLN A 16 -8.30 -0.20 -5.15
C GLN A 16 -7.63 0.81 -6.06
N LEU A 17 -7.29 1.93 -5.43
CA LEU A 17 -6.83 3.17 -6.01
C LEU A 17 -5.31 3.20 -5.93
N TRP A 18 -4.77 2.92 -4.74
CA TRP A 18 -3.35 2.75 -4.49
C TRP A 18 -2.80 1.46 -5.09
N TYR A 19 -3.63 0.61 -5.67
CA TYR A 19 -3.17 -0.56 -6.40
C TYR A 19 -2.80 -0.15 -7.84
N HIS A 20 -1.53 0.21 -8.07
CA HIS A 20 -1.04 0.60 -9.41
C HIS A 20 -0.72 -0.66 -10.28
N GLY A 21 -1.07 -1.86 -9.83
CA GLY A 21 -0.92 -3.12 -10.51
C GLY A 21 0.47 -3.65 -10.22
N ALA A 22 1.32 -3.70 -11.24
CA ALA A 22 2.66 -4.24 -11.29
C ALA A 22 3.62 -3.17 -11.80
N ILE A 23 4.32 -2.49 -10.88
CA ILE A 23 5.14 -1.32 -11.18
C ILE A 23 6.54 -1.49 -10.53
N PRO A 24 7.61 -0.97 -11.15
CA PRO A 24 8.97 -1.01 -10.61
C PRO A 24 9.24 0.03 -9.52
N ARG A 25 10.30 -0.17 -8.72
CA ARG A 25 10.76 0.79 -7.72
C ARG A 25 11.03 2.17 -8.32
N ALA A 26 11.54 2.22 -9.55
CA ALA A 26 11.97 3.47 -10.17
C ALA A 26 10.79 4.28 -10.72
N GLU A 27 9.56 3.79 -10.61
CA GLU A 27 8.36 4.56 -10.89
C GLU A 27 7.73 5.10 -9.60
N VAL A 28 7.90 4.41 -8.47
CA VAL A 28 7.39 4.80 -7.16
C VAL A 28 7.63 6.28 -6.87
N ALA A 29 8.88 6.75 -6.79
CA ALA A 29 9.16 8.10 -6.29
C ALA A 29 8.66 9.23 -7.22
N GLU A 30 8.31 8.89 -8.45
CA GLU A 30 7.61 9.76 -9.38
C GLU A 30 6.15 9.92 -8.96
N LEU A 31 5.53 8.89 -8.37
CA LEU A 31 4.13 8.88 -7.97
C LEU A 31 3.98 9.46 -6.58
N LEU A 32 4.87 9.05 -5.66
CA LEU A 32 4.88 9.47 -4.28
C LEU A 32 5.56 10.83 -4.24
N VAL A 33 4.94 11.82 -3.62
CA VAL A 33 5.41 13.20 -3.58
C VAL A 33 5.54 13.67 -2.14
N HIS A 34 4.58 13.31 -1.29
CA HIS A 34 4.58 13.74 0.10
C HIS A 34 5.05 12.59 0.98
N SER A 35 5.51 12.92 2.19
CA SER A 35 6.03 11.94 3.12
C SER A 35 4.85 11.21 3.77
N GLY A 36 4.39 10.12 3.17
CA GLY A 36 3.17 9.45 3.55
C GLY A 36 2.49 8.76 2.39
N ASP A 37 2.79 9.21 1.18
CA ASP A 37 2.27 8.65 -0.05
C ASP A 37 2.74 7.20 -0.13
N PHE A 38 1.83 6.26 -0.33
CA PHE A 38 2.10 4.85 -0.58
C PHE A 38 1.30 4.36 -1.79
N LEU A 39 1.78 3.24 -2.35
CA LEU A 39 1.11 2.45 -3.36
C LEU A 39 1.43 0.98 -3.10
N VAL A 40 0.55 0.08 -3.55
CA VAL A 40 0.80 -1.35 -3.65
C VAL A 40 1.05 -1.62 -5.13
N ARG A 41 2.09 -2.41 -5.39
CA ARG A 41 2.53 -2.80 -6.71
C ARG A 41 2.85 -4.29 -6.65
N GLU A 42 2.94 -4.96 -7.79
CA GLU A 42 3.45 -6.32 -7.86
C GLU A 42 4.96 -6.28 -8.06
N SER A 43 5.62 -7.41 -7.78
CA SER A 43 7.01 -7.66 -8.09
C SER A 43 7.23 -7.64 -9.61
N GLN A 44 8.46 -7.88 -10.06
CA GLN A 44 8.75 -8.09 -11.47
C GLN A 44 8.33 -9.51 -11.88
N GLY A 45 7.11 -9.93 -11.59
CA GLY A 45 6.64 -11.28 -11.81
C GLY A 45 7.26 -12.22 -10.79
N LYS A 46 6.74 -12.21 -9.56
CA LYS A 46 6.91 -13.28 -8.56
C LYS A 46 5.59 -13.83 -8.06
N GLN A 47 4.50 -13.21 -8.47
CA GLN A 47 3.18 -13.36 -7.88
C GLN A 47 3.28 -13.03 -6.38
N GLU A 48 3.98 -11.94 -6.05
CA GLU A 48 4.05 -11.36 -4.72
C GLU A 48 3.93 -9.85 -4.88
N TYR A 49 3.17 -9.20 -4.01
CA TYR A 49 3.04 -7.76 -4.00
C TYR A 49 4.11 -7.10 -3.14
N VAL A 50 4.27 -5.81 -3.34
CA VAL A 50 5.22 -4.92 -2.74
C VAL A 50 4.43 -3.67 -2.36
N LEU A 51 4.66 -3.21 -1.15
CA LEU A 51 4.22 -1.93 -0.66
C LEU A 51 5.36 -0.97 -0.90
N SER A 52 5.11 0.26 -1.32
CA SER A 52 6.17 1.25 -1.42
C SER A 52 5.63 2.60 -1.00
N VAL A 53 6.41 3.33 -0.19
CA VAL A 53 5.97 4.48 0.59
C VAL A 53 7.13 5.44 0.77
N LEU A 54 6.90 6.75 0.62
CA LEU A 54 7.93 7.79 0.62
C LEU A 54 8.09 8.27 2.04
N TRP A 55 9.18 7.87 2.70
CA TRP A 55 9.41 8.17 4.10
C TRP A 55 10.82 8.70 4.26
N ASP A 56 10.97 9.86 4.91
CA ASP A 56 12.23 10.58 5.13
C ASP A 56 13.04 10.75 3.83
N GLY A 57 12.34 11.04 2.73
CA GLY A 57 12.95 11.28 1.43
C GLY A 57 13.40 10.00 0.70
N LEU A 58 13.04 8.82 1.22
CA LEU A 58 13.41 7.53 0.62
C LEU A 58 12.13 6.74 0.35
N PRO A 59 11.76 6.52 -0.93
CA PRO A 59 10.66 5.64 -1.32
C PRO A 59 11.00 4.18 -0.98
N ARG A 60 10.63 3.74 0.23
CA ARG A 60 10.86 2.40 0.69
C ARG A 60 10.15 1.42 -0.21
N HIS A 61 10.59 0.17 -0.20
CA HIS A 61 9.92 -0.95 -0.83
C HIS A 61 9.93 -2.08 0.19
N PHE A 62 8.78 -2.37 0.77
CA PHE A 62 8.58 -3.48 1.69
C PHE A 62 7.74 -4.51 0.96
N ILE A 63 8.13 -5.76 1.00
CA ILE A 63 7.31 -6.81 0.42
C ILE A 63 6.03 -6.94 1.24
N ILE A 64 4.89 -7.02 0.56
CA ILE A 64 3.61 -7.23 1.19
C ILE A 64 3.68 -8.51 2.02
N GLN A 65 2.94 -8.43 3.10
CA GLN A 65 2.83 -9.43 4.13
C GLN A 65 2.28 -10.72 3.54
N SER A 66 2.40 -11.81 4.28
CA SER A 66 1.88 -13.11 3.88
C SER A 66 2.14 -14.01 5.07
N LEU A 67 1.07 -14.39 5.75
CA LEU A 67 1.03 -15.65 6.46
C LEU A 67 0.05 -16.52 5.68
N ASP A 68 -0.65 -17.43 6.36
CA ASP A 68 -1.26 -18.59 5.71
C ASP A 68 -2.28 -18.14 4.68
N ASN A 69 -3.25 -17.34 5.14
CA ASN A 69 -4.36 -16.83 4.35
C ASN A 69 -4.67 -15.37 4.70
N LEU A 70 -3.76 -14.72 5.44
CA LEU A 70 -3.89 -13.37 5.95
C LEU A 70 -2.60 -12.61 5.65
N TYR A 71 -2.62 -11.32 5.94
CA TYR A 71 -1.53 -10.36 5.74
C TYR A 71 -1.39 -9.64 7.07
N ARG A 72 -0.22 -9.63 7.72
CA ARG A 72 0.05 -8.89 8.96
C ARG A 72 1.39 -8.18 8.86
N LEU A 73 1.49 -6.95 9.34
CA LEU A 73 2.74 -6.17 9.25
C LEU A 73 3.24 -5.85 10.64
N GLU A 74 2.32 -5.50 11.54
CA GLU A 74 2.63 -5.14 12.92
C GLU A 74 1.88 -6.07 13.88
N GLY A 75 0.56 -5.95 13.97
CA GLY A 75 -0.27 -6.61 14.96
C GLY A 75 -1.01 -7.80 14.36
N GLU A 76 -2.34 -7.73 14.33
CA GLU A 76 -3.20 -8.73 13.71
C GLU A 76 -2.97 -8.83 12.20
N GLY A 77 -3.45 -9.92 11.63
CA GLY A 77 -3.55 -10.12 10.20
C GLY A 77 -4.98 -9.88 9.76
N PHE A 78 -5.18 -9.62 8.47
CA PHE A 78 -6.49 -9.44 7.85
C PHE A 78 -6.60 -10.36 6.64
N PRO A 79 -7.82 -10.74 6.24
CA PRO A 79 -8.10 -11.58 5.08
C PRO A 79 -7.88 -10.87 3.73
N SER A 80 -7.64 -9.56 3.72
CA SER A 80 -7.42 -8.79 2.50
C SER A 80 -6.30 -7.79 2.80
N ILE A 81 -5.55 -7.39 1.78
CA ILE A 81 -4.60 -6.29 1.88
C ILE A 81 -5.39 -5.01 2.14
N PRO A 82 -6.46 -4.67 1.39
CA PRO A 82 -7.10 -3.36 1.51
C PRO A 82 -7.77 -3.17 2.86
N LEU A 83 -8.19 -4.27 3.49
CA LEU A 83 -8.79 -4.29 4.81
C LEU A 83 -7.75 -3.92 5.86
N LEU A 84 -6.50 -4.36 5.67
CA LEU A 84 -5.42 -4.10 6.61
C LEU A 84 -4.89 -2.68 6.48
N ILE A 85 -4.92 -2.11 5.28
CA ILE A 85 -4.49 -0.74 5.04
C ILE A 85 -5.20 0.17 6.04
N ASP A 86 -6.51 0.05 6.22
CA ASP A 86 -7.26 1.02 7.03
C ASP A 86 -6.79 0.99 8.49
N HIS A 87 -6.56 -0.21 9.02
CA HIS A 87 -6.13 -0.39 10.39
C HIS A 87 -4.68 0.04 10.57
N LEU A 88 -3.87 0.30 9.53
CA LEU A 88 -2.58 0.96 9.71
C LEU A 88 -2.69 2.46 9.46
N LEU A 89 -3.55 2.87 8.53
CA LEU A 89 -3.68 4.24 8.05
C LEU A 89 -4.37 5.11 9.08
N SER A 90 -5.38 4.57 9.74
CA SER A 90 -6.17 5.33 10.69
C SER A 90 -5.45 5.39 12.05
N THR A 91 -4.65 4.38 12.36
CA THR A 91 -4.04 4.16 13.67
C THR A 91 -2.66 4.81 13.72
N GLN A 92 -1.98 4.82 12.57
CA GLN A 92 -0.58 5.17 12.38
C GLN A 92 0.31 4.07 12.96
N GLN A 93 0.22 2.86 12.42
CA GLN A 93 1.07 1.74 12.82
C GLN A 93 2.32 1.66 11.94
N PRO A 94 3.48 1.30 12.53
CA PRO A 94 4.78 1.23 11.85
C PRO A 94 4.86 0.01 10.96
N LEU A 95 5.37 0.22 9.75
CA LEU A 95 5.46 -0.84 8.74
C LEU A 95 6.62 -1.80 8.97
N THR A 96 7.65 -1.39 9.70
CA THR A 96 8.75 -2.24 10.05
C THR A 96 9.39 -1.62 11.29
N LYS A 97 9.94 -2.45 12.17
CA LYS A 97 10.70 -2.04 13.34
C LYS A 97 12.06 -1.42 12.97
N LYS A 98 12.26 -1.09 11.70
CA LYS A 98 13.48 -0.52 11.16
C LYS A 98 13.27 0.80 10.44
N SER A 99 12.03 1.18 10.10
CA SER A 99 11.74 2.47 9.46
C SER A 99 10.53 3.17 10.06
N GLY A 100 9.77 2.56 10.97
CA GLY A 100 8.72 3.19 11.77
C GLY A 100 7.51 3.72 10.99
N VAL A 101 7.53 3.57 9.67
CA VAL A 101 6.67 4.27 8.74
C VAL A 101 5.21 4.03 9.00
N VAL A 102 4.39 5.09 9.04
CA VAL A 102 2.97 4.97 9.28
C VAL A 102 2.26 5.42 8.02
N LEU A 103 1.29 4.63 7.53
CA LEU A 103 0.59 4.92 6.28
C LEU A 103 -0.14 6.24 6.43
N HIS A 104 -0.01 7.13 5.45
CA HIS A 104 -0.60 8.46 5.53
C HIS A 104 -1.48 8.76 4.33
N ARG A 105 -1.01 8.49 3.10
CA ARG A 105 -1.71 8.93 1.90
C ARG A 105 -1.62 7.88 0.81
N ALA A 106 -2.69 7.71 0.08
CA ALA A 106 -2.76 6.79 -1.04
C ALA A 106 -2.64 7.61 -2.33
N VAL A 107 -1.81 7.15 -3.28
CA VAL A 107 -1.83 7.66 -4.64
C VAL A 107 -3.00 7.00 -5.36
N PRO A 108 -3.98 7.75 -5.89
CA PRO A 108 -5.04 7.20 -6.70
C PRO A 108 -4.61 6.96 -8.15
N SER A 109 -4.54 5.69 -8.54
CA SER A 109 -4.27 5.22 -9.90
C SER A 109 -5.56 4.97 -10.69
N GLY A 110 -6.72 4.99 -10.03
CA GLY A 110 -8.05 4.82 -10.62
C GLY A 110 -8.72 3.54 -10.13
N PRO A 111 -9.99 3.30 -10.52
CA PRO A 111 -10.79 2.16 -10.04
C PRO A 111 -10.46 0.84 -10.75
N SER A 112 -9.66 0.84 -11.81
CA SER A 112 -9.28 -0.33 -12.57
C SER A 112 -7.75 -0.40 -12.62
N SER A 113 -7.19 -1.59 -12.83
CA SER A 113 -5.77 -1.83 -12.64
C SER A 113 -5.26 -2.93 -13.57
N GLY A 114 -3.94 -3.08 -13.63
CA GLY A 114 -3.30 -4.13 -14.41
C GLY A 114 -3.28 -3.81 -15.89
N GLY A 1 -16.97 4.58 -13.69
CA GLY A 1 -16.71 5.62 -12.68
C GLY A 1 -15.54 5.23 -11.80
N SER A 2 -15.09 6.15 -10.95
CA SER A 2 -13.98 5.96 -10.04
C SER A 2 -14.37 6.48 -8.66
N SER A 3 -14.51 7.79 -8.48
CA SER A 3 -15.10 8.39 -7.29
C SER A 3 -16.49 7.77 -7.09
N GLY A 4 -16.83 7.45 -5.84
CA GLY A 4 -18.02 6.71 -5.47
C GLY A 4 -18.40 6.98 -4.04
N SER A 5 -17.66 6.46 -3.07
CA SER A 5 -17.81 6.84 -1.67
C SER A 5 -16.45 6.80 -0.99
N SER A 6 -16.32 7.46 0.16
CA SER A 6 -15.05 7.61 0.87
C SER A 6 -14.62 6.32 1.60
N GLY A 7 -15.44 5.26 1.60
CA GLY A 7 -15.10 3.95 2.15
C GLY A 7 -14.79 2.99 1.01
N GLU A 8 -13.52 2.69 0.77
CA GLU A 8 -13.09 1.73 -0.26
C GLU A 8 -12.31 0.56 0.36
N VAL A 9 -12.31 0.38 1.68
CA VAL A 9 -11.57 -0.65 2.39
C VAL A 9 -12.14 -2.03 2.03
N GLN A 10 -13.47 -2.16 2.10
CA GLN A 10 -14.11 -3.46 2.02
C GLN A 10 -14.37 -3.86 0.55
N LYS A 11 -14.09 -2.96 -0.39
CA LYS A 11 -13.96 -3.32 -1.81
C LYS A 11 -12.86 -4.37 -1.99
N PRO A 12 -12.86 -5.12 -3.10
CA PRO A 12 -11.78 -6.03 -3.40
C PRO A 12 -10.49 -5.23 -3.61
N LEU A 13 -9.35 -5.94 -3.56
CA LEU A 13 -8.06 -5.39 -3.94
C LEU A 13 -8.11 -4.90 -5.38
N HIS A 14 -8.83 -5.62 -6.26
CA HIS A 14 -8.86 -5.29 -7.68
C HIS A 14 -9.77 -4.08 -8.02
N GLU A 15 -10.28 -3.34 -7.02
CA GLU A 15 -10.95 -2.05 -7.22
C GLU A 15 -10.22 -0.93 -6.46
N GLN A 16 -9.05 -1.21 -5.89
CA GLN A 16 -8.32 -0.25 -5.08
C GLN A 16 -7.70 0.83 -5.94
N LEU A 17 -7.24 1.88 -5.26
CA LEU A 17 -6.75 3.10 -5.86
C LEU A 17 -5.23 3.15 -5.72
N TRP A 18 -4.71 2.76 -4.56
CA TRP A 18 -3.27 2.57 -4.39
C TRP A 18 -2.73 1.39 -5.20
N TYR A 19 -3.58 0.53 -5.78
CA TYR A 19 -3.12 -0.65 -6.49
C TYR A 19 -2.73 -0.28 -7.93
N HIS A 20 -1.52 0.24 -8.16
CA HIS A 20 -1.14 0.66 -9.51
C HIS A 20 -0.88 -0.53 -10.43
N GLY A 21 -0.58 -1.71 -9.89
CA GLY A 21 -0.53 -2.97 -10.63
C GLY A 21 0.85 -3.61 -10.53
N ALA A 22 1.62 -3.63 -11.61
CA ALA A 22 2.98 -4.10 -11.71
C ALA A 22 3.86 -2.96 -12.22
N ILE A 23 4.31 -2.14 -11.28
CA ILE A 23 5.10 -0.94 -11.54
C ILE A 23 6.53 -1.18 -11.04
N PRO A 24 7.57 -0.72 -11.77
CA PRO A 24 8.93 -0.86 -11.33
C PRO A 24 9.26 0.06 -10.16
N ARG A 25 10.30 -0.28 -9.40
CA ARG A 25 10.66 0.45 -8.19
C ARG A 25 11.10 1.88 -8.49
N ALA A 26 11.60 2.14 -9.70
CA ALA A 26 12.09 3.45 -10.05
C ALA A 26 10.91 4.43 -10.17
N GLU A 27 9.80 3.99 -10.77
CA GLU A 27 8.66 4.84 -11.08
C GLU A 27 8.02 5.34 -9.80
N VAL A 28 8.01 4.51 -8.76
CA VAL A 28 7.49 4.83 -7.43
C VAL A 28 7.79 6.29 -7.06
N ALA A 29 9.06 6.69 -7.00
CA ALA A 29 9.41 8.01 -6.46
C ALA A 29 8.92 9.18 -7.32
N GLU A 30 8.56 8.95 -8.57
CA GLU A 30 7.94 9.97 -9.42
C GLU A 30 6.45 10.15 -9.06
N LEU A 31 5.84 9.14 -8.45
CA LEU A 31 4.42 9.15 -8.10
C LEU A 31 4.22 9.82 -6.74
N LEU A 32 5.04 9.42 -5.76
CA LEU A 32 4.96 9.89 -4.38
C LEU A 32 5.62 11.26 -4.27
N VAL A 33 5.09 12.16 -3.44
CA VAL A 33 5.63 13.51 -3.34
C VAL A 33 5.79 13.98 -1.89
N HIS A 34 5.11 13.36 -0.94
CA HIS A 34 5.17 13.77 0.46
C HIS A 34 5.34 12.53 1.31
N SER A 35 5.92 12.67 2.51
CA SER A 35 6.08 11.54 3.40
C SER A 35 4.70 10.98 3.70
N GLY A 36 4.46 9.71 3.38
CA GLY A 36 3.16 9.09 3.59
C GLY A 36 2.51 8.49 2.37
N ASP A 37 2.87 8.99 1.18
CA ASP A 37 2.36 8.55 -0.11
C ASP A 37 2.78 7.11 -0.33
N PHE A 38 1.83 6.18 -0.41
CA PHE A 38 2.06 4.75 -0.63
C PHE A 38 1.29 4.25 -1.87
N LEU A 39 1.76 3.14 -2.45
CA LEU A 39 1.08 2.37 -3.50
C LEU A 39 1.42 0.89 -3.32
N VAL A 40 0.64 0.01 -3.96
CA VAL A 40 0.90 -1.42 -4.06
C VAL A 40 1.22 -1.72 -5.51
N ARG A 41 2.31 -2.45 -5.70
CA ARG A 41 2.85 -2.83 -7.00
C ARG A 41 3.14 -4.33 -6.96
N GLU A 42 3.46 -4.96 -8.07
CA GLU A 42 3.80 -6.38 -8.17
C GLU A 42 5.32 -6.53 -8.27
N SER A 43 5.82 -7.72 -7.94
CA SER A 43 7.22 -8.11 -7.80
C SER A 43 7.99 -8.02 -9.10
N GLN A 44 8.14 -9.13 -9.82
CA GLN A 44 8.41 -9.07 -11.22
C GLN A 44 7.99 -10.39 -11.87
N GLY A 45 6.70 -10.57 -12.13
CA GLY A 45 6.17 -11.82 -12.66
C GLY A 45 6.28 -12.94 -11.62
N LYS A 46 6.44 -12.61 -10.34
CA LYS A 46 6.13 -13.46 -9.22
C LYS A 46 4.73 -13.03 -8.82
N GLN A 47 3.92 -13.94 -8.29
CA GLN A 47 2.58 -13.64 -7.81
C GLN A 47 2.66 -12.97 -6.43
N GLU A 48 3.52 -11.98 -6.26
CA GLU A 48 3.75 -11.29 -4.99
C GLU A 48 3.69 -9.78 -5.18
N TYR A 49 3.18 -9.06 -4.18
CA TYR A 49 3.08 -7.61 -4.19
C TYR A 49 4.13 -6.96 -3.29
N VAL A 50 4.38 -5.67 -3.52
CA VAL A 50 5.28 -4.80 -2.78
C VAL A 50 4.49 -3.57 -2.41
N LEU A 51 4.63 -3.17 -1.15
CA LEU A 51 4.26 -1.88 -0.64
C LEU A 51 5.45 -0.96 -0.84
N SER A 52 5.20 0.20 -1.42
CA SER A 52 6.17 1.27 -1.47
C SER A 52 5.52 2.42 -0.70
N VAL A 53 6.29 3.17 0.08
CA VAL A 53 5.92 4.45 0.64
C VAL A 53 7.14 5.36 0.69
N LEU A 54 6.95 6.67 0.54
CA LEU A 54 8.02 7.68 0.62
C LEU A 54 8.12 8.01 2.10
N TRP A 55 9.20 7.65 2.78
CA TRP A 55 9.46 8.09 4.15
C TRP A 55 10.82 8.77 4.16
N ASP A 56 10.93 9.93 4.82
CA ASP A 56 12.17 10.72 4.87
C ASP A 56 12.70 10.99 3.45
N GLY A 57 11.81 11.27 2.50
CA GLY A 57 12.12 11.55 1.10
C GLY A 57 12.72 10.35 0.39
N LEU A 58 12.55 9.15 0.93
CA LEU A 58 13.18 7.91 0.48
C LEU A 58 12.08 6.87 0.27
N PRO A 59 11.82 6.45 -0.97
CA PRO A 59 10.82 5.44 -1.27
C PRO A 59 11.28 4.08 -0.75
N ARG A 60 10.85 3.72 0.47
CA ARG A 60 11.11 2.38 0.98
C ARG A 60 10.24 1.42 0.20
N HIS A 61 10.72 0.19 -0.02
CA HIS A 61 10.00 -0.88 -0.71
C HIS A 61 9.98 -2.12 0.18
N PHE A 62 8.85 -2.38 0.80
CA PHE A 62 8.61 -3.53 1.67
C PHE A 62 7.77 -4.51 0.87
N ILE A 63 8.19 -5.77 0.71
CA ILE A 63 7.29 -6.80 0.18
C ILE A 63 6.07 -6.85 1.10
N ILE A 64 4.88 -6.89 0.50
CA ILE A 64 3.63 -7.04 1.23
C ILE A 64 3.73 -8.30 2.09
N GLN A 65 3.05 -8.25 3.21
CA GLN A 65 3.01 -9.29 4.22
C GLN A 65 2.41 -10.56 3.63
N SER A 66 2.55 -11.66 4.35
CA SER A 66 1.88 -12.92 4.09
C SER A 66 2.28 -13.81 5.25
N LEU A 67 1.36 -14.66 5.69
CA LEU A 67 1.59 -15.71 6.66
C LEU A 67 0.92 -17.01 6.23
N ASP A 68 -0.38 -16.97 5.94
CA ASP A 68 -1.19 -18.13 5.57
C ASP A 68 -2.14 -17.69 4.46
N ASN A 69 -3.19 -16.98 4.84
CA ASN A 69 -4.11 -16.29 3.96
C ASN A 69 -4.51 -14.97 4.61
N LEU A 70 -3.53 -14.31 5.21
CA LEU A 70 -3.68 -13.03 5.87
C LEU A 70 -2.46 -12.20 5.49
N TYR A 71 -2.42 -10.98 5.99
CA TYR A 71 -1.34 -10.04 5.75
C TYR A 71 -1.16 -9.30 7.08
N ARG A 72 0.00 -9.36 7.74
CA ARG A 72 0.25 -8.78 9.07
C ARG A 72 1.54 -7.98 9.05
N LEU A 73 1.50 -6.68 9.37
CA LEU A 73 2.63 -5.77 9.22
C LEU A 73 3.12 -5.28 10.59
N GLU A 74 2.23 -4.93 11.51
CA GLU A 74 2.58 -4.54 12.88
C GLU A 74 1.92 -5.50 13.87
N GLY A 75 0.63 -5.30 14.12
CA GLY A 75 -0.17 -6.04 15.09
C GLY A 75 -0.72 -7.32 14.45
N GLU A 76 -2.04 -7.43 14.29
CA GLU A 76 -2.66 -8.64 13.76
C GLU A 76 -2.77 -8.63 12.23
N GLY A 77 -3.13 -9.77 11.65
CA GLY A 77 -3.39 -9.92 10.23
C GLY A 77 -4.86 -9.71 9.90
N PHE A 78 -5.14 -9.50 8.60
CA PHE A 78 -6.48 -9.38 8.05
C PHE A 78 -6.58 -10.25 6.79
N PRO A 79 -7.79 -10.65 6.37
CA PRO A 79 -8.02 -11.56 5.24
C PRO A 79 -7.71 -10.93 3.88
N SER A 80 -7.55 -9.61 3.80
CA SER A 80 -7.39 -8.86 2.56
C SER A 80 -6.28 -7.86 2.81
N ILE A 81 -5.54 -7.48 1.76
CA ILE A 81 -4.58 -6.40 1.86
C ILE A 81 -5.36 -5.11 2.16
N PRO A 82 -6.46 -4.78 1.44
CA PRO A 82 -7.11 -3.48 1.62
C PRO A 82 -7.66 -3.30 3.03
N LEU A 83 -8.09 -4.39 3.66
CA LEU A 83 -8.62 -4.39 5.01
C LEU A 83 -7.53 -4.04 6.02
N LEU A 84 -6.31 -4.52 5.79
CA LEU A 84 -5.18 -4.21 6.66
C LEU A 84 -4.80 -2.74 6.58
N ILE A 85 -4.98 -2.12 5.40
CA ILE A 85 -4.61 -0.73 5.20
C ILE A 85 -5.31 0.13 6.24
N ASP A 86 -6.61 -0.07 6.46
CA ASP A 86 -7.36 0.87 7.30
C ASP A 86 -6.94 0.70 8.76
N HIS A 87 -6.57 -0.52 9.12
CA HIS A 87 -6.13 -0.82 10.47
C HIS A 87 -4.69 -0.35 10.70
N LEU A 88 -3.95 0.10 9.67
CA LEU A 88 -2.71 0.84 9.85
C LEU A 88 -2.89 2.34 9.66
N LEU A 89 -3.69 2.77 8.68
CA LEU A 89 -3.88 4.18 8.31
C LEU A 89 -4.55 4.90 9.45
N SER A 90 -5.62 4.31 9.97
CA SER A 90 -6.48 4.96 10.92
C SER A 90 -6.04 4.65 12.37
N THR A 91 -4.91 3.97 12.53
CA THR A 91 -4.25 3.73 13.81
C THR A 91 -2.91 4.46 13.86
N GLN A 92 -2.31 4.74 12.70
CA GLN A 92 -0.99 5.35 12.55
C GLN A 92 0.04 4.40 13.18
N GLN A 93 0.10 3.18 12.64
CA GLN A 93 1.06 2.15 13.06
C GLN A 93 2.23 2.03 12.08
N PRO A 94 3.42 1.61 12.57
CA PRO A 94 4.65 1.48 11.79
C PRO A 94 4.57 0.30 10.81
N LEU A 95 5.27 0.40 9.68
CA LEU A 95 5.31 -0.63 8.65
C LEU A 95 6.42 -1.66 8.87
N THR A 96 7.40 -1.36 9.70
CA THR A 96 8.30 -2.36 10.26
C THR A 96 8.85 -1.72 11.53
N LYS A 97 9.15 -2.55 12.53
CA LYS A 97 9.84 -2.13 13.75
C LYS A 97 11.26 -1.61 13.47
N LYS A 98 11.77 -1.75 12.24
CA LYS A 98 12.91 -0.99 11.79
C LYS A 98 12.47 0.43 11.49
N SER A 99 11.75 0.62 10.40
CA SER A 99 11.59 1.91 9.77
C SER A 99 10.68 2.88 10.51
N GLY A 100 9.74 2.37 11.32
CA GLY A 100 8.77 3.19 12.05
C GLY A 100 7.66 3.78 11.19
N VAL A 101 7.76 3.71 9.86
CA VAL A 101 6.93 4.43 8.90
C VAL A 101 5.43 4.24 9.09
N VAL A 102 4.61 5.30 9.15
CA VAL A 102 3.16 5.15 9.28
C VAL A 102 2.46 5.54 7.98
N LEU A 103 1.34 4.89 7.66
CA LEU A 103 0.56 5.18 6.47
C LEU A 103 -0.08 6.54 6.63
N HIS A 104 -0.22 7.29 5.53
CA HIS A 104 -0.89 8.57 5.55
C HIS A 104 -1.71 8.81 4.29
N ARG A 105 -1.15 8.52 3.11
CA ARG A 105 -1.73 9.00 1.86
C ARG A 105 -1.56 7.94 0.78
N ALA A 106 -2.52 7.79 -0.12
CA ALA A 106 -2.56 6.70 -1.07
C ALA A 106 -2.63 7.28 -2.49
N VAL A 107 -1.64 7.02 -3.34
CA VAL A 107 -1.63 7.48 -4.73
C VAL A 107 -2.76 6.77 -5.48
N PRO A 108 -3.70 7.47 -6.11
CA PRO A 108 -4.75 6.84 -6.89
C PRO A 108 -4.35 6.56 -8.33
N SER A 109 -4.44 5.29 -8.73
CA SER A 109 -4.39 4.83 -10.10
C SER A 109 -5.76 4.97 -10.81
N GLY A 110 -6.80 5.31 -10.04
CA GLY A 110 -8.17 4.92 -10.36
C GLY A 110 -8.38 3.44 -10.04
N PRO A 111 -9.61 2.91 -10.09
CA PRO A 111 -9.89 1.51 -9.81
C PRO A 111 -9.35 0.59 -10.91
N SER A 112 -9.01 1.12 -12.08
CA SER A 112 -8.29 0.44 -13.13
C SER A 112 -6.81 0.33 -12.73
N SER A 113 -6.44 -0.76 -12.07
CA SER A 113 -5.04 -1.13 -11.93
C SER A 113 -4.46 -1.37 -13.33
N GLY A 114 -3.15 -1.12 -13.49
CA GLY A 114 -2.46 -1.22 -14.78
C GLY A 114 -2.50 0.13 -15.45
N GLY A 1 -12.87 20.36 -4.49
CA GLY A 1 -12.63 19.05 -3.85
C GLY A 1 -13.56 17.98 -4.40
N SER A 2 -13.26 17.45 -5.59
CA SER A 2 -14.07 16.44 -6.26
C SER A 2 -14.26 15.16 -5.43
N SER A 3 -13.25 14.76 -4.64
CA SER A 3 -13.29 13.55 -3.82
C SER A 3 -14.22 13.74 -2.62
N GLY A 4 -14.50 12.66 -1.90
CA GLY A 4 -15.41 12.60 -0.77
C GLY A 4 -14.64 12.21 0.48
N SER A 5 -14.59 10.92 0.83
CA SER A 5 -13.84 10.43 1.98
C SER A 5 -13.10 9.14 1.67
N SER A 6 -11.97 8.92 2.34
CA SER A 6 -11.13 7.75 2.21
C SER A 6 -11.80 6.54 2.88
N GLY A 7 -11.44 5.33 2.51
CA GLY A 7 -11.74 4.12 3.26
C GLY A 7 -11.53 2.90 2.41
N GLU A 8 -12.50 2.61 1.53
CA GLU A 8 -12.43 1.53 0.55
C GLU A 8 -12.15 0.14 1.17
N VAL A 9 -12.33 -0.01 2.48
CA VAL A 9 -11.79 -1.08 3.30
C VAL A 9 -12.35 -2.42 2.88
N GLN A 10 -13.67 -2.44 2.66
CA GLN A 10 -14.42 -3.65 2.39
C GLN A 10 -14.55 -3.87 0.89
N LYS A 11 -14.15 -2.90 0.06
CA LYS A 11 -14.07 -3.06 -1.39
C LYS A 11 -13.02 -4.11 -1.72
N PRO A 12 -13.06 -4.72 -2.92
CA PRO A 12 -12.01 -5.62 -3.31
C PRO A 12 -10.70 -4.84 -3.47
N LEU A 13 -9.59 -5.56 -3.41
CA LEU A 13 -8.26 -5.04 -3.74
C LEU A 13 -8.25 -4.53 -5.17
N HIS A 14 -8.99 -5.19 -6.08
CA HIS A 14 -8.93 -4.89 -7.49
C HIS A 14 -9.72 -3.61 -7.88
N GLU A 15 -10.32 -2.88 -6.93
CA GLU A 15 -10.95 -1.60 -7.17
C GLU A 15 -10.13 -0.48 -6.49
N GLN A 16 -9.14 -0.82 -5.66
CA GLN A 16 -8.38 0.17 -4.90
C GLN A 16 -7.59 1.09 -5.83
N LEU A 17 -7.14 2.21 -5.27
CA LEU A 17 -6.59 3.33 -6.03
C LEU A 17 -5.08 3.36 -5.91
N TRP A 18 -4.57 3.14 -4.70
CA TRP A 18 -3.16 2.88 -4.46
C TRP A 18 -2.66 1.60 -5.13
N TYR A 19 -3.58 0.73 -5.58
CA TYR A 19 -3.17 -0.51 -6.24
C TYR A 19 -2.85 -0.21 -7.71
N HIS A 20 -1.62 0.22 -8.00
CA HIS A 20 -1.13 0.50 -9.36
C HIS A 20 -0.84 -0.82 -10.13
N GLY A 21 -1.12 -1.98 -9.53
CA GLY A 21 -1.03 -3.27 -10.19
C GLY A 21 0.41 -3.75 -10.13
N ALA A 22 1.15 -3.58 -11.22
CA ALA A 22 2.51 -4.06 -11.42
C ALA A 22 3.37 -2.91 -11.92
N ILE A 23 4.31 -2.41 -11.10
CA ILE A 23 5.12 -1.24 -11.44
C ILE A 23 6.55 -1.47 -10.92
N PRO A 24 7.59 -0.95 -11.61
CA PRO A 24 8.99 -1.00 -11.18
C PRO A 24 9.30 0.01 -10.06
N ARG A 25 10.41 -0.20 -9.33
CA ARG A 25 10.79 0.70 -8.25
C ARG A 25 11.10 2.11 -8.76
N ALA A 26 11.58 2.26 -10.00
CA ALA A 26 11.95 3.55 -10.54
C ALA A 26 10.75 4.39 -11.02
N GLU A 27 9.54 3.84 -11.01
CA GLU A 27 8.32 4.63 -11.23
C GLU A 27 7.86 5.27 -9.92
N VAL A 28 8.02 4.55 -8.79
CA VAL A 28 7.52 4.88 -7.46
C VAL A 28 7.70 6.36 -7.11
N ALA A 29 8.92 6.88 -7.01
CA ALA A 29 9.18 8.22 -6.48
C ALA A 29 8.67 9.36 -7.38
N GLU A 30 8.27 9.04 -8.61
CA GLU A 30 7.56 9.96 -9.49
C GLU A 30 6.07 10.03 -9.10
N LEU A 31 5.54 9.01 -8.42
CA LEU A 31 4.16 8.94 -7.95
C LEU A 31 4.06 9.47 -6.54
N LEU A 32 4.97 9.01 -5.66
CA LEU A 32 5.03 9.42 -4.27
C LEU A 32 5.78 10.75 -4.20
N VAL A 33 5.42 11.61 -3.27
CA VAL A 33 5.89 12.99 -3.22
C VAL A 33 6.15 13.41 -1.78
N HIS A 34 5.34 12.96 -0.83
CA HIS A 34 5.44 13.34 0.56
C HIS A 34 5.48 12.10 1.44
N SER A 35 6.03 12.26 2.64
CA SER A 35 6.06 11.24 3.66
C SER A 35 4.63 10.74 3.91
N GLY A 36 4.45 9.45 3.69
CA GLY A 36 3.18 8.77 3.88
C GLY A 36 2.50 8.37 2.60
N ASP A 37 2.92 8.89 1.44
CA ASP A 37 2.43 8.45 0.13
C ASP A 37 2.87 7.00 -0.03
N PHE A 38 1.96 6.11 -0.40
CA PHE A 38 2.27 4.72 -0.69
C PHE A 38 1.51 4.24 -1.93
N LEU A 39 1.93 3.09 -2.48
CA LEU A 39 1.30 2.41 -3.61
C LEU A 39 1.63 0.93 -3.51
N VAL A 40 0.71 0.08 -3.90
CA VAL A 40 0.93 -1.36 -3.93
C VAL A 40 1.15 -1.72 -5.39
N ARG A 41 2.26 -2.40 -5.62
CA ARG A 41 2.76 -2.81 -6.92
C ARG A 41 3.03 -4.32 -6.84
N GLU A 42 3.31 -4.97 -7.96
CA GLU A 42 3.59 -6.40 -8.05
C GLU A 42 5.03 -6.58 -8.58
N SER A 43 5.70 -7.63 -8.13
CA SER A 43 7.10 -7.97 -8.42
C SER A 43 7.30 -8.40 -9.88
N GLN A 44 8.53 -8.69 -10.29
CA GLN A 44 8.85 -9.10 -11.66
C GLN A 44 8.45 -10.55 -11.91
N GLY A 45 7.21 -10.79 -12.35
CA GLY A 45 6.77 -12.12 -12.75
C GLY A 45 6.52 -13.03 -11.55
N LYS A 46 6.59 -12.49 -10.33
CA LYS A 46 6.16 -13.16 -9.12
C LYS A 46 4.93 -12.40 -8.71
N GLN A 47 3.84 -13.13 -8.45
CA GLN A 47 2.55 -12.65 -7.99
C GLN A 47 2.67 -12.24 -6.51
N GLU A 48 3.69 -11.45 -6.19
CA GLU A 48 4.09 -11.04 -4.87
C GLU A 48 4.12 -9.53 -4.91
N TYR A 49 3.30 -8.94 -4.06
CA TYR A 49 3.13 -7.51 -4.01
C TYR A 49 4.25 -6.89 -3.19
N VAL A 50 4.43 -5.59 -3.37
CA VAL A 50 5.41 -4.77 -2.70
C VAL A 50 4.65 -3.53 -2.25
N LEU A 51 4.78 -3.21 -0.97
CA LEU A 51 4.49 -1.89 -0.44
C LEU A 51 5.64 -1.00 -0.88
N SER A 52 5.38 0.13 -1.55
CA SER A 52 6.39 1.16 -1.73
C SER A 52 5.81 2.48 -1.22
N VAL A 53 6.52 3.09 -0.27
CA VAL A 53 6.01 4.14 0.60
C VAL A 53 7.14 5.15 0.85
N LEU A 54 6.87 6.44 0.66
CA LEU A 54 7.81 7.52 0.82
C LEU A 54 7.91 7.77 2.31
N TRP A 55 9.11 7.68 2.87
CA TRP A 55 9.38 8.13 4.22
C TRP A 55 10.63 9.02 4.17
N ASP A 56 10.44 10.33 4.30
CA ASP A 56 11.47 11.36 4.32
C ASP A 56 12.33 11.27 3.05
N GLY A 57 11.66 11.44 1.92
CA GLY A 57 12.20 11.51 0.56
C GLY A 57 12.68 10.17 0.05
N LEU A 58 12.49 9.10 0.82
CA LEU A 58 12.97 7.76 0.48
C LEU A 58 11.79 6.84 0.27
N PRO A 59 11.46 6.46 -0.97
CA PRO A 59 10.47 5.44 -1.28
C PRO A 59 10.97 4.05 -0.82
N ARG A 60 10.81 3.75 0.46
CA ARG A 60 11.15 2.45 1.03
C ARG A 60 10.31 1.37 0.34
N HIS A 61 10.80 0.14 0.34
CA HIS A 61 10.13 -0.99 -0.31
C HIS A 61 10.07 -2.20 0.63
N PHE A 62 8.89 -2.42 1.21
CA PHE A 62 8.61 -3.56 2.07
C PHE A 62 7.78 -4.54 1.23
N ILE A 63 8.28 -5.74 0.94
CA ILE A 63 7.48 -6.78 0.29
C ILE A 63 6.21 -6.99 1.13
N ILE A 64 5.06 -7.19 0.49
CA ILE A 64 3.81 -7.41 1.19
C ILE A 64 3.90 -8.74 1.94
N GLN A 65 3.26 -8.70 3.10
CA GLN A 65 3.28 -9.73 4.13
C GLN A 65 2.64 -11.01 3.60
N SER A 66 2.75 -12.06 4.40
CA SER A 66 2.12 -13.35 4.19
C SER A 66 2.46 -14.13 5.45
N LEU A 67 1.51 -14.92 5.93
CA LEU A 67 1.69 -15.88 7.01
C LEU A 67 1.14 -17.24 6.61
N ASP A 68 -0.15 -17.31 6.26
CA ASP A 68 -0.82 -18.52 5.79
C ASP A 68 -1.71 -18.11 4.64
N ASN A 69 -2.81 -17.42 4.95
CA ASN A 69 -3.83 -16.93 4.02
C ASN A 69 -4.19 -15.45 4.27
N LEU A 70 -3.34 -14.76 5.00
CA LEU A 70 -3.57 -13.43 5.56
C LEU A 70 -2.35 -12.56 5.27
N TYR A 71 -2.34 -11.33 5.77
CA TYR A 71 -1.22 -10.39 5.66
C TYR A 71 -1.06 -9.70 7.01
N ARG A 72 0.13 -9.76 7.65
CA ARG A 72 0.39 -9.17 8.98
C ARG A 72 1.65 -8.33 8.95
N LEU A 73 1.53 -7.01 9.12
CA LEU A 73 2.68 -6.11 9.03
C LEU A 73 3.20 -5.67 10.39
N GLU A 74 2.32 -5.69 11.40
CA GLU A 74 2.61 -5.18 12.72
C GLU A 74 1.92 -6.09 13.76
N GLY A 75 0.59 -6.18 13.69
CA GLY A 75 -0.23 -6.85 14.69
C GLY A 75 -0.72 -8.21 14.22
N GLU A 76 -2.05 -8.40 14.24
CA GLU A 76 -2.73 -9.56 13.68
C GLU A 76 -2.62 -9.57 12.15
N GLY A 77 -3.14 -10.60 11.50
CA GLY A 77 -3.28 -10.66 10.06
C GLY A 77 -4.68 -10.22 9.63
N PHE A 78 -4.85 -9.77 8.39
CA PHE A 78 -6.17 -9.59 7.78
C PHE A 78 -6.25 -10.48 6.53
N PRO A 79 -7.47 -10.91 6.15
CA PRO A 79 -7.71 -11.74 4.96
C PRO A 79 -7.56 -10.97 3.64
N SER A 80 -7.55 -9.64 3.70
CA SER A 80 -7.40 -8.77 2.53
C SER A 80 -6.37 -7.72 2.90
N ILE A 81 -5.66 -7.22 1.90
CA ILE A 81 -4.71 -6.13 2.07
C ILE A 81 -5.48 -4.84 2.36
N PRO A 82 -6.55 -4.48 1.63
CA PRO A 82 -7.21 -3.18 1.81
C PRO A 82 -7.95 -3.08 3.15
N LEU A 83 -8.24 -4.23 3.75
CA LEU A 83 -8.73 -4.32 5.11
C LEU A 83 -7.71 -3.76 6.08
N LEU A 84 -6.47 -4.20 5.96
CA LEU A 84 -5.43 -3.75 6.88
C LEU A 84 -5.06 -2.31 6.61
N ILE A 85 -5.10 -1.88 5.35
CA ILE A 85 -4.73 -0.51 5.02
C ILE A 85 -5.56 0.47 5.83
N ASP A 86 -6.85 0.24 6.08
CA ASP A 86 -7.59 1.21 6.89
C ASP A 86 -7.14 1.14 8.35
N HIS A 87 -6.90 -0.07 8.86
CA HIS A 87 -6.44 -0.31 10.21
C HIS A 87 -5.00 0.13 10.45
N LEU A 88 -4.28 0.56 9.41
CA LEU A 88 -3.01 1.25 9.51
C LEU A 88 -3.12 2.72 9.16
N LEU A 89 -3.95 3.10 8.18
CA LEU A 89 -4.03 4.47 7.66
C LEU A 89 -4.89 5.33 8.59
N SER A 90 -5.83 4.71 9.29
CA SER A 90 -6.65 5.42 10.25
C SER A 90 -5.87 5.56 11.57
N THR A 91 -4.87 4.71 11.82
CA THR A 91 -4.19 4.62 13.11
C THR A 91 -2.82 5.29 13.05
N GLN A 92 -2.18 5.31 11.88
CA GLN A 92 -0.85 5.86 11.64
C GLN A 92 0.21 5.03 12.38
N GLN A 93 0.04 3.71 12.32
CA GLN A 93 0.91 2.73 12.98
C GLN A 93 2.24 2.54 12.24
N PRO A 94 3.32 2.11 12.91
CA PRO A 94 4.58 1.79 12.27
C PRO A 94 4.47 0.54 11.38
N LEU A 95 5.26 0.51 10.28
CA LEU A 95 5.26 -0.55 9.27
C LEU A 95 6.35 -1.60 9.48
N THR A 96 7.41 -1.29 10.20
CA THR A 96 8.23 -2.33 10.84
C THR A 96 8.84 -1.71 12.08
N LYS A 97 9.16 -2.55 13.07
CA LYS A 97 9.82 -2.16 14.31
C LYS A 97 11.14 -1.47 14.08
N LYS A 98 11.75 -1.68 12.91
CA LYS A 98 12.93 -0.94 12.50
C LYS A 98 12.48 0.42 12.01
N SER A 99 12.05 0.47 10.75
CA SER A 99 12.09 1.71 10.01
C SER A 99 11.03 2.73 10.46
N GLY A 100 10.02 2.33 11.23
CA GLY A 100 9.00 3.20 11.82
C GLY A 100 8.27 4.09 10.82
N VAL A 101 8.20 3.69 9.54
CA VAL A 101 7.34 4.31 8.54
C VAL A 101 5.90 4.24 9.05
N VAL A 102 5.02 5.18 8.68
CA VAL A 102 3.59 5.04 8.82
C VAL A 102 2.92 5.34 7.47
N LEU A 103 1.74 4.77 7.23
CA LEU A 103 0.78 5.17 6.22
C LEU A 103 0.32 6.58 6.55
N HIS A 104 -0.02 7.38 5.54
CA HIS A 104 -0.69 8.67 5.75
C HIS A 104 -1.48 9.10 4.52
N ARG A 105 -1.00 8.76 3.31
CA ARG A 105 -1.62 9.18 2.05
C ARG A 105 -1.55 8.07 1.03
N ALA A 106 -2.56 7.95 0.18
CA ALA A 106 -2.61 6.95 -0.86
C ALA A 106 -2.59 7.67 -2.19
N VAL A 107 -1.61 7.36 -3.03
CA VAL A 107 -1.56 7.84 -4.40
C VAL A 107 -2.72 7.19 -5.14
N PRO A 108 -3.65 7.98 -5.68
CA PRO A 108 -4.62 7.42 -6.60
C PRO A 108 -3.98 7.20 -7.97
N SER A 109 -3.85 5.93 -8.36
CA SER A 109 -3.81 5.61 -9.78
C SER A 109 -5.19 5.91 -10.36
N GLY A 110 -6.19 5.31 -9.70
CA GLY A 110 -7.49 4.97 -10.25
C GLY A 110 -7.75 3.49 -10.04
N PRO A 111 -8.97 3.01 -10.35
CA PRO A 111 -9.43 1.70 -9.93
C PRO A 111 -8.97 0.56 -10.85
N SER A 112 -8.29 0.84 -11.96
CA SER A 112 -8.05 -0.08 -13.07
C SER A 112 -6.56 -0.04 -13.44
N SER A 113 -6.05 -1.18 -13.90
CA SER A 113 -4.67 -1.39 -14.32
C SER A 113 -4.65 -2.36 -15.50
N GLY A 114 -3.46 -2.70 -15.99
CA GLY A 114 -3.32 -3.42 -17.25
C GLY A 114 -3.85 -2.54 -18.37
N GLY A 1 -21.56 12.80 -9.16
CA GLY A 1 -20.71 12.03 -8.24
C GLY A 1 -19.78 11.11 -8.96
N SER A 2 -18.60 11.59 -9.38
CA SER A 2 -17.46 10.70 -9.50
C SER A 2 -17.08 10.30 -8.07
N SER A 3 -16.85 11.28 -7.20
CA SER A 3 -16.75 11.05 -5.77
C SER A 3 -18.12 10.61 -5.22
N GLY A 4 -18.13 9.95 -4.06
CA GLY A 4 -19.36 9.56 -3.38
C GLY A 4 -19.08 9.18 -1.94
N SER A 5 -18.61 7.95 -1.73
CA SER A 5 -18.11 7.46 -0.45
C SER A 5 -16.83 8.19 -0.01
N SER A 6 -16.24 7.73 1.09
CA SER A 6 -14.97 8.27 1.62
C SER A 6 -14.07 7.17 2.21
N GLY A 7 -14.39 5.89 2.02
CA GLY A 7 -13.56 4.76 2.44
C GLY A 7 -13.67 3.62 1.45
N GLU A 8 -12.74 2.68 1.52
CA GLU A 8 -12.54 1.64 0.51
C GLU A 8 -12.11 0.31 1.15
N VAL A 9 -12.38 0.12 2.44
CA VAL A 9 -11.85 -0.97 3.24
C VAL A 9 -12.39 -2.27 2.68
N GLN A 10 -13.72 -2.40 2.65
CA GLN A 10 -14.38 -3.67 2.34
C GLN A 10 -14.34 -3.98 0.84
N LYS A 11 -14.01 -2.99 0.03
CA LYS A 11 -14.01 -3.07 -1.43
C LYS A 11 -12.97 -4.09 -1.90
N PRO A 12 -13.11 -4.64 -3.12
CA PRO A 12 -12.13 -5.58 -3.62
C PRO A 12 -10.78 -4.87 -3.79
N LEU A 13 -9.71 -5.65 -3.74
CA LEU A 13 -8.36 -5.15 -4.02
C LEU A 13 -8.28 -4.56 -5.43
N HIS A 14 -9.02 -5.11 -6.39
CA HIS A 14 -8.89 -4.71 -7.78
C HIS A 14 -9.51 -3.34 -8.10
N GLU A 15 -10.15 -2.68 -7.13
CA GLU A 15 -10.92 -1.48 -7.26
C GLU A 15 -10.28 -0.35 -6.44
N GLN A 16 -9.18 -0.65 -5.75
CA GLN A 16 -8.45 0.24 -4.86
C GLN A 16 -7.73 1.32 -5.64
N LEU A 17 -7.27 2.29 -4.86
CA LEU A 17 -6.69 3.53 -5.29
C LEU A 17 -5.18 3.34 -5.29
N TRP A 18 -4.58 3.08 -4.12
CA TRP A 18 -3.17 2.77 -3.97
C TRP A 18 -2.74 1.52 -4.76
N TYR A 19 -3.66 0.68 -5.25
CA TYR A 19 -3.28 -0.50 -6.03
C TYR A 19 -2.99 -0.04 -7.46
N HIS A 20 -1.71 0.06 -7.84
CA HIS A 20 -1.32 0.36 -9.22
C HIS A 20 -1.15 -0.90 -10.07
N GLY A 21 -0.82 -2.05 -9.48
CA GLY A 21 -0.66 -3.31 -10.14
C GLY A 21 0.82 -3.50 -10.42
N ALA A 22 1.10 -4.11 -11.54
CA ALA A 22 2.44 -4.44 -11.99
C ALA A 22 3.19 -3.18 -12.43
N ILE A 23 3.96 -2.59 -11.51
CA ILE A 23 4.84 -1.44 -11.72
C ILE A 23 6.24 -1.78 -11.13
N PRO A 24 7.33 -1.22 -11.67
CA PRO A 24 8.71 -1.42 -11.22
C PRO A 24 9.01 -0.92 -9.78
N ARG A 25 10.28 -0.70 -9.41
CA ARG A 25 10.65 0.14 -8.24
C ARG A 25 11.15 1.52 -8.63
N ALA A 26 11.42 1.76 -9.91
CA ALA A 26 12.03 2.98 -10.39
C ALA A 26 10.99 4.08 -10.65
N GLU A 27 9.71 3.73 -10.80
CA GLU A 27 8.59 4.66 -11.02
C GLU A 27 8.00 5.16 -9.69
N VAL A 28 8.16 4.40 -8.60
CA VAL A 28 7.61 4.68 -7.27
C VAL A 28 7.81 6.14 -6.93
N ALA A 29 9.06 6.60 -6.92
CA ALA A 29 9.37 7.89 -6.30
C ALA A 29 8.73 9.09 -7.00
N GLU A 30 8.23 8.93 -8.22
CA GLU A 30 7.44 9.94 -8.91
C GLU A 30 6.00 9.98 -8.39
N LEU A 31 5.45 8.80 -8.09
CA LEU A 31 4.06 8.63 -7.69
C LEU A 31 3.86 9.16 -6.29
N LEU A 32 4.86 8.90 -5.44
CA LEU A 32 4.95 9.46 -4.11
C LEU A 32 5.50 10.86 -4.22
N VAL A 33 5.25 11.70 -3.22
CA VAL A 33 5.47 13.13 -3.32
C VAL A 33 5.96 13.63 -1.97
N HIS A 34 5.23 13.28 -0.92
CA HIS A 34 5.46 13.70 0.44
C HIS A 34 5.67 12.44 1.28
N SER A 35 6.15 12.57 2.50
CA SER A 35 6.18 11.43 3.39
C SER A 35 4.75 10.89 3.56
N GLY A 36 4.60 9.58 3.61
CA GLY A 36 3.31 8.95 3.87
C GLY A 36 2.61 8.43 2.64
N ASP A 37 2.95 8.93 1.45
CA ASP A 37 2.45 8.45 0.16
C ASP A 37 2.86 7.00 0.04
N PHE A 38 1.93 6.09 -0.24
CA PHE A 38 2.25 4.73 -0.62
C PHE A 38 1.38 4.24 -1.78
N LEU A 39 1.85 3.19 -2.42
CA LEU A 39 1.11 2.36 -3.36
C LEU A 39 1.40 0.89 -3.05
N VAL A 40 0.55 0.01 -3.53
CA VAL A 40 0.74 -1.43 -3.57
C VAL A 40 0.93 -1.75 -5.05
N ARG A 41 2.01 -2.47 -5.35
CA ARG A 41 2.37 -2.92 -6.67
C ARG A 41 2.66 -4.40 -6.63
N GLU A 42 2.76 -5.07 -7.78
CA GLU A 42 3.33 -6.40 -7.82
C GLU A 42 4.85 -6.30 -7.90
N SER A 43 5.51 -7.41 -7.57
CA SER A 43 6.91 -7.66 -7.78
C SER A 43 7.17 -7.82 -9.29
N GLN A 44 8.26 -8.49 -9.66
CA GLN A 44 8.55 -8.71 -11.08
C GLN A 44 8.12 -10.12 -11.44
N GLY A 45 6.81 -10.32 -11.65
CA GLY A 45 6.24 -11.61 -12.02
C GLY A 45 6.52 -12.66 -10.95
N LYS A 46 6.40 -12.29 -9.67
CA LYS A 46 6.56 -13.22 -8.54
C LYS A 46 5.21 -13.55 -7.90
N GLN A 47 4.13 -12.95 -8.42
CA GLN A 47 2.78 -12.91 -7.86
C GLN A 47 2.77 -12.40 -6.42
N GLU A 48 3.79 -11.63 -6.03
CA GLU A 48 4.01 -11.17 -4.68
C GLU A 48 3.87 -9.66 -4.72
N TYR A 49 3.03 -9.12 -3.85
CA TYR A 49 2.83 -7.69 -3.83
C TYR A 49 3.90 -7.01 -3.00
N VAL A 50 4.10 -5.73 -3.26
CA VAL A 50 5.14 -4.90 -2.72
C VAL A 50 4.46 -3.59 -2.36
N LEU A 51 4.66 -3.17 -1.13
CA LEU A 51 4.35 -1.82 -0.72
C LEU A 51 5.52 -0.96 -1.18
N SER A 52 5.27 0.27 -1.62
CA SER A 52 6.33 1.24 -1.78
C SER A 52 5.83 2.57 -1.28
N VAL A 53 6.60 3.21 -0.38
CA VAL A 53 6.12 4.26 0.51
C VAL A 53 7.26 5.23 0.83
N LEU A 54 7.01 6.54 0.77
CA LEU A 54 8.03 7.57 0.94
C LEU A 54 8.11 7.84 2.43
N TRP A 55 9.28 7.68 3.04
CA TRP A 55 9.53 8.10 4.40
C TRP A 55 10.81 8.91 4.40
N ASP A 56 10.74 10.14 4.92
CA ASP A 56 11.81 11.16 4.98
C ASP A 56 12.76 11.09 3.78
N GLY A 57 12.20 11.34 2.59
CA GLY A 57 12.96 11.50 1.36
C GLY A 57 13.66 10.22 0.92
N LEU A 58 13.12 9.07 1.32
CA LEU A 58 13.54 7.75 0.84
C LEU A 58 12.28 6.90 0.54
N PRO A 59 11.93 6.65 -0.72
CA PRO A 59 10.91 5.68 -1.13
C PRO A 59 11.33 4.27 -0.70
N ARG A 60 10.91 3.84 0.49
CA ARG A 60 11.10 2.47 0.94
C ARG A 60 10.28 1.55 0.05
N HIS A 61 10.69 0.29 -0.03
CA HIS A 61 9.93 -0.78 -0.64
C HIS A 61 9.95 -1.93 0.35
N PHE A 62 8.80 -2.31 0.86
CA PHE A 62 8.64 -3.45 1.74
C PHE A 62 7.75 -4.42 0.99
N ILE A 63 8.16 -5.68 0.84
CA ILE A 63 7.28 -6.73 0.34
C ILE A 63 6.04 -6.73 1.24
N ILE A 64 4.85 -6.89 0.64
CA ILE A 64 3.62 -7.04 1.40
C ILE A 64 3.75 -8.30 2.26
N GLN A 65 2.91 -8.40 3.25
CA GLN A 65 2.91 -9.49 4.20
C GLN A 65 2.34 -10.74 3.52
N SER A 66 2.37 -11.88 4.20
CA SER A 66 1.78 -13.15 3.79
C SER A 66 2.28 -14.18 4.79
N LEU A 67 1.36 -14.94 5.38
CA LEU A 67 1.65 -16.01 6.33
C LEU A 67 1.05 -17.31 5.84
N ASP A 68 -0.27 -17.49 5.90
CA ASP A 68 -0.96 -18.67 5.35
C ASP A 68 -1.94 -18.15 4.31
N ASN A 69 -2.93 -17.39 4.77
CA ASN A 69 -4.07 -16.89 4.01
C ASN A 69 -4.38 -15.43 4.36
N LEU A 70 -3.46 -14.76 5.06
CA LEU A 70 -3.67 -13.44 5.65
C LEU A 70 -2.41 -12.60 5.47
N TYR A 71 -2.51 -11.32 5.78
CA TYR A 71 -1.45 -10.33 5.67
C TYR A 71 -1.33 -9.63 7.01
N ARG A 72 -0.15 -9.62 7.64
CA ARG A 72 0.11 -8.95 8.90
C ARG A 72 1.53 -8.40 8.97
N LEU A 73 1.72 -7.19 9.47
CA LEU A 73 3.01 -6.51 9.48
C LEU A 73 3.42 -6.27 10.92
N GLU A 74 2.81 -5.30 11.57
CA GLU A 74 3.00 -4.96 12.97
C GLU A 74 2.14 -5.83 13.89
N GLY A 75 0.92 -6.15 13.46
CA GLY A 75 -0.17 -6.58 14.32
C GLY A 75 -0.70 -7.93 13.87
N GLU A 76 -2.02 -8.10 13.87
CA GLU A 76 -2.67 -9.34 13.45
C GLU A 76 -3.00 -9.32 11.96
N GLY A 77 -3.57 -10.41 11.44
CA GLY A 77 -3.74 -10.62 10.01
C GLY A 77 -5.17 -10.45 9.54
N PHE A 78 -5.33 -10.05 8.27
CA PHE A 78 -6.63 -9.95 7.59
C PHE A 78 -6.60 -10.71 6.27
N PRO A 79 -7.77 -11.12 5.74
CA PRO A 79 -7.89 -11.93 4.53
C PRO A 79 -7.64 -11.15 3.25
N SER A 80 -7.53 -9.82 3.32
CA SER A 80 -7.38 -8.96 2.16
C SER A 80 -6.31 -7.94 2.54
N ILE A 81 -5.58 -7.46 1.54
CA ILE A 81 -4.65 -6.36 1.70
C ILE A 81 -5.43 -5.10 2.09
N PRO A 82 -6.54 -4.73 1.41
CA PRO A 82 -7.19 -3.45 1.65
C PRO A 82 -7.81 -3.37 3.04
N LEU A 83 -8.24 -4.51 3.57
CA LEU A 83 -8.85 -4.60 4.88
C LEU A 83 -7.82 -4.18 5.93
N LEU A 84 -6.55 -4.55 5.73
CA LEU A 84 -5.47 -4.19 6.65
C LEU A 84 -4.99 -2.76 6.40
N ILE A 85 -5.00 -2.29 5.14
CA ILE A 85 -4.56 -0.92 4.84
C ILE A 85 -5.36 0.07 5.67
N ASP A 86 -6.67 -0.11 5.86
CA ASP A 86 -7.43 0.82 6.69
C ASP A 86 -6.94 0.79 8.13
N HIS A 87 -6.69 -0.39 8.68
CA HIS A 87 -6.30 -0.55 10.07
C HIS A 87 -4.85 -0.09 10.28
N LEU A 88 -4.15 0.33 9.23
CA LEU A 88 -2.92 1.09 9.26
C LEU A 88 -3.14 2.58 8.96
N LEU A 89 -3.98 2.91 7.98
CA LEU A 89 -4.15 4.28 7.48
C LEU A 89 -5.04 5.09 8.41
N SER A 90 -5.89 4.42 9.17
CA SER A 90 -6.72 5.04 10.16
C SER A 90 -5.87 5.31 11.43
N THR A 91 -4.88 4.44 11.69
CA THR A 91 -4.24 4.31 13.00
C THR A 91 -2.88 4.99 13.00
N GLN A 92 -2.23 5.04 11.84
CA GLN A 92 -0.92 5.64 11.59
C GLN A 92 0.16 4.77 12.24
N GLN A 93 -0.03 3.45 12.15
CA GLN A 93 0.88 2.47 12.75
C GLN A 93 2.21 2.40 11.98
N PRO A 94 3.29 2.03 12.69
CA PRO A 94 4.59 1.80 12.09
C PRO A 94 4.64 0.48 11.33
N LEU A 95 5.25 0.51 10.14
CA LEU A 95 5.47 -0.65 9.29
C LEU A 95 6.59 -1.53 9.85
N THR A 96 7.71 -0.96 10.30
CA THR A 96 8.79 -1.74 10.89
C THR A 96 9.54 -0.86 11.88
N LYS A 97 10.10 -1.48 12.92
CA LYS A 97 10.97 -0.84 13.90
C LYS A 97 12.27 -0.30 13.29
N LYS A 98 12.59 -0.66 12.04
CA LYS A 98 13.77 -0.16 11.35
C LYS A 98 13.59 1.19 10.68
N SER A 99 12.35 1.64 10.46
CA SER A 99 12.12 2.89 9.73
C SER A 99 10.93 3.66 10.29
N GLY A 100 10.03 3.02 11.06
CA GLY A 100 8.85 3.64 11.66
C GLY A 100 7.97 4.34 10.62
N VAL A 101 8.01 3.88 9.37
CA VAL A 101 7.14 4.35 8.29
C VAL A 101 5.71 4.24 8.78
N VAL A 102 4.88 5.25 8.54
CA VAL A 102 3.45 5.12 8.77
C VAL A 102 2.74 5.45 7.46
N LEU A 103 1.65 4.74 7.20
CA LEU A 103 0.67 5.08 6.20
C LEU A 103 0.11 6.45 6.57
N HIS A 104 -0.12 7.30 5.57
CA HIS A 104 -0.57 8.67 5.79
C HIS A 104 -1.29 9.20 4.55
N ARG A 105 -0.92 8.75 3.34
CA ARG A 105 -1.54 9.15 2.09
C ARG A 105 -1.40 8.00 1.10
N ALA A 106 -2.28 7.91 0.10
CA ALA A 106 -2.20 6.89 -0.94
C ALA A 106 -2.05 7.60 -2.29
N VAL A 107 -1.55 6.89 -3.31
CA VAL A 107 -1.53 7.40 -4.69
C VAL A 107 -2.69 6.76 -5.45
N PRO A 108 -3.60 7.54 -6.05
CA PRO A 108 -4.79 7.01 -6.70
C PRO A 108 -4.52 6.56 -8.14
N SER A 109 -4.59 5.27 -8.40
CA SER A 109 -4.42 4.66 -9.72
C SER A 109 -5.71 4.74 -10.57
N GLY A 110 -6.84 5.13 -9.98
CA GLY A 110 -8.16 4.83 -10.53
C GLY A 110 -8.51 3.35 -10.28
N PRO A 111 -9.76 2.92 -10.55
CA PRO A 111 -10.17 1.53 -10.39
C PRO A 111 -9.61 0.62 -11.49
N SER A 112 -8.79 1.13 -12.42
CA SER A 112 -8.11 0.33 -13.41
C SER A 112 -6.98 -0.47 -12.76
N SER A 113 -6.50 -1.48 -13.49
CA SER A 113 -5.18 -2.09 -13.34
C SER A 113 -4.68 -2.37 -14.75
N GLY A 114 -3.36 -2.42 -14.93
CA GLY A 114 -2.71 -2.60 -16.21
C GLY A 114 -2.15 -1.28 -16.72
N GLY A 1 -11.51 18.52 -9.36
CA GLY A 1 -11.85 19.12 -8.07
C GLY A 1 -11.99 18.07 -7.01
N SER A 2 -11.19 18.16 -5.96
CA SER A 2 -11.05 17.04 -5.06
C SER A 2 -12.25 16.96 -4.11
N SER A 3 -12.55 15.73 -3.73
CA SER A 3 -13.52 15.33 -2.74
C SER A 3 -12.87 14.59 -1.55
N GLY A 4 -11.62 14.09 -1.73
CA GLY A 4 -10.94 13.27 -0.73
C GLY A 4 -11.42 11.81 -0.73
N SER A 5 -12.24 11.43 -1.71
CA SER A 5 -12.82 10.09 -1.86
C SER A 5 -11.76 9.00 -1.70
N SER A 6 -11.77 8.31 -0.56
CA SER A 6 -10.80 7.30 -0.16
C SER A 6 -11.47 6.32 0.79
N GLY A 7 -10.71 5.58 1.60
CA GLY A 7 -11.24 4.58 2.50
C GLY A 7 -11.55 3.33 1.69
N GLU A 8 -12.82 3.14 1.29
CA GLU A 8 -13.31 2.07 0.40
C GLU A 8 -12.74 0.69 0.75
N VAL A 9 -12.52 0.44 2.03
CA VAL A 9 -11.75 -0.64 2.59
C VAL A 9 -12.34 -1.98 2.21
N GLN A 10 -13.67 -2.04 2.21
CA GLN A 10 -14.37 -3.28 1.96
C GLN A 10 -14.43 -3.55 0.45
N LYS A 11 -14.17 -2.55 -0.41
CA LYS A 11 -14.09 -2.77 -1.86
C LYS A 11 -12.91 -3.69 -2.14
N PRO A 12 -12.93 -4.45 -3.26
CA PRO A 12 -11.86 -5.38 -3.53
C PRO A 12 -10.60 -4.62 -3.85
N LEU A 13 -9.46 -5.27 -3.56
CA LEU A 13 -8.13 -4.88 -3.98
C LEU A 13 -8.15 -4.48 -5.46
N HIS A 14 -8.79 -5.29 -6.31
CA HIS A 14 -8.76 -5.05 -7.75
C HIS A 14 -9.56 -3.82 -8.22
N GLU A 15 -10.17 -3.06 -7.30
CA GLU A 15 -10.90 -1.81 -7.55
C GLU A 15 -10.41 -0.69 -6.60
N GLN A 16 -9.31 -0.89 -5.88
CA GLN A 16 -8.71 0.13 -5.03
C GLN A 16 -8.10 1.26 -5.86
N LEU A 17 -7.53 2.29 -5.21
CA LEU A 17 -7.00 3.48 -5.86
C LEU A 17 -5.49 3.50 -5.74
N TRP A 18 -4.97 3.17 -4.55
CA TRP A 18 -3.54 2.99 -4.31
C TRP A 18 -2.95 1.76 -5.01
N TYR A 19 -3.79 0.89 -5.58
CA TYR A 19 -3.35 -0.25 -6.35
C TYR A 19 -2.96 0.26 -7.74
N HIS A 20 -1.66 0.34 -8.04
CA HIS A 20 -1.16 0.76 -9.36
C HIS A 20 -0.75 -0.44 -10.24
N GLY A 21 -0.81 -1.68 -9.73
CA GLY A 21 -0.63 -2.89 -10.51
C GLY A 21 0.78 -3.44 -10.32
N ALA A 22 1.66 -3.27 -11.31
CA ALA A 22 2.93 -3.96 -11.47
C ALA A 22 4.09 -3.04 -11.79
N ILE A 23 4.01 -1.83 -11.24
CA ILE A 23 4.89 -0.71 -11.53
C ILE A 23 6.33 -1.05 -11.11
N PRO A 24 7.37 -0.51 -11.78
CA PRO A 24 8.78 -0.70 -11.41
C PRO A 24 9.17 0.13 -10.19
N ARG A 25 10.32 -0.16 -9.56
CA ARG A 25 10.72 0.61 -8.38
C ARG A 25 10.94 2.08 -8.67
N ALA A 26 11.37 2.45 -9.88
CA ALA A 26 11.69 3.84 -10.17
C ALA A 26 10.43 4.68 -10.32
N GLU A 27 9.36 4.09 -10.86
CA GLU A 27 8.09 4.82 -11.06
C GLU A 27 7.53 5.26 -9.71
N VAL A 28 7.79 4.50 -8.64
CA VAL A 28 7.36 4.83 -7.29
C VAL A 28 7.64 6.30 -7.00
N ALA A 29 8.89 6.75 -6.99
CA ALA A 29 9.21 8.12 -6.56
C ALA A 29 8.75 9.18 -7.55
N GLU A 30 8.46 8.76 -8.78
CA GLU A 30 7.79 9.57 -9.78
C GLU A 30 6.32 9.81 -9.35
N LEU A 31 5.70 8.91 -8.57
CA LEU A 31 4.33 9.03 -8.07
C LEU A 31 4.30 9.64 -6.66
N LEU A 32 5.17 9.17 -5.75
CA LEU A 32 5.17 9.55 -4.35
C LEU A 32 6.00 10.83 -4.21
N VAL A 33 5.42 11.88 -3.64
CA VAL A 33 6.07 13.19 -3.52
C VAL A 33 5.96 13.74 -2.09
N HIS A 34 5.03 13.20 -1.29
CA HIS A 34 4.77 13.66 0.06
C HIS A 34 5.06 12.52 1.02
N SER A 35 5.69 12.82 2.15
CA SER A 35 5.99 11.88 3.20
C SER A 35 4.69 11.21 3.68
N GLY A 36 4.50 9.93 3.36
CA GLY A 36 3.32 9.16 3.68
C GLY A 36 2.57 8.63 2.46
N ASP A 37 2.83 9.15 1.25
CA ASP A 37 2.29 8.67 -0.03
C ASP A 37 2.69 7.21 -0.18
N PHE A 38 1.74 6.27 -0.22
CA PHE A 38 1.97 4.86 -0.49
C PHE A 38 1.19 4.39 -1.72
N LEU A 39 1.66 3.30 -2.33
CA LEU A 39 1.00 2.51 -3.36
C LEU A 39 1.32 1.03 -3.15
N VAL A 40 0.59 0.18 -3.87
CA VAL A 40 0.80 -1.26 -3.97
C VAL A 40 1.16 -1.53 -5.42
N ARG A 41 2.25 -2.27 -5.61
CA ARG A 41 2.79 -2.66 -6.91
C ARG A 41 3.14 -4.15 -6.87
N GLU A 42 3.57 -4.76 -7.99
CA GLU A 42 3.78 -6.20 -8.11
C GLU A 42 5.26 -6.55 -8.34
N SER A 43 5.61 -7.82 -8.13
CA SER A 43 6.92 -8.41 -8.31
C SER A 43 7.35 -8.51 -9.79
N GLN A 44 8.51 -9.16 -10.01
CA GLN A 44 9.00 -9.48 -11.35
C GLN A 44 8.65 -10.93 -11.76
N GLY A 45 7.85 -11.66 -10.97
CA GLY A 45 7.50 -13.05 -11.30
C GLY A 45 7.12 -13.95 -10.13
N LYS A 46 7.03 -13.44 -8.90
CA LYS A 46 6.75 -14.24 -7.69
C LYS A 46 5.26 -14.30 -7.36
N GLN A 47 4.43 -13.71 -8.20
CA GLN A 47 3.02 -13.46 -7.99
C GLN A 47 2.82 -12.83 -6.59
N GLU A 48 3.64 -11.83 -6.28
CA GLU A 48 3.75 -11.22 -4.97
C GLU A 48 3.69 -9.71 -5.14
N TYR A 49 2.99 -9.03 -4.24
CA TYR A 49 2.93 -7.58 -4.22
C TYR A 49 4.00 -7.00 -3.31
N VAL A 50 4.25 -5.72 -3.52
CA VAL A 50 5.24 -4.92 -2.85
C VAL A 50 4.53 -3.63 -2.47
N LEU A 51 4.83 -3.17 -1.28
CA LEU A 51 4.41 -1.89 -0.74
C LEU A 51 5.48 -0.87 -1.08
N SER A 52 5.09 0.31 -1.52
CA SER A 52 6.01 1.39 -1.85
C SER A 52 5.47 2.64 -1.20
N VAL A 53 6.18 3.18 -0.20
CA VAL A 53 5.81 4.45 0.42
C VAL A 53 6.99 5.38 0.43
N LEU A 54 6.78 6.70 0.56
CA LEU A 54 7.82 7.71 0.65
C LEU A 54 7.90 8.13 2.11
N TRP A 55 9.06 7.98 2.73
CA TRP A 55 9.25 8.31 4.14
C TRP A 55 10.50 9.15 4.18
N ASP A 56 10.36 10.42 4.57
CA ASP A 56 11.39 11.45 4.60
C ASP A 56 12.37 11.38 3.42
N GLY A 57 11.86 11.62 2.20
CA GLY A 57 12.68 11.67 1.00
C GLY A 57 13.28 10.32 0.63
N LEU A 58 12.64 9.22 1.03
CA LEU A 58 13.07 7.86 0.71
C LEU A 58 11.85 7.01 0.35
N PRO A 59 11.63 6.76 -0.94
CA PRO A 59 10.69 5.75 -1.41
C PRO A 59 11.21 4.37 -1.03
N ARG A 60 10.73 3.82 0.09
CA ARG A 60 11.09 2.51 0.57
C ARG A 60 10.66 1.41 -0.42
N HIS A 61 10.91 0.15 -0.06
CA HIS A 61 10.18 -0.99 -0.55
C HIS A 61 10.08 -1.98 0.60
N PHE A 62 8.89 -2.47 0.91
CA PHE A 62 8.72 -3.66 1.72
C PHE A 62 7.74 -4.59 1.00
N ILE A 63 8.07 -5.87 0.85
CA ILE A 63 7.16 -6.87 0.27
C ILE A 63 5.88 -6.92 1.10
N ILE A 64 4.72 -7.08 0.44
CA ILE A 64 3.47 -7.22 1.18
C ILE A 64 3.57 -8.46 2.07
N GLN A 65 2.97 -8.35 3.24
CA GLN A 65 2.89 -9.36 4.27
C GLN A 65 2.34 -10.66 3.70
N SER A 66 2.63 -11.77 4.37
CA SER A 66 2.21 -13.08 3.95
C SER A 66 2.55 -14.09 5.04
N LEU A 67 1.55 -14.85 5.48
CA LEU A 67 1.72 -16.01 6.36
C LEU A 67 1.07 -17.22 5.71
N ASP A 68 -0.25 -17.30 5.74
CA ASP A 68 -0.99 -18.49 5.34
C ASP A 68 -2.04 -18.12 4.30
N ASN A 69 -2.99 -17.28 4.72
CA ASN A 69 -3.98 -16.68 3.85
C ASN A 69 -4.41 -15.33 4.45
N LEU A 70 -3.47 -14.65 5.12
CA LEU A 70 -3.65 -13.35 5.72
C LEU A 70 -2.40 -12.52 5.49
N TYR A 71 -2.46 -11.27 5.90
CA TYR A 71 -1.42 -10.28 5.69
C TYR A 71 -1.31 -9.57 7.04
N ARG A 72 -0.16 -9.56 7.72
CA ARG A 72 0.05 -8.90 9.02
C ARG A 72 1.42 -8.23 9.11
N LEU A 73 1.53 -7.06 9.74
CA LEU A 73 2.76 -6.27 9.71
C LEU A 73 3.14 -5.67 11.06
N GLU A 74 2.16 -5.27 11.87
CA GLU A 74 2.40 -4.89 13.26
C GLU A 74 1.38 -5.60 14.13
N GLY A 75 0.11 -5.31 13.86
CA GLY A 75 -1.05 -5.87 14.51
C GLY A 75 -1.45 -7.23 13.94
N GLU A 76 -2.66 -7.69 14.27
CA GLU A 76 -3.24 -8.89 13.69
C GLU A 76 -3.39 -8.76 12.17
N GLY A 77 -3.64 -9.91 11.54
CA GLY A 77 -3.70 -10.12 10.11
C GLY A 77 -5.14 -10.17 9.61
N PHE A 78 -5.33 -9.86 8.33
CA PHE A 78 -6.66 -9.68 7.75
C PHE A 78 -6.78 -10.48 6.45
N PRO A 79 -8.01 -10.79 6.01
CA PRO A 79 -8.27 -11.58 4.81
C PRO A 79 -8.05 -10.83 3.51
N SER A 80 -7.92 -9.50 3.55
CA SER A 80 -7.72 -8.66 2.39
C SER A 80 -6.56 -7.74 2.71
N ILE A 81 -5.78 -7.38 1.70
CA ILE A 81 -4.76 -6.34 1.82
C ILE A 81 -5.45 -5.01 2.16
N PRO A 82 -6.53 -4.60 1.47
CA PRO A 82 -7.15 -3.30 1.73
C PRO A 82 -7.70 -3.17 3.15
N LEU A 83 -8.15 -4.27 3.73
CA LEU A 83 -8.61 -4.34 5.11
C LEU A 83 -7.49 -4.08 6.10
N LEU A 84 -6.30 -4.63 5.84
CA LEU A 84 -5.15 -4.45 6.72
C LEU A 84 -4.72 -3.00 6.69
N ILE A 85 -4.69 -2.43 5.48
CA ILE A 85 -4.35 -1.03 5.27
C ILE A 85 -5.21 -0.15 6.16
N ASP A 86 -6.50 -0.40 6.31
CA ASP A 86 -7.32 0.51 7.11
C ASP A 86 -6.89 0.49 8.57
N HIS A 87 -6.61 -0.71 9.11
CA HIS A 87 -6.17 -0.84 10.48
C HIS A 87 -4.71 -0.37 10.67
N LEU A 88 -4.01 0.03 9.61
CA LEU A 88 -2.73 0.75 9.67
C LEU A 88 -2.97 2.24 9.46
N LEU A 89 -3.91 2.61 8.60
CA LEU A 89 -4.13 3.99 8.18
C LEU A 89 -4.94 4.76 9.20
N SER A 90 -5.78 4.05 9.94
CA SER A 90 -6.54 4.64 11.00
C SER A 90 -5.67 4.79 12.24
N THR A 91 -4.68 3.91 12.42
CA THR A 91 -3.95 3.73 13.66
C THR A 91 -2.63 4.48 13.59
N GLN A 92 -2.02 4.52 12.39
CA GLN A 92 -0.74 5.16 12.09
C GLN A 92 0.40 4.40 12.80
N GLN A 93 0.25 3.07 12.85
CA GLN A 93 1.25 2.13 13.36
C GLN A 93 2.54 2.20 12.52
N PRO A 94 3.68 1.71 13.01
CA PRO A 94 4.86 1.47 12.19
C PRO A 94 4.76 0.20 11.35
N LEU A 95 5.50 0.14 10.25
CA LEU A 95 5.59 -1.04 9.39
C LEU A 95 6.64 -2.03 9.93
N THR A 96 7.75 -1.54 10.47
CA THR A 96 8.76 -2.37 11.08
C THR A 96 9.54 -1.52 12.06
N LYS A 97 10.02 -2.14 13.14
CA LYS A 97 11.01 -1.60 14.06
C LYS A 97 12.33 -1.21 13.40
N LYS A 98 12.56 -1.53 12.12
CA LYS A 98 13.76 -1.08 11.41
C LYS A 98 13.63 0.27 10.76
N SER A 99 12.43 0.81 10.58
CA SER A 99 12.31 2.07 9.86
C SER A 99 11.11 2.94 10.28
N GLY A 100 10.21 2.42 11.12
CA GLY A 100 9.13 3.14 11.80
C GLY A 100 8.07 3.77 10.90
N VAL A 101 8.19 3.64 9.58
CA VAL A 101 7.28 4.02 8.51
C VAL A 101 5.80 3.92 8.93
N VAL A 102 4.96 4.94 8.71
CA VAL A 102 3.52 4.85 8.98
C VAL A 102 2.71 5.34 7.77
N LEU A 103 1.62 4.64 7.41
CA LEU A 103 0.75 5.01 6.30
C LEU A 103 0.21 6.40 6.57
N HIS A 104 0.06 7.23 5.54
CA HIS A 104 -0.53 8.55 5.74
C HIS A 104 -1.30 9.04 4.52
N ARG A 105 -0.90 8.74 3.28
CA ARG A 105 -1.60 9.20 2.09
C ARG A 105 -1.57 8.13 1.00
N ALA A 106 -2.62 8.02 0.21
CA ALA A 106 -2.76 6.98 -0.81
C ALA A 106 -2.72 7.63 -2.21
N VAL A 107 -1.73 7.29 -3.04
CA VAL A 107 -1.66 7.79 -4.42
C VAL A 107 -2.84 7.23 -5.21
N PRO A 108 -3.74 8.05 -5.76
CA PRO A 108 -4.83 7.55 -6.57
C PRO A 108 -4.39 7.31 -8.01
N SER A 109 -4.30 6.04 -8.39
CA SER A 109 -4.15 5.61 -9.77
C SER A 109 -5.51 5.65 -10.49
N GLY A 110 -6.59 5.31 -9.79
CA GLY A 110 -7.94 5.18 -10.32
C GLY A 110 -8.33 3.71 -10.52
N PRO A 111 -9.61 3.43 -10.80
CA PRO A 111 -10.20 2.11 -10.68
C PRO A 111 -9.89 1.09 -11.80
N SER A 112 -9.14 1.43 -12.84
CA SER A 112 -8.66 0.42 -13.80
C SER A 112 -7.19 0.63 -14.09
N SER A 113 -6.51 -0.43 -14.54
CA SER A 113 -5.06 -0.55 -14.64
C SER A 113 -4.70 -1.30 -15.92
N GLY A 114 -3.41 -1.37 -16.26
CA GLY A 114 -2.95 -1.87 -17.54
C GLY A 114 -3.40 -0.94 -18.64
#